data_4CNY
# 
_entry.id   4CNY 
# 
_audit_conform.dict_name       mmcif_pdbx.dic 
_audit_conform.dict_version    5.383 
_audit_conform.dict_location   http://mmcif.pdb.org/dictionaries/ascii/mmcif_pdbx.dic 
# 
loop_
_database_2.database_id 
_database_2.database_code 
_database_2.pdbx_database_accession 
_database_2.pdbx_DOI 
PDB   4CNY         pdb_00004cny 10.2210/pdb4cny/pdb 
PDBE  EBI-59573    ?            ?                   
WWPDB D_1290059573 ?            ?                   
# 
loop_
_pdbx_database_related.db_name 
_pdbx_database_related.db_id 
_pdbx_database_related.content_type 
_pdbx_database_related.details 
PDB 4CNZ unspecified 'STRUCTURE OF PII SIGNALING PROTEIN GLNZ FROM AZOSPIRILLUM BRASILENSE IN COMPLEX WITH ADENOSINE DIPHOSPHATE'  
PDB 4CO0 unspecified 'STRUCTURE OF PII SIGNALING PROTEIN GLNZ FROM AZOSPIRILLUM BRASILENSE IN COMPLEX WITH ADENOSINE DIPHOSPHATE'  
PDB 4CO1 unspecified 'STRUCTURE OF PII SIGNALING PROTEIN GLNZ FROM AZOSPIRILLUM BRASILENSE IN COMPLEX WITH ADENOSINE DIPHOSPHATE'  
PDB 4CO2 unspecified 'STRUCTURE OF PII SIGNALING PROTEIN GLNZ FROM AZOSPIRILLUM BRASILENSE IN COMPLEX WITH ADENOSINE DIPHOSPHATE'  
PDB 4CO3 unspecified 'STRUCTURE OF PII SIGNALING PROTEIN GLNZ FROM AZOSPIRILLUM BRASILENSE IN COMPLEX WITH ADENOSINE TRIPHOSPHATE' 
PDB 4CO4 unspecified 'STRUCTURE OF PII SIGNALING PROTEIN GLNZ FROM AZOSPIRILLUM BRASILENSE IN COMPLEX WITH ADENOSINE TRIPHOSPHATE' 
PDB 4CO5 unspecified 'STRUCTURE OF PII SIGNALING PROTEIN GLNZ FROM AZOSPIRILLUM BRASILENSE IN COMPLEX WITH TARTRATE'               
PDB 3MHY unspecified .                                                                                                             
# 
_pdbx_database_status.status_code                     REL 
_pdbx_database_status.entry_id                        4CNY 
_pdbx_database_status.deposit_site                    PDBE 
_pdbx_database_status.process_site                    PDBE 
_pdbx_database_status.SG_entry                        . 
_pdbx_database_status.recvd_initial_deposition_date   2014-01-25 
_pdbx_database_status.pdb_format_compatible           Y 
_pdbx_database_status.status_code_sf                  REL 
_pdbx_database_status.status_code_mr                  ? 
_pdbx_database_status.status_code_cs                  ? 
_pdbx_database_status.methods_development_category    ? 
_pdbx_database_status.status_code_nmr_data            ? 
# 
loop_
_audit_author.name 
_audit_author.pdbx_ordinal 
'Truan, D.'     1 
'Li, X.-D.'     2 
'Winkler, F.K.' 3 
# 
_citation.id                        primary 
_citation.title                     
;Structure and Thermodynamics of Effector Molecule Binding to the Nitrogen Signal Transduction Pii Protein Glnz from Azospirillum Brasilense.
;
_citation.journal_abbrev            J.Mol.Biol. 
_citation.journal_volume            426 
_citation.page_first                2783 
_citation.page_last                 ? 
_citation.year                      2014 
_citation.journal_id_ASTM           JMOBAK 
_citation.country                   UK 
_citation.journal_id_ISSN           0022-2836 
_citation.journal_id_CSD            0070 
_citation.book_publisher            ? 
_citation.pdbx_database_id_PubMed   24846646 
_citation.pdbx_database_id_DOI      10.1016/J.JMB.2014.05.008 
# 
loop_
_citation_author.citation_id 
_citation_author.name 
_citation_author.ordinal 
_citation_author.identifier_ORCID 
primary 'Truan, D.'     1 ? 
primary 'Bjelic, S.'    2 ? 
primary 'Li, X.'        3 ? 
primary 'Winkler, F.K.' 4 ? 
# 
_cell.entry_id           4CNY 
_cell.length_a           87.630 
_cell.length_b           87.630 
_cell.length_c           87.630 
_cell.angle_alpha        90.00 
_cell.angle_beta         90.00 
_cell.angle_gamma        90.00 
_cell.Z_PDB              24 
_cell.pdbx_unique_axis   ? 
# 
_symmetry.entry_id                         4CNY 
_symmetry.space_group_name_H-M             'I 2 3' 
_symmetry.pdbx_full_space_group_name_H-M   ? 
_symmetry.cell_setting                     ? 
_symmetry.Int_Tables_number                197 
# 
loop_
_entity.id 
_entity.type 
_entity.src_method 
_entity.pdbx_description 
_entity.formula_weight 
_entity.pdbx_number_of_molecules 
_entity.pdbx_ec 
_entity.pdbx_mutation 
_entity.pdbx_fragment 
_entity.details 
1 polymer     nat 'PII-LIKE PROTEIN PZ' 12287.109 1   ? ? ? ? 
2 non-polymer syn 'PHOSPHATE ION'       94.971    3   ? ? ? ? 
3 water       nat water                 18.015    177 ? ? ? ? 
# 
_entity_poly.entity_id                      1 
_entity_poly.type                           'polypeptide(L)' 
_entity_poly.nstd_linkage                   no 
_entity_poly.nstd_monomer                   no 
_entity_poly.pdbx_seq_one_letter_code       
;MKLVMAIIKPFKLDEVREALTSLGIQGLTVSEVKGFGRQKGQTEIYRGAEYSVSFLPKVKVEVAVSDDQYEQVVEAIQKA
ANTGRIGDGKIFVLDIAQAVRIRTGETNTEAL
;
_entity_poly.pdbx_seq_one_letter_code_can   
;MKLVMAIIKPFKLDEVREALTSLGIQGLTVSEVKGFGRQKGQTEIYRGAEYSVSFLPKVKVEVAVSDDQYEQVVEAIQKA
ANTGRIGDGKIFVLDIAQAVRIRTGETNTEAL
;
_entity_poly.pdbx_strand_id                 A 
_entity_poly.pdbx_target_identifier         ? 
# 
loop_
_entity_poly_seq.entity_id 
_entity_poly_seq.num 
_entity_poly_seq.mon_id 
_entity_poly_seq.hetero 
1 1   MET n 
1 2   LYS n 
1 3   LEU n 
1 4   VAL n 
1 5   MET n 
1 6   ALA n 
1 7   ILE n 
1 8   ILE n 
1 9   LYS n 
1 10  PRO n 
1 11  PHE n 
1 12  LYS n 
1 13  LEU n 
1 14  ASP n 
1 15  GLU n 
1 16  VAL n 
1 17  ARG n 
1 18  GLU n 
1 19  ALA n 
1 20  LEU n 
1 21  THR n 
1 22  SER n 
1 23  LEU n 
1 24  GLY n 
1 25  ILE n 
1 26  GLN n 
1 27  GLY n 
1 28  LEU n 
1 29  THR n 
1 30  VAL n 
1 31  SER n 
1 32  GLU n 
1 33  VAL n 
1 34  LYS n 
1 35  GLY n 
1 36  PHE n 
1 37  GLY n 
1 38  ARG n 
1 39  GLN n 
1 40  LYS n 
1 41  GLY n 
1 42  GLN n 
1 43  THR n 
1 44  GLU n 
1 45  ILE n 
1 46  TYR n 
1 47  ARG n 
1 48  GLY n 
1 49  ALA n 
1 50  GLU n 
1 51  TYR n 
1 52  SER n 
1 53  VAL n 
1 54  SER n 
1 55  PHE n 
1 56  LEU n 
1 57  PRO n 
1 58  LYS n 
1 59  VAL n 
1 60  LYS n 
1 61  VAL n 
1 62  GLU n 
1 63  VAL n 
1 64  ALA n 
1 65  VAL n 
1 66  SER n 
1 67  ASP n 
1 68  ASP n 
1 69  GLN n 
1 70  TYR n 
1 71  GLU n 
1 72  GLN n 
1 73  VAL n 
1 74  VAL n 
1 75  GLU n 
1 76  ALA n 
1 77  ILE n 
1 78  GLN n 
1 79  LYS n 
1 80  ALA n 
1 81  ALA n 
1 82  ASN n 
1 83  THR n 
1 84  GLY n 
1 85  ARG n 
1 86  ILE n 
1 87  GLY n 
1 88  ASP n 
1 89  GLY n 
1 90  LYS n 
1 91  ILE n 
1 92  PHE n 
1 93  VAL n 
1 94  LEU n 
1 95  ASP n 
1 96  ILE n 
1 97  ALA n 
1 98  GLN n 
1 99  ALA n 
1 100 VAL n 
1 101 ARG n 
1 102 ILE n 
1 103 ARG n 
1 104 THR n 
1 105 GLY n 
1 106 GLU n 
1 107 THR n 
1 108 ASN n 
1 109 THR n 
1 110 GLU n 
1 111 ALA n 
1 112 LEU n 
# 
_entity_src_nat.entity_id                  1 
_entity_src_nat.pdbx_src_id                1 
_entity_src_nat.pdbx_alt_source_flag       sample 
_entity_src_nat.pdbx_beg_seq_num           ? 
_entity_src_nat.pdbx_end_seq_num           ? 
_entity_src_nat.common_name                ? 
_entity_src_nat.pdbx_organism_scientific   'AZOSPIRILLUM BRASILENSE' 
_entity_src_nat.pdbx_ncbi_taxonomy_id      192 
_entity_src_nat.genus                      ? 
_entity_src_nat.species                    ? 
_entity_src_nat.strain                     ? 
_entity_src_nat.tissue                     ? 
_entity_src_nat.tissue_fraction            ? 
_entity_src_nat.pdbx_secretion             ? 
_entity_src_nat.pdbx_fragment              ? 
_entity_src_nat.pdbx_variant               ? 
_entity_src_nat.pdbx_cell_line             ? 
_entity_src_nat.pdbx_atcc                  ? 
_entity_src_nat.pdbx_cellular_location     ? 
_entity_src_nat.pdbx_organ                 ? 
_entity_src_nat.pdbx_organelle             ? 
_entity_src_nat.pdbx_cell                  ? 
_entity_src_nat.pdbx_plasmid_name          ? 
_entity_src_nat.pdbx_plasmid_details       ? 
_entity_src_nat.details                    ? 
# 
_struct_ref.id                         1 
_struct_ref.db_name                    UNP 
_struct_ref.db_code                    P70731_AZOBR 
_struct_ref.entity_id                  1 
_struct_ref.pdbx_seq_one_letter_code   ? 
_struct_ref.pdbx_align_begin           ? 
_struct_ref.pdbx_db_accession          P70731 
_struct_ref.pdbx_db_isoform            ? 
# 
_struct_ref_seq.align_id                      1 
_struct_ref_seq.ref_id                        1 
_struct_ref_seq.pdbx_PDB_id_code              4CNY 
_struct_ref_seq.pdbx_strand_id                A 
_struct_ref_seq.seq_align_beg                 1 
_struct_ref_seq.pdbx_seq_align_beg_ins_code   ? 
_struct_ref_seq.seq_align_end                 112 
_struct_ref_seq.pdbx_seq_align_end_ins_code   ? 
_struct_ref_seq.pdbx_db_accession             P70731 
_struct_ref_seq.db_align_beg                  1 
_struct_ref_seq.pdbx_db_align_beg_ins_code    ? 
_struct_ref_seq.db_align_end                  112 
_struct_ref_seq.pdbx_db_align_end_ins_code    ? 
_struct_ref_seq.pdbx_auth_seq_align_beg       1 
_struct_ref_seq.pdbx_auth_seq_align_end       112 
# 
loop_
_chem_comp.id 
_chem_comp.type 
_chem_comp.mon_nstd_flag 
_chem_comp.name 
_chem_comp.pdbx_synonyms 
_chem_comp.formula 
_chem_comp.formula_weight 
ALA 'L-peptide linking' y ALANINE         ? 'C3 H7 N O2'     89.093  
ARG 'L-peptide linking' y ARGININE        ? 'C6 H15 N4 O2 1' 175.209 
ASN 'L-peptide linking' y ASPARAGINE      ? 'C4 H8 N2 O3'    132.118 
ASP 'L-peptide linking' y 'ASPARTIC ACID' ? 'C4 H7 N O4'     133.103 
GLN 'L-peptide linking' y GLUTAMINE       ? 'C5 H10 N2 O3'   146.144 
GLU 'L-peptide linking' y 'GLUTAMIC ACID' ? 'C5 H9 N O4'     147.129 
GLY 'peptide linking'   y GLYCINE         ? 'C2 H5 N O2'     75.067  
HOH non-polymer         . WATER           ? 'H2 O'           18.015  
ILE 'L-peptide linking' y ISOLEUCINE      ? 'C6 H13 N O2'    131.173 
LEU 'L-peptide linking' y LEUCINE         ? 'C6 H13 N O2'    131.173 
LYS 'L-peptide linking' y LYSINE          ? 'C6 H15 N2 O2 1' 147.195 
MET 'L-peptide linking' y METHIONINE      ? 'C5 H11 N O2 S'  149.211 
PHE 'L-peptide linking' y PHENYLALANINE   ? 'C9 H11 N O2'    165.189 
PO4 non-polymer         . 'PHOSPHATE ION' ? 'O4 P -3'        94.971  
PRO 'L-peptide linking' y PROLINE         ? 'C5 H9 N O2'     115.130 
SER 'L-peptide linking' y SERINE          ? 'C3 H7 N O3'     105.093 
THR 'L-peptide linking' y THREONINE       ? 'C4 H9 N O3'     119.119 
TYR 'L-peptide linking' y TYROSINE        ? 'C9 H11 N O3'    181.189 
VAL 'L-peptide linking' y VALINE          ? 'C5 H11 N O2'    117.146 
# 
_exptl.entry_id          4CNY 
_exptl.method            'X-RAY DIFFRACTION' 
_exptl.crystals_number   1 
# 
_exptl_crystal.id                    1 
_exptl_crystal.density_meas          ? 
_exptl_crystal.density_Matthews      2.3 
_exptl_crystal.density_percent_sol   46 
_exptl_crystal.description           NONE 
_exptl_crystal.preparation           ? 
# 
_exptl_crystal_grow.crystal_id      1 
_exptl_crystal_grow.method          'VAPOR DIFFUSION, SITTING DROP' 
_exptl_crystal_grow.temp            293 
_exptl_crystal_grow.temp_details    ? 
_exptl_crystal_grow.pH              7.5 
_exptl_crystal_grow.pdbx_pH_range   ? 
_exptl_crystal_grow.pdbx_details    '0.4 M AMMONIUM PHOSPHATE, VAPOR DIFFUSION, SITTING DROP, TEMPERATURE 293K, pH 7.5' 
# 
_diffrn.id                               1 
_diffrn.ambient_temp                     100 
_diffrn.ambient_temp_details             ? 
_diffrn.crystal_id                       1 
_diffrn.pdbx_serial_crystal_experiment   ? 
# 
_diffrn_detector.diffrn_id              1 
_diffrn_detector.detector               PIXEL 
_diffrn_detector.type                   'DECTRIS PILATUS 6M' 
_diffrn_detector.pdbx_collection_date   2008-05-21 
_diffrn_detector.details                'DYNAMICALLY BENDABLE MIRROR' 
# 
_diffrn_radiation.diffrn_id                        1 
_diffrn_radiation.wavelength_id                    1 
_diffrn_radiation.pdbx_monochromatic_or_laue_m_l   M 
_diffrn_radiation.monochromator                    'LN2 COOLED FIXED-EXIT SI(111)' 
_diffrn_radiation.pdbx_diffrn_protocol             'SINGLE WAVELENGTH' 
_diffrn_radiation.pdbx_scattering_type             x-ray 
# 
_diffrn_radiation_wavelength.id           1 
_diffrn_radiation_wavelength.wavelength   0.9999 
_diffrn_radiation_wavelength.wt           1.0 
# 
_diffrn_source.diffrn_id                   1 
_diffrn_source.source                      SYNCHROTRON 
_diffrn_source.type                        'SLS BEAMLINE X06SA' 
_diffrn_source.pdbx_synchrotron_site       SLS 
_diffrn_source.pdbx_synchrotron_beamline   X06SA 
_diffrn_source.pdbx_wavelength             0.9999 
_diffrn_source.pdbx_wavelength_list        ? 
# 
_reflns.pdbx_diffrn_id               1 
_reflns.pdbx_ordinal                 1 
_reflns.entry_id                     4CNY 
_reflns.observed_criterion_sigma_I   2.0 
_reflns.observed_criterion_sigma_F   ? 
_reflns.d_resolution_low             35.78 
_reflns.d_resolution_high            1.10 
_reflns.number_obs                   44969 
_reflns.number_all                   ? 
_reflns.percent_possible_obs         99.1 
_reflns.pdbx_Rmerge_I_obs            0.08 
_reflns.pdbx_Rsym_value              ? 
_reflns.pdbx_netI_over_sigmaI        11.80 
_reflns.B_iso_Wilson_estimate        12.07 
_reflns.pdbx_redundancy              5.59 
# 
_reflns_shell.pdbx_diffrn_id         1 
_reflns_shell.pdbx_ordinal           1 
_reflns_shell.d_res_high             1.10 
_reflns_shell.d_res_low              1.20 
_reflns_shell.percent_possible_all   96.7 
_reflns_shell.Rmerge_I_obs           0.43 
_reflns_shell.pdbx_Rsym_value        ? 
_reflns_shell.meanI_over_sigI_obs    3.00 
_reflns_shell.pdbx_redundancy        3.72 
# 
_refine.pdbx_refine_id                           'X-RAY DIFFRACTION' 
_refine.entry_id                                 4CNY 
_refine.pdbx_diffrn_id                           1 
_refine.pdbx_TLS_residual_ADP_flag               ? 
_refine.ls_number_reflns_obs                     34977 
_refine.ls_number_reflns_all                     ? 
_refine.pdbx_ls_sigma_I                          ? 
_refine.pdbx_ls_sigma_F                          1.99 
_refine.pdbx_data_cutoff_high_absF               ? 
_refine.pdbx_data_cutoff_low_absF                ? 
_refine.pdbx_data_cutoff_high_rms_absF           ? 
_refine.ls_d_res_low                             35.775 
_refine.ls_d_res_high                            1.200 
_refine.ls_percent_reflns_obs                    99.80 
_refine.ls_R_factor_obs                          0.1483 
_refine.ls_R_factor_all                          ? 
_refine.ls_R_factor_R_work                       0.1470 
_refine.ls_R_factor_R_free                       0.1710 
_refine.ls_R_factor_R_free_error                 ? 
_refine.ls_R_factor_R_free_error_details         ? 
_refine.ls_percent_reflns_R_free                 5.7 
_refine.ls_number_reflns_R_free                  2001 
_refine.ls_number_parameters                     ? 
_refine.ls_number_restraints                     ? 
_refine.occupancy_min                            ? 
_refine.occupancy_max                            ? 
_refine.correlation_coeff_Fo_to_Fc               ? 
_refine.correlation_coeff_Fo_to_Fc_free          ? 
_refine.B_iso_mean                               14.5 
_refine.aniso_B[1][1]                            -0.9709 
_refine.aniso_B[2][2]                            -0.9709 
_refine.aniso_B[3][3]                            -0.9709 
_refine.aniso_B[1][2]                            0.0000 
_refine.aniso_B[1][3]                            0.0000 
_refine.aniso_B[2][3]                            0.0000 
_refine.solvent_model_details                    'FLAT BULK SOLVENT MODEL' 
_refine.solvent_model_param_ksol                 0.354 
_refine.solvent_model_param_bsol                 56.208 
_refine.pdbx_solvent_vdw_probe_radii             1.11 
_refine.pdbx_solvent_ion_probe_radii             ? 
_refine.pdbx_solvent_shrinkage_radii             0.90 
_refine.pdbx_ls_cross_valid_method               ? 
_refine.details                                  ? 
_refine.pdbx_starting_model                      'PDB ENTRY 1GNK' 
_refine.pdbx_method_to_determine_struct          'MOLECULAR REPLACEMENT' 
_refine.pdbx_isotropic_thermal_model             ? 
_refine.pdbx_stereochemistry_target_values       ML 
_refine.pdbx_stereochem_target_val_spec_case     ? 
_refine.pdbx_R_Free_selection_details            ? 
_refine.pdbx_overall_ESU_R                       ? 
_refine.pdbx_overall_ESU_R_Free                  ? 
_refine.overall_SU_ML                            0.27 
_refine.pdbx_overall_phase_error                 12.84 
_refine.overall_SU_B                             ? 
_refine.overall_SU_R_Cruickshank_DPI             ? 
_refine.pdbx_overall_SU_R_free_Cruickshank_DPI   ? 
_refine.pdbx_overall_SU_R_Blow_DPI               ? 
_refine.pdbx_overall_SU_R_free_Blow_DPI          ? 
# 
_refine_hist.pdbx_refine_id                   'X-RAY DIFFRACTION' 
_refine_hist.cycle_id                         LAST 
_refine_hist.pdbx_number_atoms_protein        711 
_refine_hist.pdbx_number_atoms_nucleic_acid   0 
_refine_hist.pdbx_number_atoms_ligand         15 
_refine_hist.number_atoms_solvent             177 
_refine_hist.number_atoms_total               903 
_refine_hist.d_res_high                       1.200 
_refine_hist.d_res_low                        35.775 
# 
loop_
_refine_ls_restr.type 
_refine_ls_restr.dev_ideal 
_refine_ls_restr.dev_ideal_target 
_refine_ls_restr.weight 
_refine_ls_restr.number 
_refine_ls_restr.pdbx_refine_id 
_refine_ls_restr.pdbx_restraint_function 
f_bond_d           0.006  ? ? 734 'X-RAY DIFFRACTION' ? 
f_angle_d          1.163  ? ? 988 'X-RAY DIFFRACTION' ? 
f_dihedral_angle_d 12.414 ? ? 272 'X-RAY DIFFRACTION' ? 
f_chiral_restr     0.066  ? ? 120 'X-RAY DIFFRACTION' ? 
f_plane_restr      0.005  ? ? 122 'X-RAY DIFFRACTION' ? 
# 
loop_
_refine_ls_shell.pdbx_refine_id 
_refine_ls_shell.pdbx_total_number_of_bins_used 
_refine_ls_shell.d_res_high 
_refine_ls_shell.d_res_low 
_refine_ls_shell.number_reflns_R_work 
_refine_ls_shell.R_factor_R_work 
_refine_ls_shell.percent_reflns_obs 
_refine_ls_shell.R_factor_R_free 
_refine_ls_shell.R_factor_R_free_error 
_refine_ls_shell.percent_reflns_R_free 
_refine_ls_shell.number_reflns_R_free 
_refine_ls_shell.number_reflns_all 
_refine_ls_shell.R_factor_all 
'X-RAY DIFFRACTION' . 1.2001 1.2301  2323 0.1532 100.00 0.1567 . . 142 . . 
'X-RAY DIFFRACTION' . 1.2301 1.2633  2362 0.1647 100.00 0.2027 . . 143 . . 
'X-RAY DIFFRACTION' . 1.2633 1.3005  2310 0.1540 100.00 0.1742 . . 142 . . 
'X-RAY DIFFRACTION' . 1.3005 1.3425  2354 0.1331 100.00 0.1609 . . 142 . . 
'X-RAY DIFFRACTION' . 1.3425 1.3905  2344 0.1344 100.00 0.1546 . . 144 . . 
'X-RAY DIFFRACTION' . 1.3905 1.4462  2323 0.1233 100.00 0.1516 . . 145 . . 
'X-RAY DIFFRACTION' . 1.4462 1.5120  2358 0.1094 100.00 0.1393 . . 143 . . 
'X-RAY DIFFRACTION' . 1.5120 1.5917  2338 0.1042 100.00 0.1424 . . 141 . . 
'X-RAY DIFFRACTION' . 1.5917 1.6914  2361 0.1094 100.00 0.1430 . . 144 . . 
'X-RAY DIFFRACTION' . 1.6914 1.8220  2349 0.1199 100.00 0.1431 . . 138 . . 
'X-RAY DIFFRACTION' . 1.8220 2.0053  2365 0.1286 100.00 0.1853 . . 144 . . 
'X-RAY DIFFRACTION' . 2.0053 2.2955  2361 0.1499 100.00 0.1762 . . 139 . . 
'X-RAY DIFFRACTION' . 2.2955 2.8919  2370 0.1588 100.00 0.1945 . . 144 . . 
'X-RAY DIFFRACTION' . 2.8919 35.7907 2458 0.1725 100.00 0.1749 . . 150 . . 
# 
_struct.entry_id                  4CNY 
_struct.title                     'Structure of PII signaling protein GlnZ from Azospirillum brasilense' 
_struct.pdbx_model_details        ? 
_struct.pdbx_CASP_flag            ? 
_struct.pdbx_model_type_details   ? 
# 
_struct_keywords.entry_id        4CNY 
_struct_keywords.pdbx_keywords   'SIGNALING PROTEIN' 
_struct_keywords.text            'SIGNALING PROTEIN, GLNK-LIKE' 
# 
loop_
_struct_asym.id 
_struct_asym.pdbx_blank_PDB_chainid_flag 
_struct_asym.pdbx_modified 
_struct_asym.entity_id 
_struct_asym.details 
A N N 1 ? 
B N N 2 ? 
C N N 2 ? 
D N N 2 ? 
E N N 3 ? 
# 
loop_
_struct_conf.conf_type_id 
_struct_conf.id 
_struct_conf.pdbx_PDB_helix_id 
_struct_conf.beg_label_comp_id 
_struct_conf.beg_label_asym_id 
_struct_conf.beg_label_seq_id 
_struct_conf.pdbx_beg_PDB_ins_code 
_struct_conf.end_label_comp_id 
_struct_conf.end_label_asym_id 
_struct_conf.end_label_seq_id 
_struct_conf.pdbx_end_PDB_ins_code 
_struct_conf.beg_auth_comp_id 
_struct_conf.beg_auth_asym_id 
_struct_conf.beg_auth_seq_id 
_struct_conf.end_auth_comp_id 
_struct_conf.end_auth_asym_id 
_struct_conf.end_auth_seq_id 
_struct_conf.pdbx_PDB_helix_class 
_struct_conf.details 
_struct_conf.pdbx_PDB_helix_length 
HELX_P HELX_P1 1 LYS A 9  ? PHE A 11 ? LYS A 9  PHE A 11 5 ? 3  
HELX_P HELX_P2 2 LYS A 12 ? GLY A 24 ? LYS A 12 GLY A 24 1 ? 13 
HELX_P HELX_P3 3 GLN A 69 ? ASN A 82 ? GLN A 69 ASN A 82 1 ? 14 
# 
_struct_conf_type.id          HELX_P 
_struct_conf_type.criteria    ? 
_struct_conf_type.reference   ? 
# 
_struct_sheet.id               AA 
_struct_sheet.type             ? 
_struct_sheet.number_strands   4 
_struct_sheet.details          ? 
# 
loop_
_struct_sheet_order.sheet_id 
_struct_sheet_order.range_id_1 
_struct_sheet_order.range_id_2 
_struct_sheet_order.offset 
_struct_sheet_order.sense 
AA 1 2 ? anti-parallel 
AA 2 3 ? anti-parallel 
AA 3 4 ? anti-parallel 
# 
loop_
_struct_sheet_range.sheet_id 
_struct_sheet_range.id 
_struct_sheet_range.beg_label_comp_id 
_struct_sheet_range.beg_label_asym_id 
_struct_sheet_range.beg_label_seq_id 
_struct_sheet_range.pdbx_beg_PDB_ins_code 
_struct_sheet_range.end_label_comp_id 
_struct_sheet_range.end_label_asym_id 
_struct_sheet_range.end_label_seq_id 
_struct_sheet_range.pdbx_end_PDB_ins_code 
_struct_sheet_range.beg_auth_comp_id 
_struct_sheet_range.beg_auth_asym_id 
_struct_sheet_range.beg_auth_seq_id 
_struct_sheet_range.end_auth_comp_id 
_struct_sheet_range.end_auth_asym_id 
_struct_sheet_range.end_auth_seq_id 
AA 1 THR A 29 ? PHE A 36 ? THR A 29 PHE A 36 
AA 2 PHE A 55 ? VAL A 65 ? PHE A 55 VAL A 65 
AA 3 LYS A 2  ? ILE A 8  ? LYS A 2  ILE A 8  
AA 4 ILE A 91 ? ASP A 95 ? ILE A 91 ASP A 95 
# 
loop_
_pdbx_struct_sheet_hbond.sheet_id 
_pdbx_struct_sheet_hbond.range_id_1 
_pdbx_struct_sheet_hbond.range_id_2 
_pdbx_struct_sheet_hbond.range_1_label_atom_id 
_pdbx_struct_sheet_hbond.range_1_label_comp_id 
_pdbx_struct_sheet_hbond.range_1_label_asym_id 
_pdbx_struct_sheet_hbond.range_1_label_seq_id 
_pdbx_struct_sheet_hbond.range_1_PDB_ins_code 
_pdbx_struct_sheet_hbond.range_1_auth_atom_id 
_pdbx_struct_sheet_hbond.range_1_auth_comp_id 
_pdbx_struct_sheet_hbond.range_1_auth_asym_id 
_pdbx_struct_sheet_hbond.range_1_auth_seq_id 
_pdbx_struct_sheet_hbond.range_2_label_atom_id 
_pdbx_struct_sheet_hbond.range_2_label_comp_id 
_pdbx_struct_sheet_hbond.range_2_label_asym_id 
_pdbx_struct_sheet_hbond.range_2_label_seq_id 
_pdbx_struct_sheet_hbond.range_2_PDB_ins_code 
_pdbx_struct_sheet_hbond.range_2_auth_atom_id 
_pdbx_struct_sheet_hbond.range_2_auth_comp_id 
_pdbx_struct_sheet_hbond.range_2_auth_asym_id 
_pdbx_struct_sheet_hbond.range_2_auth_seq_id 
AA 1 2 N GLY A 35 ? N GLY A 35 O LEU A 56 ? O LEU A 56 
AA 2 3 N VAL A 65 ? N VAL A 65 O LYS A 2  ? O LYS A 2  
AA 3 4 N MET A 5  ? N MET A 5  O PHE A 92 ? O PHE A 92 
# 
loop_
_struct_site.id 
_struct_site.pdbx_evidence_code 
_struct_site.pdbx_auth_asym_id 
_struct_site.pdbx_auth_comp_id 
_struct_site.pdbx_auth_seq_id 
_struct_site.pdbx_auth_ins_code 
_struct_site.pdbx_num_residues 
_struct_site.details 
AC1 Software A PO4 1111 ? 9  'BINDING SITE FOR RESIDUE PO4 A 1111' 
AC2 Software A PO4 1112 ? 11 'BINDING SITE FOR RESIDUE PO4 A 1112' 
AC3 Software A PO4 1113 ? 6  'BINDING SITE FOR RESIDUE PO4 A 1113' 
# 
loop_
_struct_site_gen.id 
_struct_site_gen.site_id 
_struct_site_gen.pdbx_num_res 
_struct_site_gen.label_comp_id 
_struct_site_gen.label_asym_id 
_struct_site_gen.label_seq_id 
_struct_site_gen.pdbx_auth_ins_code 
_struct_site_gen.auth_comp_id 
_struct_site_gen.auth_asym_id 
_struct_site_gen.auth_seq_id 
_struct_site_gen.label_atom_id 
_struct_site_gen.label_alt_id 
_struct_site_gen.symmetry 
_struct_site_gen.details 
1  AC1 9  LYS A 60 ? LYS A 60   . ? 9_555 ? 
2  AC1 9  LYS A 60 ? LYS A 60   . ? 1_555 ? 
3  AC1 9  LYS A 60 ? LYS A 60   . ? 5_555 ? 
4  AC1 9  GLU A 62 ? GLU A 62   . ? 9_555 ? 
5  AC1 9  GLU A 62 ? GLU A 62   . ? 5_555 ? 
6  AC1 9  GLU A 62 ? GLU A 62   . ? 1_555 ? 
7  AC1 9  HOH E .  ? HOH A 2175 . ? 9_555 ? 
8  AC1 9  HOH E .  ? HOH A 2175 . ? 5_555 ? 
9  AC1 9  HOH E .  ? HOH A 2175 . ? 1_555 ? 
10 AC2 11 SER A 31 ? SER A 31   . ? 5_555 ? 
11 AC2 11 SER A 31 ? SER A 31   . ? 9_555 ? 
12 AC2 11 SER A 31 ? SER A 31   . ? 1_555 ? 
13 AC2 11 VAL A 33 ? VAL A 33   . ? 5_555 ? 
14 AC2 11 VAL A 33 ? VAL A 33   . ? 9_555 ? 
15 AC2 11 LYS A 60 ? LYS A 60   . ? 9_555 ? 
16 AC2 11 LYS A 60 ? LYS A 60   . ? 1_555 ? 
17 AC2 11 LYS A 60 ? LYS A 60   . ? 5_555 ? 
18 AC2 11 HOH E .  ? HOH A 2081 . ? 9_555 ? 
19 AC2 11 HOH E .  ? HOH A 2081 . ? 1_555 ? 
20 AC2 11 HOH E .  ? HOH A 2081 . ? 5_555 ? 
21 AC3 6  LYS A 9  ? LYS A 9    . ? 1_555 ? 
22 AC3 6  PHE A 11 ? PHE A 11   . ? 1_555 ? 
23 AC3 6  ARG A 85 ? ARG A 85   . ? 1_555 ? 
24 AC3 6  HOH E .  ? HOH A 2145 . ? 1_555 ? 
25 AC3 6  HOH E .  ? HOH A 2176 . ? 1_555 ? 
26 AC3 6  HOH E .  ? HOH A 2177 . ? 1_555 ? 
# 
_atom_sites.entry_id                    4CNY 
_atom_sites.fract_transf_matrix[1][1]   -0.00355150 
_atom_sites.fract_transf_matrix[1][2]   -0.00421795 
_atom_sites.fract_transf_matrix[1][3]   -0.00999147 
_atom_sites.fract_transf_matrix[2][1]   -0.00076060 
_atom_sites.fract_transf_matrix[2][2]   -0.01039080 
_atom_sites.fract_transf_matrix[2][3]   0.00465689 
_atom_sites.fract_transf_matrix[3][1]   -0.01081860 
_atom_sites.fract_transf_matrix[3][2]   0.00211518 
_atom_sites.fract_transf_matrix[3][3]   0.00295257 
_atom_sites.fract_transf_vector[1]      0.343407 
_atom_sites.fract_transf_vector[2]      0.202682 
_atom_sites.fract_transf_vector[3]      0.177676 
# 
loop_
_atom_type.symbol 
C 
N 
O 
P 
S 
# 
loop_
_atom_site.group_PDB 
_atom_site.id 
_atom_site.type_symbol 
_atom_site.label_atom_id 
_atom_site.label_alt_id 
_atom_site.label_comp_id 
_atom_site.label_asym_id 
_atom_site.label_entity_id 
_atom_site.label_seq_id 
_atom_site.pdbx_PDB_ins_code 
_atom_site.Cartn_x 
_atom_site.Cartn_y 
_atom_site.Cartn_z 
_atom_site.occupancy 
_atom_site.B_iso_or_equiv 
_atom_site.pdbx_formal_charge 
_atom_site.auth_seq_id 
_atom_site.auth_comp_id 
_atom_site.auth_asym_id 
_atom_site.auth_atom_id 
_atom_site.pdbx_PDB_model_num 
ATOM   1   N N   . MET A 1 1   ? 12.916  1.872   6.255   1.00 20.58 ? 1    MET A N   1 
ATOM   2   C CA  A MET A 1 1   ? 11.610  1.349   5.854   0.45 18.56 ? 1    MET A CA  1 
ATOM   3   C CA  B MET A 1 1   ? 11.632  1.369   5.773   0.55 16.47 ? 1    MET A CA  1 
ATOM   4   C C   . MET A 1 1   ? 10.507  2.403   5.925   1.00 14.41 ? 1    MET A C   1 
ATOM   5   O O   . MET A 1 1   ? 10.519  3.259   6.823   1.00 15.01 ? 1    MET A O   1 
ATOM   6   C CB  A MET A 1 1   ? 11.201  0.189   6.763   0.45 21.77 ? 1    MET A CB  1 
ATOM   7   C CB  B MET A 1 1   ? 11.229  0.060   6.483   0.55 16.29 ? 1    MET A CB  1 
ATOM   8   C CG  A MET A 1 1   ? 12.276  -0.837  7.042   0.45 26.06 ? 1    MET A CG  1 
ATOM   9   C CG  B MET A 1 1   ? 12.209  -1.121  6.399   0.55 19.04 ? 1    MET A CG  1 
ATOM   10  S SD  A MET A 1 1   ? 11.851  -2.446  6.365   0.45 28.64 ? 1    MET A SD  1 
ATOM   11  S SD  B MET A 1 1   ? 12.300  -2.033  4.835   0.55 18.25 ? 1    MET A SD  1 
ATOM   12  C CE  A MET A 1 1   ? 10.077  -2.411  6.564   0.45 27.40 ? 1    MET A CE  1 
ATOM   13  C CE  B MET A 1 1   ? 10.632  -2.651  4.682   0.55 18.67 ? 1    MET A CE  1 
ATOM   14  N N   . LYS A 1 2   ? 9.538   2.307   5.022   1.00 11.53 ? 2    LYS A N   1 
ATOM   15  C CA  . LYS A 1 2   ? 8.339   3.135   5.049   1.00 10.56 ? 2    LYS A CA  1 
ATOM   16  C C   . LYS A 1 2   ? 7.125   2.231   4.999   1.00 8.99  ? 2    LYS A C   1 
ATOM   17  O O   . LYS A 1 2   ? 7.139   1.207   4.328   1.00 10.90 ? 2    LYS A O   1 
ATOM   18  C CB  . LYS A 1 2   ? 8.284   4.038   3.819   1.00 12.89 ? 2    LYS A CB  1 
ATOM   19  C CG  . LYS A 1 2   ? 9.494   4.928   3.627   1.00 17.26 ? 2    LYS A CG  1 
ATOM   20  C CD  . LYS A 1 2   ? 9.455   6.127   4.547   1.00 20.12 ? 2    LYS A CD  1 
ATOM   21  C CE  . LYS A 1 2   ? 10.621  7.067   4.267   1.00 24.90 ? 2    LYS A CE  1 
ATOM   22  N NZ  . LYS A 1 2   ? 11.562  7.091   5.410   1.00 26.50 ? 2    LYS A NZ  1 
ATOM   23  N N   . LEU A 1 3   ? 6.059   2.633   5.684   1.00 8.46  ? 3    LEU A N   1 
ATOM   24  C CA  . LEU A 1 3   ? 4.767   1.986   5.533   1.00 8.68  ? 3    LEU A CA  1 
ATOM   25  C C   . LEU A 1 3   ? 3.978   2.758   4.491   1.00 8.61  ? 3    LEU A C   1 
ATOM   26  O O   . LEU A 1 3   ? 3.735   3.957   4.647   1.00 10.39 ? 3    LEU A O   1 
ATOM   27  C CB  . LEU A 1 3   ? 4.017   1.997   6.859   1.00 10.18 ? 3    LEU A CB  1 
ATOM   28  C CG  . LEU A 1 3   ? 2.673   1.266   6.848   1.00 12.47 ? 3    LEU A CG  1 
ATOM   29  C CD1 . LEU A 1 3   ? 2.904   -0.228  6.678   1.00 15.83 ? 3    LEU A CD1 1 
ATOM   30  C CD2 . LEU A 1 3   ? 1.898   1.557   8.114   1.00 15.45 ? 3    LEU A CD2 1 
ATOM   31  N N   . VAL A 1 4   ? 3.608   2.080   3.413   1.00 8.14  ? 4    VAL A N   1 
ATOM   32  C CA  . VAL A 1 4   ? 2.765   2.680   2.383   1.00 8.71  ? 4    VAL A CA  1 
ATOM   33  C C   . VAL A 1 4   ? 1.358   2.133   2.564   1.00 8.65  ? 4    VAL A C   1 
ATOM   34  O O   . VAL A 1 4   ? 1.152   0.922   2.523   1.00 10.34 ? 4    VAL A O   1 
ATOM   35  C CB  . VAL A 1 4   ? 3.305   2.395   0.974   1.00 9.71  ? 4    VAL A CB  1 
ATOM   36  C CG1 . VAL A 1 4   ? 2.396   3.015   -0.084  1.00 10.97 ? 4    VAL A CG1 1 
ATOM   37  C CG2 . VAL A 1 4   ? 4.737   2.916   0.849   1.00 11.39 ? 4    VAL A CG2 1 
ATOM   38  N N   . MET A 1 5   ? 0.406   3.030   2.798   1.00 8.25  ? 5    MET A N   1 
ATOM   39  C CA  . MET A 1 5   ? -0.986  2.672   3.038   1.00 9.39  ? 5    MET A CA  1 
ATOM   40  C C   . MET A 1 5   ? -1.829  3.372   1.988   1.00 9.72  ? 5    MET A C   1 
ATOM   41  O O   . MET A 1 5   ? -1.637  4.549   1.731   1.00 14.19 ? 5    MET A O   1 
ATOM   42  C CB  . MET A 1 5   ? -1.400  3.168   4.424   1.00 13.06 ? 5    MET A CB  1 
ATOM   43  C CG  . MET A 1 5   ? -2.878  2.956   4.804   1.00 17.20 ? 5    MET A CG  1 
ATOM   44  S SD  . MET A 1 5   ? -3.378  3.985   6.212   1.00 20.73 ? 5    MET A SD  1 
ATOM   45  C CE  . MET A 1 5   ? -1.696  4.198   6.819   1.00 16.76 ? 5    MET A CE  1 
ATOM   46  N N   . ALA A 1 6   ? -2.767  2.665   1.381   1.00 9.34  ? 6    ALA A N   1 
ATOM   47  C CA  . ALA A 1 6   ? -3.650  3.302   0.419   1.00 11.12 ? 6    ALA A CA  1 
ATOM   48  C C   . ALA A 1 6   ? -5.073  2.845   0.662   1.00 9.54  ? 6    ALA A C   1 
ATOM   49  O O   . ALA A 1 6   ? -5.315  1.674   0.978   1.00 10.19 ? 6    ALA A O   1 
ATOM   50  C CB  . ALA A 1 6   ? -3.227  2.995   -1.001  1.00 13.66 ? 6    ALA A CB  1 
ATOM   51  N N   . ILE A 1 7   ? -6.007  3.783   0.520   1.00 9.04  ? 7    ILE A N   1 
ATOM   52  C CA  . ILE A 1 7   ? -7.424  3.491   0.648   1.00 9.55  ? 7    ILE A CA  1 
ATOM   53  C C   . ILE A 1 7   ? -8.011  3.614   -0.749  1.00 8.81  ? 7    ILE A C   1 
ATOM   54  O O   . ILE A 1 7   ? -8.119  4.716   -1.285  1.00 10.73 ? 7    ILE A O   1 
ATOM   55  C CB  . ILE A 1 7   ? -8.133  4.473   1.611   1.00 11.40 ? 7    ILE A CB  1 
ATOM   56  C CG1 . ILE A 1 7   ? -7.404  4.540   2.956   1.00 13.78 ? 7    ILE A CG1 1 
ATOM   57  C CG2 . ILE A 1 7   ? -9.587  4.066   1.778   1.00 13.84 ? 7    ILE A CG2 1 
ATOM   58  C CD1 . ILE A 1 7   ? -7.332  3.216   3.681   1.00 14.21 ? 7    ILE A CD1 1 
ATOM   59  N N   . ILE A 1 8   ? -8.369  2.478   -1.342  1.00 8.84  ? 8    ILE A N   1 
ATOM   60  C CA  . ILE A 1 8   ? -8.708  2.427   -2.757  1.00 8.79  ? 8    ILE A CA  1 
ATOM   61  C C   . ILE A 1 8   ? -10.112 1.902   -2.995  1.00 9.28  ? 8    ILE A C   1 
ATOM   62  O O   . ILE A 1 8   ? -10.725 1.257   -2.134  1.00 9.67  ? 8    ILE A O   1 
ATOM   63  C CB  . ILE A 1 8   ? -7.689  1.558   -3.541  1.00 9.18  ? 8    ILE A CB  1 
ATOM   64  C CG1 . ILE A 1 8   ? -7.826  0.070   -3.168  1.00 9.28  ? 8    ILE A CG1 1 
ATOM   65  C CG2 . ILE A 1 8   ? -6.268  2.074   -3.314  1.00 10.40 ? 8    ILE A CG2 1 
ATOM   66  C CD1 . ILE A 1 8   ? -6.937  -0.872  -3.967  1.00 10.46 ? 8    ILE A CD1 1 
ATOM   67  N N   . LYS A 1 9   ? -10.615 2.168   -4.190  1.00 9.33  ? 9    LYS A N   1 
ATOM   68  C CA  . LYS A 1 9   ? -11.862 1.560   -4.625  1.00 10.51 ? 9    LYS A CA  1 
ATOM   69  C C   . LYS A 1 9   ? -11.664 0.047   -4.724  1.00 9.39  ? 9    LYS A C   1 
ATOM   70  O O   . LYS A 1 9   ? -10.654 -0.408  -5.261  1.00 9.59  ? 9    LYS A O   1 
ATOM   71  C CB  . LYS A 1 9   ? -12.297 2.160   -5.963  1.00 11.46 ? 9    LYS A CB  1 
ATOM   72  C CG  . LYS A 1 9   ? -12.776 3.596   -5.798  1.00 12.55 ? 9    LYS A CG  1 
ATOM   73  C CD  . LYS A 1 9   ? -13.000 4.325   -7.109  1.00 13.45 ? 9    LYS A CD  1 
ATOM   74  C CE  . LYS A 1 9   ? -13.668 5.671   -6.838  1.00 13.69 ? 9    LYS A CE  1 
ATOM   75  N NZ  . LYS A 1 9   ? -13.607 6.617   -7.986  1.00 15.10 ? 9    LYS A NZ  1 
ATOM   76  N N   . PRO A 1 10  ? -12.624 -0.745  -4.216  1.00 10.08 ? 10   PRO A N   1 
ATOM   77  C CA  . PRO A 1 10  ? -12.376 -2.195  -4.168  1.00 10.95 ? 10   PRO A CA  1 
ATOM   78  C C   . PRO A 1 10  ? -12.110 -2.826  -5.539  1.00 10.53 ? 10   PRO A C   1 
ATOM   79  O O   . PRO A 1 10  ? -11.313 -3.762  -5.632  1.00 11.01 ? 10   PRO A O   1 
ATOM   80  C CB  . PRO A 1 10  ? -13.654 -2.743  -3.531  1.00 12.78 ? 10   PRO A CB  1 
ATOM   81  C CG  . PRO A 1 10  ? -14.126 -1.616  -2.654  1.00 14.03 ? 10   PRO A CG  1 
ATOM   82  C CD  . PRO A 1 10  ? -13.834 -0.371  -3.461  1.00 11.84 ? 10   PRO A CD  1 
ATOM   83  N N   . PHE A 1 11  ? -12.724 -2.293  -6.590  1.00 10.34 ? 11   PHE A N   1 
ATOM   84  C CA  . PHE A 1 11  ? -12.548 -2.853  -7.919  1.00 11.74 ? 11   PHE A CA  1 
ATOM   85  C C   . PHE A 1 11  ? -11.201 -2.510  -8.542  1.00 12.68 ? 11   PHE A C   1 
ATOM   86  O O   . PHE A 1 11  ? -10.954 -2.880  -9.684  1.00 18.07 ? 11   PHE A O   1 
ATOM   87  C CB  . PHE A 1 11  ? -13.698 -2.465  -8.858  1.00 13.91 ? 11   PHE A CB  1 
ATOM   88  C CG  . PHE A 1 11  ? -13.805 -0.987  -9.134  1.00 19.93 ? 11   PHE A CG  1 
ATOM   89  C CD1 . PHE A 1 11  ? -13.093 -0.399  -10.168 1.00 24.46 ? 11   PHE A CD1 1 
ATOM   90  C CD2 . PHE A 1 11  ? -14.650 -0.194  -8.382  1.00 22.06 ? 11   PHE A CD2 1 
ATOM   91  C CE1 . PHE A 1 11  ? -13.211 0.962   -10.427 1.00 25.13 ? 11   PHE A CE1 1 
ATOM   92  C CE2 . PHE A 1 11  ? -14.778 1.163   -8.641  1.00 24.27 ? 11   PHE A CE2 1 
ATOM   93  C CZ  . PHE A 1 11  ? -14.054 1.737   -9.660  1.00 25.08 ? 11   PHE A CZ  1 
ATOM   94  N N   . LYS A 1 12  ? -10.339 -1.810  -7.810  1.00 9.75  ? 12   LYS A N   1 
ATOM   95  C CA  . LYS A 1 12  ? -8.985  -1.574  -8.284  1.00 10.05 ? 12   LYS A CA  1 
ATOM   96  C C   . LYS A 1 12  ? -7.945  -2.446  -7.583  1.00 9.46  ? 12   LYS A C   1 
ATOM   97  O O   . LYS A 1 12  ? -6.760  -2.362  -7.900  1.00 9.83  ? 12   LYS A O   1 
ATOM   98  C CB  . LYS A 1 12  ? -8.610  -0.097  -8.139  1.00 11.42 ? 12   LYS A CB  1 
ATOM   99  C CG  . LYS A 1 12  ? -9.326  0.827   -9.120  1.00 13.06 ? 12   LYS A CG  1 
ATOM   100 C CD  . LYS A 1 12  ? -8.968  0.459   -10.564 1.00 15.80 ? 12   LYS A CD  1 
ATOM   101 C CE  . LYS A 1 12  ? -9.374  1.543   -11.547 1.00 19.59 ? 12   LYS A CE  1 
ATOM   102 N NZ  . LYS A 1 12  ? -9.015  1.187   -12.950 1.00 22.10 ? 12   LYS A NZ  1 
ATOM   103 N N   . LEU A 1 13  ? -8.372  -3.300  -6.654  1.00 9.52  ? 13   LEU A N   1 
ATOM   104 C CA  . LEU A 1 13  ? -7.412  -4.126  -5.929  1.00 10.11 ? 13   LEU A CA  1 
ATOM   105 C C   . LEU A 1 13  ? -6.578  -4.995  -6.870  1.00 9.61  ? 13   LEU A C   1 
ATOM   106 O O   . LEU A 1 13  ? -5.367  -5.107  -6.708  1.00 9.32  ? 13   LEU A O   1 
ATOM   107 C CB  . LEU A 1 13  ? -8.106  -4.995  -4.882  1.00 10.58 ? 13   LEU A CB  1 
ATOM   108 C CG  . LEU A 1 13  ? -7.185  -5.961  -4.126  1.00 11.00 ? 13   LEU A CG  1 
ATOM   109 C CD1 . LEU A 1 13  ? -6.036  -5.238  -3.423  1.00 12.02 ? 13   LEU A CD1 1 
ATOM   110 C CD2 . LEU A 1 13  ? -7.961  -6.830  -3.154  1.00 12.66 ? 13   LEU A CD2 1 
ATOM   111 N N   . ASP A 1 14  ? -7.208  -5.611  -7.865  1.00 9.91  ? 14   ASP A N   1 
ATOM   112 C CA  . ASP A 1 14  ? -6.459  -6.541  -8.712  1.00 10.53 ? 14   ASP A CA  1 
ATOM   113 C C   . ASP A 1 14  ? -5.425  -5.827  -9.574  1.00 9.41  ? 14   ASP A C   1 
ATOM   114 O O   . ASP A 1 14  ? -4.349  -6.356  -9.833  1.00 10.08 ? 14   ASP A O   1 
ATOM   115 C CB  . ASP A 1 14  ? -7.400  -7.403  -9.547  1.00 12.29 ? 14   ASP A CB  1 
ATOM   116 C CG  . ASP A 1 14  ? -8.282  -8.273  -8.686  1.00 13.84 ? 14   ASP A CG  1 
ATOM   117 O OD1 . ASP A 1 14  ? -7.912  -8.509  -7.513  1.00 14.79 ? 14   ASP A OD1 1 
ATOM   118 O OD2 . ASP A 1 14  ? -9.343  -8.706  -9.174  1.00 15.97 ? 14   ASP A OD2 1 
ATOM   119 N N   . GLU A 1 15  ? -5.740  -4.610  -9.996  1.00 9.71  ? 15   GLU A N   1 
ATOM   120 C CA  . GLU A 1 15  ? -4.795  -3.792  -10.738 1.00 10.48 ? 15   GLU A CA  1 
ATOM   121 C C   . GLU A 1 15  ? -3.598  -3.403  -9.853  1.00 9.47  ? 15   GLU A C   1 
ATOM   122 O O   . GLU A 1 15  ? -2.441  -3.422  -10.294 1.00 10.27 ? 15   GLU A O   1 
ATOM   123 C CB  . GLU A 1 15  ? -5.504  -2.545  -11.258 1.00 12.63 ? 15   GLU A CB  1 
ATOM   124 C CG  . GLU A 1 15  ? -6.456  -2.776  -12.443 1.00 17.18 ? 15   GLU A CG  1 
ATOM   125 C CD  . GLU A 1 15  ? -7.821  -3.419  -12.101 1.00 18.50 ? 15   GLU A CD  1 
ATOM   126 O OE1 . GLU A 1 15  ? -8.165  -3.647  -10.909 1.00 17.23 ? 15   GLU A OE1 1 
ATOM   127 O OE2 . GLU A 1 15  ? -8.571  -3.690  -13.064 1.00 21.55 ? 15   GLU A OE2 1 
ATOM   128 N N   . VAL A 1 16  ? -3.872  -3.045  -8.602  1.00 9.68  ? 16   VAL A N   1 
ATOM   129 C CA  . VAL A 1 16  ? -2.823  -2.716  -7.650  1.00 9.87  ? 16   VAL A CA  1 
ATOM   130 C C   . VAL A 1 16  ? -1.950  -3.941  -7.375  1.00 9.17  ? 16   VAL A C   1 
ATOM   131 O O   . VAL A 1 16  ? -0.714  -3.842  -7.357  1.00 10.21 ? 16   VAL A O   1 
ATOM   132 C CB  . VAL A 1 16  ? -3.423  -2.127  -6.358  1.00 9.56  ? 16   VAL A CB  1 
ATOM   133 C CG1 . VAL A 1 16  ? -2.376  -2.069  -5.258  1.00 11.28 ? 16   VAL A CG1 1 
ATOM   134 C CG2 . VAL A 1 16  ? -4.015  -0.746  -6.644  1.00 11.06 ? 16   VAL A CG2 1 
ATOM   135 N N   . ARG A 1 17  ? -2.582  -5.098  -7.181  1.00 9.35  ? 17   ARG A N   1 
ATOM   136 C CA  . ARG A 1 17  ? -1.830  -6.335  -6.993  1.00 9.99  ? 17   ARG A CA  1 
ATOM   137 C C   . ARG A 1 17  ? -0.896  -6.600  -8.163  1.00 9.77  ? 17   ARG A C   1 
ATOM   138 O O   . ARG A 1 17  ? 0.267   -6.947  -7.970  1.00 10.70 ? 17   ARG A O   1 
ATOM   139 C CB  . ARG A 1 17  ? -2.766  -7.528  -6.827  1.00 9.97  ? 17   ARG A CB  1 
ATOM   140 C CG  . ARG A 1 17  ? -3.513  -7.571  -5.507  1.00 10.27 ? 17   ARG A CG  1 
ATOM   141 C CD  . ARG A 1 17  ? -4.645  -8.600  -5.540  1.00 11.14 ? 17   ARG A CD  1 
ATOM   142 N NE  . ARG A 1 17  ? -4.149  -9.949  -5.804  1.00 12.40 ? 17   ARG A NE  1 
ATOM   143 C CZ  . ARG A 1 17  ? -4.860  -10.917 -6.385  1.00 13.33 ? 17   ARG A CZ  1 
ATOM   144 N NH1 . ARG A 1 17  ? -6.109  -10.703 -6.793  1.00 15.19 ? 17   ARG A NH1 1 
ATOM   145 N NH2 . ARG A 1 17  ? -4.316  -12.110 -6.545  1.00 15.29 ? 17   ARG A NH2 1 
ATOM   146 N N   . GLU A 1 18  ? -1.411  -6.468  -9.383  1.00 10.36 ? 18   GLU A N   1 
ATOM   147 C CA  . GLU A 1 18  ? -0.592  -6.726  -10.559 1.00 11.29 ? 18   GLU A CA  1 
ATOM   148 C C   . GLU A 1 18  ? 0.616   -5.792  -10.588 1.00 11.14 ? 18   GLU A C   1 
ATOM   149 O O   . GLU A 1 18  ? 1.736   -6.216  -10.877 1.00 12.00 ? 18   GLU A O   1 
ATOM   150 C CB  . GLU A 1 18  ? -1.409  -6.577  -11.846 1.00 12.71 ? 18   GLU A CB  1 
ATOM   151 C CG  . GLU A 1 18  ? -0.553  -6.765  -13.086 1.00 16.19 ? 18   GLU A CG  1 
ATOM   152 C CD  . GLU A 1 18  ? -1.291  -6.538  -14.388 1.00 19.93 ? 18   GLU A CD  1 
ATOM   153 O OE1 . GLU A 1 18  ? -2.516  -6.758  -14.438 1.00 22.17 ? 18   GLU A OE1 1 
ATOM   154 O OE2 . GLU A 1 18  ? -0.635  -6.136  -15.374 1.00 22.70 ? 18   GLU A OE2 1 
ATOM   155 N N   . ALA A 1 19  ? 0.392   -4.516  -10.286 1.00 11.16 ? 19   ALA A N   1 
ATOM   156 C CA  . ALA A 1 19  ? 1.472   -3.537  -10.317 1.00 12.10 ? 19   ALA A CA  1 
ATOM   157 C C   . ALA A 1 19  ? 2.551   -3.866  -9.284  1.00 11.42 ? 19   ALA A C   1 
ATOM   158 O O   . ALA A 1 19  ? 3.745   -3.790  -9.572  1.00 12.73 ? 19   ALA A O   1 
ATOM   159 C CB  . ALA A 1 19  ? 0.921   -2.136  -10.101 1.00 13.72 ? 19   ALA A CB  1 
ATOM   160 N N   . LEU A 1 20  ? 2.138   -4.232  -8.075  1.00 10.94 ? 20   LEU A N   1 
ATOM   161 C CA  . LEU A 1 20  ? 3.093   -4.552  -7.021  1.00 11.40 ? 20   LEU A CA  1 
ATOM   162 C C   . LEU A 1 20  ? 3.844   -5.846  -7.306  1.00 10.65 ? 20   LEU A C   1 
ATOM   163 O O   . LEU A 1 20  ? 5.056   -5.936  -7.110  1.00 12.33 ? 20   LEU A O   1 
ATOM   164 C CB  . LEU A 1 20  ? 2.395   -4.614  -5.663  1.00 12.00 ? 20   LEU A CB  1 
ATOM   165 C CG  . LEU A 1 20  ? 1.840   -3.282  -5.173  1.00 14.00 ? 20   LEU A CG  1 
ATOM   166 C CD1 . LEU A 1 20  ? 1.057   -3.503  -3.894  1.00 16.70 ? 20   LEU A CD1 1 
ATOM   167 C CD2 . LEU A 1 20  ? 2.971   -2.285  -4.962  1.00 16.96 ? 20   LEU A CD2 1 
ATOM   168 N N   . THR A 1 21  ? 3.129   -6.846  -7.803  1.00 10.79 ? 21   THR A N   1 
ATOM   169 C CA  . THR A 1 21  ? 3.762   -8.110  -8.153  1.00 11.80 ? 21   THR A CA  1 
ATOM   170 C C   . THR A 1 21  ? 4.797   -7.906  -9.253  1.00 12.32 ? 21   THR A C   1 
ATOM   171 O O   . THR A 1 21  ? 5.900   -8.452  -9.198  1.00 13.72 ? 21   THR A O   1 
ATOM   172 C CB  . THR A 1 21  ? 2.704   -9.134  -8.554  1.00 12.00 ? 21   THR A CB  1 
ATOM   173 O OG1 . THR A 1 21  ? 1.896   -9.390  -7.403  1.00 12.65 ? 21   THR A OG1 1 
ATOM   174 C CG2 . THR A 1 21  ? 3.341   -10.431 -9.054  1.00 14.10 ? 21   THR A CG2 1 
ATOM   175 N N   . SER A 1 22  ? 4.448   -7.102  -10.248 1.00 12.90 ? 22   SER A N   1 
ATOM   176 C CA  . SER A 1 22  ? 5.364   -6.835  -11.349 1.00 14.48 ? 22   SER A CA  1 
ATOM   177 C C   . SER A 1 22  ? 6.640   -6.125  -10.892 1.00 14.80 ? 22   SER A C   1 
ATOM   178 O O   . SER A 1 22  ? 7.699   -6.296  -11.489 1.00 17.61 ? 22   SER A O   1 
ATOM   179 C CB  . SER A 1 22  ? 4.647   -6.024  -12.421 1.00 15.94 ? 22   SER A CB  1 
ATOM   180 O OG  . SER A 1 22  ? 3.641   -6.804  -13.041 1.00 18.74 ? 22   SER A OG  1 
ATOM   181 N N   . LEU A 1 23  ? 6.530   -5.348  -9.821  1.00 14.48 ? 23   LEU A N   1 
ATOM   182 C CA  . LEU A 1 23  ? 7.660   -4.625  -9.248  1.00 15.59 ? 23   LEU A CA  1 
ATOM   183 C C   . LEU A 1 23  ? 8.450   -5.493  -8.262  1.00 15.58 ? 23   LEU A C   1 
ATOM   184 O O   . LEU A 1 23  ? 9.507   -5.094  -7.786  1.00 16.81 ? 23   LEU A O   1 
ATOM   185 C CB  . LEU A 1 23  ? 7.133   -3.366  -8.549  1.00 17.45 ? 23   LEU A CB  1 
ATOM   186 C CG  . LEU A 1 23  ? 8.052   -2.253  -8.046  1.00 21.08 ? 23   LEU A CG  1 
ATOM   187 C CD1 . LEU A 1 23  ? 8.895   -1.695  -9.182  1.00 24.51 ? 23   LEU A CD1 1 
ATOM   188 C CD2 . LEU A 1 23  ? 7.218   -1.151  -7.397  1.00 22.25 ? 23   LEU A CD2 1 
ATOM   189 N N   . GLY A 1 24  ? 7.938   -6.682  -7.953  1.00 14.82 ? 24   GLY A N   1 
ATOM   190 C CA  . GLY A 1 24  ? 8.615   -7.587  -7.041  1.00 15.94 ? 24   GLY A CA  1 
ATOM   191 C C   . GLY A 1 24  ? 8.421   -7.229  -5.581  1.00 16.49 ? 24   GLY A C   1 
ATOM   192 O O   . GLY A 1 24  ? 9.230   -7.603  -4.729  1.00 18.96 ? 24   GLY A O   1 
ATOM   193 N N   . ILE A 1 25  ? 7.343   -6.513  -5.282  1.00 13.86 ? 25   ILE A N   1 
ATOM   194 C CA  . ILE A 1 25  ? 7.075   -6.111  -3.913  1.00 14.55 ? 25   ILE A CA  1 
ATOM   195 C C   . ILE A 1 25  ? 6.356   -7.227  -3.177  1.00 16.32 ? 25   ILE A C   1 
ATOM   196 O O   . ILE A 1 25  ? 5.368   -7.759  -3.671  1.00 20.06 ? 25   ILE A O   1 
ATOM   197 C CB  . ILE A 1 25  ? 6.209   -4.844  -3.871  1.00 15.82 ? 25   ILE A CB  1 
ATOM   198 C CG1 . ILE A 1 25  ? 6.878   -3.700  -4.639  1.00 16.22 ? 25   ILE A CG1 1 
ATOM   199 C CG2 . ILE A 1 25  ? 5.916   -4.437  -2.433  1.00 18.26 ? 25   ILE A CG2 1 
ATOM   200 C CD1 . ILE A 1 25  ? 8.260   -3.332  -4.124  1.00 17.15 ? 25   ILE A CD1 1 
ATOM   201 N N   . GLN A 1 26  ? 6.866   -7.591  -2.003  1.00 16.69 ? 26   GLN A N   1 
ATOM   202 C CA  . GLN A 1 26  ? 6.241   -8.617  -1.176  1.00 17.95 ? 26   GLN A CA  1 
ATOM   203 C C   . GLN A 1 26  ? 5.607   -8.006  0.071   1.00 16.77 ? 26   GLN A C   1 
ATOM   204 O O   . GLN A 1 26  ? 5.874   -6.857  0.418   1.00 19.54 ? 26   GLN A O   1 
ATOM   205 C CB  . GLN A 1 26  ? 7.272   -9.673  -0.769  1.00 21.58 ? 26   GLN A CB  1 
ATOM   206 C CG  . GLN A 1 26  ? 7.963   -10.354 -1.938  1.00 24.32 ? 26   GLN A CG  1 
ATOM   207 N N   . GLY A 1 27  ? 4.762   -8.780  0.736   1.00 16.56 ? 27   GLY A N   1 
ATOM   208 C CA  . GLY A 1 27  ? 4.200   -8.373  2.008   1.00 15.96 ? 27   GLY A CA  1 
ATOM   209 C C   . GLY A 1 27  ? 2.940   -7.539  1.927   1.00 14.41 ? 27   GLY A C   1 
ATOM   210 O O   . GLY A 1 27  ? 2.577   -6.876  2.892   1.00 15.71 ? 27   GLY A O   1 
ATOM   211 N N   . LEU A 1 28  ? 2.249   -7.579  0.794   1.00 12.95 ? 28   LEU A N   1 
ATOM   212 C CA  . LEU A 1 28  ? 0.996   -6.837  0.660   1.00 12.38 ? 28   LEU A CA  1 
ATOM   213 C C   . LEU A 1 28  ? -0.043  -7.376  1.634   1.00 10.80 ? 28   LEU A C   1 
ATOM   214 O O   . LEU A 1 28  ? -0.323  -8.575  1.660   1.00 12.08 ? 28   LEU A O   1 
ATOM   215 C CB  . LEU A 1 28  ? 0.466   -6.944  -0.765  1.00 13.33 ? 28   LEU A CB  1 
ATOM   216 C CG  . LEU A 1 28  ? -0.933  -6.386  -0.995  1.00 13.74 ? 28   LEU A CG  1 
ATOM   217 C CD1 . LEU A 1 28  ? -0.981  -4.890  -0.757  1.00 15.55 ? 28   LEU A CD1 1 
ATOM   218 C CD2 . LEU A 1 28  ? -1.393  -6.716  -2.399  1.00 16.16 ? 28   LEU A CD2 1 
ATOM   219 N N   . THR A 1 29  ? -0.600  -6.477  2.432   1.00 10.27 ? 29   THR A N   1 
ATOM   220 C CA  . THR A 1 29  ? -1.574  -6.820  3.443   1.00 11.45 ? 29   THR A CA  1 
ATOM   221 C C   . THR A 1 29  ? -2.830  -6.004  3.165   1.00 10.82 ? 29   THR A C   1 
ATOM   222 O O   . THR A 1 29  ? -2.762  -4.790  2.994   1.00 13.04 ? 29   THR A O   1 
ATOM   223 C CB  . THR A 1 29  ? -0.968  -6.529  4.822   1.00 15.40 ? 29   THR A CB  1 
ATOM   224 O OG1 . THR A 1 29  ? 0.268   -7.251  4.955   1.00 18.95 ? 29   THR A OG1 1 
ATOM   225 C CG2 . THR A 1 29  ? -1.899  -6.933  5.921   1.00 18.16 ? 29   THR A CG2 1 
ATOM   226 N N   . VAL A 1 30  ? -3.965  -6.684  3.096   1.00 10.17 ? 30   VAL A N   1 
ATOM   227 C CA  . VAL A 1 30  ? -5.210  -6.100  2.636   1.00 10.52 ? 30   VAL A CA  1 
ATOM   228 C C   . VAL A 1 30  ? -6.301  -6.259  3.678   1.00 10.34 ? 30   VAL A C   1 
ATOM   229 O O   . VAL A 1 30  ? -6.448  -7.318  4.282   1.00 11.02 ? 30   VAL A O   1 
ATOM   230 C CB  . VAL A 1 30  ? -5.647  -6.780  1.317   1.00 12.73 ? 30   VAL A CB  1 
ATOM   231 C CG1 . VAL A 1 30  ? -7.053  -6.371  0.914   1.00 16.18 ? 30   VAL A CG1 1 
ATOM   232 C CG2 . VAL A 1 30  ? -4.654  -6.475  0.205   1.00 15.28 ? 30   VAL A CG2 1 
ATOM   233 N N   . SER A 1 31  ? -7.072  -5.201  3.880   1.00 11.64 ? 31   SER A N   1 
ATOM   234 C CA  . SER A 1 31  ? -8.272  -5.307  4.685   1.00 13.64 ? 31   SER A CA  1 
ATOM   235 C C   . SER A 1 31  ? -9.404  -4.491  4.088   1.00 11.81 ? 31   SER A C   1 
ATOM   236 O O   . SER A 1 31  ? -9.187  -3.624  3.254   1.00 12.54 ? 31   SER A O   1 
ATOM   237 C CB  . SER A 1 31  ? -7.987  -4.894  6.108   1.00 17.81 ? 31   SER A CB  1 
ATOM   238 O OG  . SER A 1 31  ? -7.547  -3.568  6.116   1.00 17.63 ? 31   SER A OG  1 
ATOM   239 N N   . GLU A 1 32  ? -10.619 -4.804  4.516   1.00 13.61 ? 32   GLU A N   1 
ATOM   240 C CA  . GLU A 1 32  ? -11.815 -4.139  4.038   1.00 14.02 ? 32   GLU A CA  1 
ATOM   241 C C   . GLU A 1 32  ? -12.205 -3.108  5.070   1.00 13.15 ? 32   GLU A C   1 
ATOM   242 O O   . GLU A 1 32  ? -12.317 -3.416  6.250   1.00 15.76 ? 32   GLU A O   1 
ATOM   243 C CB  . GLU A 1 32  ? -12.951 -5.150  3.844   1.00 18.62 ? 32   GLU A CB  1 
ATOM   244 C CG  . GLU A 1 32  ? -12.678 -6.186  2.765   1.00 22.78 ? 32   GLU A CG  1 
ATOM   245 N N   . VAL A 1 33  ? -12.402 -1.879  4.623   1.00 11.86 ? 33   VAL A N   1 
ATOM   246 C CA  . VAL A 1 33  ? -12.766 -0.800  5.518   1.00 11.50 ? 33   VAL A CA  1 
ATOM   247 C C   . VAL A 1 33  ? -13.975 -0.060  4.956   1.00 11.00 ? 33   VAL A C   1 
ATOM   248 O O   . VAL A 1 33  ? -14.393 -0.302  3.824   1.00 12.99 ? 33   VAL A O   1 
ATOM   249 C CB  . VAL A 1 33  ? -11.569 0.155   5.760   1.00 11.84 ? 33   VAL A CB  1 
ATOM   250 C CG1 . VAL A 1 33  ? -10.402 -0.595  6.379   1.00 13.65 ? 33   VAL A CG1 1 
ATOM   251 C CG2 . VAL A 1 33  ? -11.142 0.817   4.460   1.00 14.06 ? 33   VAL A CG2 1 
ATOM   252 N N   . LYS A 1 34  ? -14.556 0.811   5.768   1.00 10.67 ? 34   LYS A N   1 
ATOM   253 C CA  . LYS A 1 34  ? -15.740 1.552   5.366   1.00 10.95 ? 34   LYS A CA  1 
ATOM   254 C C   . LYS A 1 34  ? -15.395 3.023   5.249   1.00 10.22 ? 34   LYS A C   1 
ATOM   255 O O   . LYS A 1 34  ? -14.882 3.620   6.201   1.00 11.26 ? 34   LYS A O   1 
ATOM   256 C CB  . LYS A 1 34  ? -16.867 1.360   6.378   1.00 12.75 ? 34   LYS A CB  1 
ATOM   257 C CG  . LYS A 1 34  ? -17.330 -0.076  6.491   1.00 16.75 ? 34   LYS A CG  1 
ATOM   258 C CD  . LYS A 1 34  ? -18.446 -0.222  7.508   1.00 20.69 ? 34   LYS A CD  1 
ATOM   259 C CE  . LYS A 1 34  ? -18.949 -1.655  7.573   1.00 25.81 ? 34   LYS A CE  1 
ATOM   260 N NZ  . LYS A 1 34  ? -20.012 -1.814  8.603   1.00 29.39 ? 34   LYS A NZ  1 
ATOM   261 N N   . GLY A 1 35  ? -15.654 3.604   4.079   1.00 10.59 ? 35   GLY A N   1 
ATOM   262 C CA  . GLY A 1 35  ? -15.414 5.014   3.870   1.00 12.05 ? 35   GLY A CA  1 
ATOM   263 C C   . GLY A 1 35  ? -16.688 5.765   4.167   1.00 13.39 ? 35   GLY A C   1 
ATOM   264 O O   . GLY A 1 35  ? -17.590 5.813   3.339   1.00 15.20 ? 35   GLY A O   1 
ATOM   265 N N   . PHE A 1 36  ? -16.768 6.338   5.362   1.00 12.88 ? 36   PHE A N   1 
ATOM   266 C CA  . PHE A 1 36  ? -17.956 7.053   5.800   1.00 14.08 ? 36   PHE A CA  1 
ATOM   267 C C   . PHE A 1 36  ? -17.943 8.483   5.295   1.00 17.87 ? 36   PHE A C   1 
ATOM   268 O O   . PHE A 1 36  ? -16.883 9.084   5.116   1.00 18.69 ? 36   PHE A O   1 
ATOM   269 C CB  . PHE A 1 36  ? -18.049 7.048   7.325   1.00 14.38 ? 36   PHE A CB  1 
ATOM   270 C CG  . PHE A 1 36  ? -18.732 5.842   7.887   1.00 14.26 ? 36   PHE A CG  1 
ATOM   271 C CD1 . PHE A 1 36  ? -18.034 4.665   8.109   1.00 14.78 ? 36   PHE A CD1 1 
ATOM   272 C CD2 . PHE A 1 36  ? -20.083 5.880   8.192   1.00 15.51 ? 36   PHE A CD2 1 
ATOM   273 C CE1 . PHE A 1 36  ? -18.674 3.554   8.632   1.00 15.73 ? 36   PHE A CE1 1 
ATOM   274 C CE2 . PHE A 1 36  ? -20.720 4.776   8.717   1.00 16.43 ? 36   PHE A CE2 1 
ATOM   275 C CZ  . PHE A 1 36  ? -20.016 3.611   8.936   1.00 16.09 ? 36   PHE A CZ  1 
ATOM   276 N N   . GLY A 1 37  ? -19.134 9.022   5.064   1.00 21.56 ? 37   GLY A N   1 
ATOM   277 C CA  . GLY A 1 37  ? -19.276 10.390  4.607   1.00 25.34 ? 37   GLY A CA  1 
ATOM   278 C C   . GLY A 1 37  ? -20.182 10.455  3.397   1.00 27.92 ? 37   GLY A C   1 
ATOM   279 O O   . GLY A 1 37  ? -21.161 9.711   3.311   1.00 29.34 ? 37   GLY A O   1 
ATOM   280 N N   . SER A 1 54  ? -24.577 5.245   4.397   1.00 21.08 ? 54   SER A N   1 
ATOM   281 C CA  . SER A 1 54  ? -23.673 5.973   5.285   1.00 19.16 ? 54   SER A CA  1 
ATOM   282 C C   . SER A 1 54  ? -22.220 5.897   4.842   1.00 17.21 ? 54   SER A C   1 
ATOM   283 O O   . SER A 1 54  ? -21.408 6.742   5.225   1.00 17.96 ? 54   SER A O   1 
ATOM   284 C CB  . SER A 1 54  ? -23.810 5.470   6.718   1.00 19.37 ? 54   SER A CB  1 
ATOM   285 O OG  . SER A 1 54  ? -25.073 5.834   7.230   1.00 21.27 ? 54   SER A OG  1 
ATOM   286 N N   . PHE A 1 55  ? -21.891 4.892   4.037   1.00 16.57 ? 55   PHE A N   1 
ATOM   287 C CA  . PHE A 1 55  ? -20.506 4.630   3.682   1.00 15.55 ? 55   PHE A CA  1 
ATOM   288 C C   . PHE A 1 55  ? -20.411 3.900   2.352   1.00 15.18 ? 55   PHE A C   1 
ATOM   289 O O   . PHE A 1 55  ? -21.370 3.294   1.879   1.00 16.90 ? 55   PHE A O   1 
ATOM   290 C CB  . PHE A 1 55  ? -19.818 3.793   4.770   1.00 16.12 ? 55   PHE A CB  1 
ATOM   291 C CG  . PHE A 1 55  ? -20.266 2.357   4.803   1.00 16.64 ? 55   PHE A CG  1 
ATOM   292 C CD1 . PHE A 1 55  ? -19.637 1.402   4.015   1.00 17.95 ? 55   PHE A CD1 1 
ATOM   293 C CD2 . PHE A 1 55  ? -21.323 1.962   5.610   1.00 20.49 ? 55   PHE A CD2 1 
ATOM   294 C CE1 . PHE A 1 55  ? -20.052 0.084   4.026   1.00 20.60 ? 55   PHE A CE1 1 
ATOM   295 C CE2 . PHE A 1 55  ? -21.740 0.642   5.630   1.00 22.30 ? 55   PHE A CE2 1 
ATOM   296 C CZ  . PHE A 1 55  ? -21.103 -0.296  4.838   1.00 22.49 ? 55   PHE A CZ  1 
ATOM   297 N N   . LEU A 1 56  ? -19.215 3.936   1.786   1.00 14.61 ? 56   LEU A N   1 
ATOM   298 C CA  . LEU A 1 56  ? -18.857 3.138   0.626   1.00 15.13 ? 56   LEU A CA  1 
ATOM   299 C C   . LEU A 1 56  ? -17.762 2.169   1.043   1.00 13.69 ? 56   LEU A C   1 
ATOM   300 O O   . LEU A 1 56  ? -16.848 2.545   1.777   1.00 13.92 ? 56   LEU A O   1 
ATOM   301 C CB  . LEU A 1 56  ? -18.339 4.037   -0.496  1.00 18.80 ? 56   LEU A CB  1 
ATOM   302 C CG  . LEU A 1 56  ? -19.339 5.018   -1.107  1.00 22.95 ? 56   LEU A CG  1 
ATOM   303 C CD1 . LEU A 1 56  ? -18.695 5.757   -2.265  1.00 24.78 ? 56   LEU A CD1 1 
ATOM   304 C CD2 . LEU A 1 56  ? -20.596 4.293   -1.565  1.00 25.89 ? 56   LEU A CD2 1 
ATOM   305 N N   . PRO A 1 57  ? -17.843 0.915   0.579   1.00 14.37 ? 57   PRO A N   1 
ATOM   306 C CA  . PRO A 1 57  ? -16.772 -0.028  0.903   1.00 14.63 ? 57   PRO A CA  1 
ATOM   307 C C   . PRO A 1 57  ? -15.471 0.394   0.239   1.00 12.38 ? 57   PRO A C   1 
ATOM   308 O O   . PRO A 1 57  ? -15.484 0.859   -0.900  1.00 13.03 ? 57   PRO A O   1 
ATOM   309 C CB  . PRO A 1 57  ? -17.271 -1.342  0.301   1.00 16.82 ? 57   PRO A CB  1 
ATOM   310 C CG  . PRO A 1 57  ? -18.181 -0.923  -0.809  1.00 19.69 ? 57   PRO A CG  1 
ATOM   311 C CD  . PRO A 1 57  ? -18.865 0.310   -0.297  1.00 17.56 ? 57   PRO A CD  1 
ATOM   312 N N   . LYS A 1 58  ? -14.365 0.246   0.959   1.00 11.34 ? 58   LYS A N   1 
ATOM   313 C CA  . LYS A 1 58  ? -13.044 0.534   0.423   1.00 10.91 ? 58   LYS A CA  1 
ATOM   314 C C   . LYS A 1 58  ? -12.124 -0.609  0.780   1.00 10.01 ? 58   LYS A C   1 
ATOM   315 O O   . LYS A 1 58  ? -12.405 -1.403  1.681   1.00 11.60 ? 58   LYS A O   1 
ATOM   316 C CB  . LYS A 1 58  ? -12.468 1.821   1.021   1.00 12.55 ? 58   LYS A CB  1 
ATOM   317 C CG  . LYS A 1 58  ? -13.338 3.055   0.863   1.00 13.02 ? 58   LYS A CG  1 
ATOM   318 C CD  . LYS A 1 58  ? -13.441 3.503   -0.581  1.00 14.48 ? 58   LYS A CD  1 
ATOM   319 C CE  . LYS A 1 58  ? -14.132 4.858   -0.672  1.00 16.33 ? 58   LYS A CE  1 
ATOM   320 N NZ  . LYS A 1 58  ? -14.240 5.352   -2.075  1.00 19.14 ? 58   LYS A NZ  1 
ATOM   321 N N   . VAL A 1 59  ? -11.000 -0.676  0.083   1.00 9.94  ? 59   VAL A N   1 
ATOM   322 C CA  . VAL A 1 59  ? -9.950  -1.617  0.422   1.00 10.32 ? 59   VAL A CA  1 
ATOM   323 C C   . VAL A 1 59  ? -8.742  -0.838  0.918   1.00 8.56  ? 59   VAL A C   1 
ATOM   324 O O   . VAL A 1 59  ? -8.338  0.152   0.304   1.00 10.04 ? 59   VAL A O   1 
ATOM   325 C CB  . VAL A 1 59  ? -9.581  -2.489  -0.794  1.00 10.82 ? 59   VAL A CB  1 
ATOM   326 C CG1 . VAL A 1 59  ? -8.264  -3.221  -0.567  1.00 12.98 ? 59   VAL A CG1 1 
ATOM   327 C CG2 . VAL A 1 59  ? -10.709 -3.470  -1.080  1.00 12.21 ? 59   VAL A CG2 1 
ATOM   328 N N   . LYS A 1 60  ? -8.203  -1.260  2.056   1.00 9.01  ? 60   LYS A N   1 
ATOM   329 C CA  . LYS A 1 60  ? -6.959  -0.705  2.564   1.00 8.91  ? 60   LYS A CA  1 
ATOM   330 C C   . LYS A 1 60  ? -5.823  -1.650  2.206   1.00 8.93  ? 60   LYS A C   1 
ATOM   331 O O   . LYS A 1 60  ? -5.829  -2.826  2.590   1.00 10.34 ? 60   LYS A O   1 
ATOM   332 C CB  . LYS A 1 60  ? -7.023  -0.492  4.076   1.00 10.34 ? 60   LYS A CB  1 
ATOM   333 C CG  . LYS A 1 60  ? -5.730  0.062   4.661   1.00 12.53 ? 60   LYS A CG  1 
ATOM   334 C CD  . LYS A 1 60  ? -5.924  0.718   6.025   1.00 16.80 ? 60   LYS A CD  1 
ATOM   335 C CE  . LYS A 1 60  ? -6.267  -0.298  7.090   1.00 17.45 ? 60   LYS A CE  1 
ATOM   336 N NZ  . LYS A 1 60  ? -6.376  0.376   8.421   1.00 16.90 ? 60   LYS A NZ  1 
ATOM   337 N N   . VAL A 1 61  ? -4.869  -1.140  1.443   1.00 8.76  ? 61   VAL A N   1 
ATOM   338 C CA  . VAL A 1 61  ? -3.669  -1.882  1.126   1.00 9.57  ? 61   VAL A CA  1 
ATOM   339 C C   . VAL A 1 61  ? -2.522  -1.317  1.942   1.00 9.38  ? 61   VAL A C   1 
ATOM   340 O O   . VAL A 1 61  ? -2.386  -0.101  2.082   1.00 11.12 ? 61   VAL A O   1 
ATOM   341 C CB  . VAL A 1 61  ? -3.340  -1.851  -0.387  1.00 12.04 ? 61   VAL A CB  1 
ATOM   342 C CG1 . VAL A 1 61  ? -4.408  -2.561  -1.209  1.00 14.23 ? 61   VAL A CG1 1 
ATOM   343 C CG2 . VAL A 1 61  ? -3.176  -0.454  -0.878  1.00 15.92 ? 61   VAL A CG2 1 
ATOM   344 N N   . GLU A 1 62  ? -1.697  -2.198  2.488   1.00 9.12  ? 62   GLU A N   1 
ATOM   345 C CA  . GLU A 1 62  ? -0.520  -1.774  3.224   1.00 9.89  ? 62   GLU A CA  1 
ATOM   346 C C   . GLU A 1 62  ? 0.662   -2.617  2.851   1.00 9.90  ? 62   GLU A C   1 
ATOM   347 O O   . GLU A 1 62  ? 0.572   -3.844  2.780   1.00 11.45 ? 62   GLU A O   1 
ATOM   348 C CB  . GLU A 1 62  ? -0.735  -1.904  4.720   1.00 12.28 ? 62   GLU A CB  1 
ATOM   349 C CG  . GLU A 1 62  ? -1.726  -0.935  5.252   1.00 14.07 ? 62   GLU A CG  1 
ATOM   350 C CD  . GLU A 1 62  ? -1.734  -0.865  6.751   1.00 18.93 ? 62   GLU A CD  1 
ATOM   351 O OE1 . GLU A 1 62  ? -1.024  -1.648  7.427   1.00 23.30 ? 62   GLU A OE1 1 
ATOM   352 O OE2 . GLU A 1 62  ? -2.458  0.007   7.243   1.00 21.54 ? 62   GLU A OE2 1 
ATOM   353 N N   . VAL A 1 63  ? 1.795   -1.962  2.672   1.00 10.38 ? 63   VAL A N   1 
ATOM   354 C CA  . VAL A 1 63  ? 3.033   -2.665  2.421   1.00 11.06 ? 63   VAL A CA  1 
ATOM   355 C C   . VAL A 1 63  ? 4.185   -1.858  2.997   1.00 9.79  ? 63   VAL A C   1 
ATOM   356 O O   . VAL A 1 63  ? 4.198   -0.637  2.912   1.00 11.22 ? 63   VAL A O   1 
ATOM   357 C CB  . VAL A 1 63  ? 3.219   -2.952  0.924   1.00 15.15 ? 63   VAL A CB  1 
ATOM   358 C CG1 . VAL A 1 63  ? 3.362   -1.668  0.115   1.00 16.26 ? 63   VAL A CG1 1 
ATOM   359 C CG2 . VAL A 1 63  ? 4.380   -3.886  0.719   1.00 17.99 ? 63   VAL A CG2 1 
ATOM   360 N N   . ALA A 1 64  ? 5.127   -2.552  3.614   1.00 10.51 ? 64   ALA A N   1 
ATOM   361 C CA  . ALA A 1 64  ? 6.328   -1.927  4.136   1.00 10.76 ? 64   ALA A CA  1 
ATOM   362 C C   . ALA A 1 64  ? 7.414   -2.085  3.088   1.00 11.76 ? 64   ALA A C   1 
ATOM   363 O O   . ALA A 1 64  ? 7.664   -3.190  2.614   1.00 16.62 ? 64   ALA A O   1 
ATOM   364 C CB  . ALA A 1 64  ? 6.729   -2.566  5.456   1.00 13.77 ? 64   ALA A CB  1 
ATOM   365 N N   . VAL A 1 65  ? 8.035   -0.970  2.717   1.00 11.23 ? 65   VAL A N   1 
ATOM   366 C CA  . VAL A 1 65  ? 8.934   -0.909  1.578   1.00 13.65 ? 65   VAL A CA  1 
ATOM   367 C C   . VAL A 1 65  ? 10.211  -0.208  2.009   1.00 12.93 ? 65   VAL A C   1 
ATOM   368 O O   . VAL A 1 65  ? 10.201  0.662   2.881   1.00 13.68 ? 65   VAL A O   1 
ATOM   369 C CB  . VAL A 1 65  ? 8.284   -0.121  0.385   1.00 16.28 ? 65   VAL A CB  1 
ATOM   370 C CG1 . VAL A 1 65  ? 9.141   -0.211  -0.861  1.00 17.41 ? 65   VAL A CG1 1 
ATOM   371 C CG2 . VAL A 1 65  ? 6.888   -0.642  0.079   1.00 18.81 ? 65   VAL A CG2 1 
ATOM   372 N N   . SER A 1 66  ? 11.321  -0.592  1.395   1.00 14.13 ? 66   SER A N   1 
ATOM   373 C CA  . SER A 1 66  ? 12.589  0.065   1.658   1.00 14.95 ? 66   SER A CA  1 
ATOM   374 C C   . SER A 1 66  ? 12.520  1.552   1.307   1.00 14.38 ? 66   SER A C   1 
ATOM   375 O O   . SER A 1 66  ? 11.746  1.974   0.441   1.00 13.71 ? 66   SER A O   1 
ATOM   376 C CB  . SER A 1 66  ? 13.695  -0.604  0.843   1.00 16.36 ? 66   SER A CB  1 
ATOM   377 O OG  . SER A 1 66  ? 13.530  -0.348  -0.543  1.00 17.66 ? 66   SER A OG  1 
ATOM   378 N N   . ASP A 1 67  ? 13.345  2.347   1.977   1.00 15.82 ? 67   ASP A N   1 
ATOM   379 C CA  . ASP A 1 67  ? 13.474  3.758   1.645   1.00 17.78 ? 67   ASP A CA  1 
ATOM   380 C C   . ASP A 1 67  ? 13.817  3.941   0.169   1.00 16.68 ? 67   ASP A C   1 
ATOM   381 O O   . ASP A 1 67  ? 13.369  4.897   -0.460  1.00 17.61 ? 67   ASP A O   1 
ATOM   382 C CB  . ASP A 1 67  ? 14.567  4.405   2.490   1.00 21.20 ? 67   ASP A CB  1 
ATOM   383 C CG  . ASP A 1 67  ? 14.179  4.558   3.948   1.00 25.96 ? 67   ASP A CG  1 
ATOM   384 O OD1 . ASP A 1 67  ? 13.078  4.116   4.343   1.00 26.78 ? 67   ASP A OD1 1 
ATOM   385 O OD2 . ASP A 1 67  ? 14.986  5.135   4.702   1.00 29.84 ? 67   ASP A OD2 1 
ATOM   386 N N   . ASP A 1 68  ? 14.613  3.025   -0.379  1.00 15.64 ? 68   ASP A N   1 
ATOM   387 C CA  . ASP A 1 68  ? 15.043  3.130   -1.771  1.00 16.25 ? 68   ASP A CA  1 
ATOM   388 C C   . ASP A 1 68  ? 13.924  2.892   -2.775  1.00 15.43 ? 68   ASP A C   1 
ATOM   389 O O   . ASP A 1 68  ? 14.003  3.356   -3.909  1.00 17.55 ? 68   ASP A O   1 
ATOM   390 C CB  . ASP A 1 68  ? 16.203  2.169   -2.057  1.00 17.89 ? 68   ASP A CB  1 
ATOM   391 C CG  . ASP A 1 68  ? 17.479  2.572   -1.353  1.00 21.34 ? 68   ASP A CG  1 
ATOM   392 O OD1 . ASP A 1 68  ? 17.534  3.684   -0.784  1.00 23.87 ? 68   ASP A OD1 1 
ATOM   393 O OD2 . ASP A 1 68  ? 18.436  1.776   -1.377  1.00 23.53 ? 68   ASP A OD2 1 
ATOM   394 N N   . GLN A 1 69  ? 12.889  2.170   -2.366  1.00 14.46 ? 69   GLN A N   1 
ATOM   395 C CA  . GLN A 1 69  ? 11.857  1.770   -3.313  1.00 14.81 ? 69   GLN A CA  1 
ATOM   396 C C   . GLN A 1 69  ? 10.496  2.406   -3.080  1.00 12.58 ? 69   GLN A C   1 
ATOM   397 O O   . GLN A 1 69  ? 9.607   2.249   -3.909  1.00 13.32 ? 69   GLN A O   1 
ATOM   398 C CB  . GLN A 1 69  ? 11.670  0.253   -3.287  1.00 17.06 ? 69   GLN A CB  1 
ATOM   399 C CG  . GLN A 1 69  ? 12.803  -0.566  -3.830  1.00 21.40 ? 69   GLN A CG  1 
ATOM   400 C CD  . GLN A 1 69  ? 12.448  -2.030  -3.823  1.00 25.96 ? 69   GLN A CD  1 
ATOM   401 O OE1 . GLN A 1 69  ? 12.200  -2.613  -2.765  1.00 27.69 ? 69   GLN A OE1 1 
ATOM   402 N NE2 . GLN A 1 69  ? 12.386  -2.629  -5.006  1.00 28.53 ? 69   GLN A NE2 1 
ATOM   403 N N   . TYR A 1 70  ? 10.300  3.096   -1.962  1.00 11.80 ? 70   TYR A N   1 
ATOM   404 C CA  . TYR A 1 70  ? 8.932   3.477   -1.616  1.00 11.67 ? 70   TYR A CA  1 
ATOM   405 C C   . TYR A 1 70  ? 8.270   4.404   -2.626  1.00 11.11 ? 70   TYR A C   1 
ATOM   406 O O   . TYR A 1 70  ? 7.075   4.278   -2.871  1.00 11.40 ? 70   TYR A O   1 
ATOM   407 C CB  . TYR A 1 70  ? 8.812   4.024   -0.190  1.00 13.52 ? 70   TYR A CB  1 
ATOM   408 C CG  . TYR A 1 70  ? 9.093   5.497   -0.055  1.00 13.15 ? 70   TYR A CG  1 
ATOM   409 C CD1 . TYR A 1 70  ? 10.393  5.957   0.115   1.00 15.67 ? 70   TYR A CD1 1 
ATOM   410 C CD2 . TYR A 1 70  ? 8.064   6.427   -0.087  1.00 14.44 ? 70   TYR A CD2 1 
ATOM   411 C CE1 . TYR A 1 70  ? 10.665  7.298   0.244   1.00 18.96 ? 70   TYR A CE1 1 
ATOM   412 C CE2 . TYR A 1 70  ? 8.325   7.777   0.041   1.00 16.94 ? 70   TYR A CE2 1 
ATOM   413 C CZ  . TYR A 1 70  ? 9.630   8.205   0.205   1.00 19.16 ? 70   TYR A CZ  1 
ATOM   414 O OH  . TYR A 1 70  ? 9.902   9.548   0.334   1.00 24.01 ? 70   TYR A OH  1 
ATOM   415 N N   . GLU A 1 71  ? 9.016   5.333   -3.214  1.00 11.86 ? 71   GLU A N   1 
ATOM   416 C CA  . GLU A 1 71  ? 8.369   6.257   -4.137  1.00 12.31 ? 71   GLU A CA  1 
ATOM   417 C C   . GLU A 1 71  ? 7.889   5.550   -5.405  1.00 12.27 ? 71   GLU A C   1 
ATOM   418 O O   . GLU A 1 71  ? 6.834   5.877   -5.941  1.00 12.95 ? 71   GLU A O   1 
ATOM   419 C CB  . GLU A 1 71  ? 9.253   7.468   -4.456  1.00 14.89 ? 71   GLU A CB  1 
ATOM   420 C CG  . GLU A 1 71  ? 8.481   8.661   -5.038  1.00 18.87 ? 71   GLU A CG  1 
ATOM   421 C CD  . GLU A 1 71  ? 7.455   9.275   -4.080  1.00 21.41 ? 71   GLU A CD  1 
ATOM   422 O OE1 . GLU A 1 71  ? 7.473   8.961   -2.872  1.00 22.21 ? 71   GLU A OE1 1 
ATOM   423 O OE2 . GLU A 1 71  ? 6.632   10.096  -4.540  1.00 25.13 ? 71   GLU A OE2 1 
ATOM   424 N N   . GLN A 1 72  ? 8.652   4.570   -5.874  1.00 12.93 ? 72   GLN A N   1 
ATOM   425 C CA  . GLN A 1 72  ? 8.218   3.742   -6.988  1.00 14.75 ? 72   GLN A CA  1 
ATOM   426 C C   . GLN A 1 72  ? 6.930   3.001   -6.656  1.00 12.88 ? 72   GLN A C   1 
ATOM   427 O O   . GLN A 1 72  ? 6.062   2.835   -7.506  1.00 14.67 ? 72   GLN A O   1 
ATOM   428 C CB  . GLN A 1 72  ? 9.284   2.706   -7.314  1.00 19.36 ? 72   GLN A CB  1 
ATOM   429 C CG  . GLN A 1 72  ? 10.582  3.257   -7.836  1.00 24.15 ? 72   GLN A CG  1 
ATOM   430 C CD  . GLN A 1 72  ? 11.693  2.233   -7.740  1.00 27.54 ? 72   GLN A CD  1 
ATOM   431 O OE1 . GLN A 1 72  ? 11.616  1.169   -8.353  1.00 30.94 ? 72   GLN A OE1 1 
ATOM   432 N NE2 . GLN A 1 72  ? 12.713  2.530   -6.937  1.00 26.65 ? 72   GLN A NE2 1 
ATOM   433 N N   . VAL A 1 73  ? 6.836   2.517   -5.424  1.00 12.38 ? 73   VAL A N   1 
ATOM   434 C CA  . VAL A 1 73  ? 5.646   1.818   -4.971  1.00 12.20 ? 73   VAL A CA  1 
ATOM   435 C C   . VAL A 1 73  ? 4.445   2.760   -4.916  1.00 10.58 ? 73   VAL A C   1 
ATOM   436 O O   . VAL A 1 73  ? 3.352   2.420   -5.375  1.00 11.54 ? 73   VAL A O   1 
ATOM   437 C CB  . VAL A 1 73  ? 5.884   1.139   -3.607  1.00 13.68 ? 73   VAL A CB  1 
ATOM   438 C CG1 . VAL A 1 73  ? 4.572   0.627   -3.012  1.00 14.72 ? 73   VAL A CG1 1 
ATOM   439 C CG2 . VAL A 1 73  ? 6.870   0.007   -3.761  1.00 16.23 ? 73   VAL A CG2 1 
ATOM   440 N N   . VAL A 1 74  ? 4.652   3.957   -4.375  1.00 9.91  ? 74   VAL A N   1 
ATOM   441 C CA  . VAL A 1 74  ? 3.580   4.952   -4.338  1.00 9.63  ? 74   VAL A CA  1 
ATOM   442 C C   . VAL A 1 74  ? 3.060   5.238   -5.748  1.00 10.03 ? 74   VAL A C   1 
ATOM   443 O O   . VAL A 1 74  ? 1.852   5.241   -5.991  1.00 10.41 ? 74   VAL A O   1 
ATOM   444 C CB  . VAL A 1 74  ? 4.071   6.249   -3.667  1.00 10.06 ? 74   VAL A CB  1 
ATOM   445 C CG1 . VAL A 1 74  ? 3.083   7.394   -3.873  1.00 11.57 ? 74   VAL A CG1 1 
ATOM   446 C CG2 . VAL A 1 74  ? 4.336   6.020   -2.174  1.00 10.84 ? 74   VAL A CG2 1 
ATOM   447 N N   . GLU A 1 75  ? 3.978   5.459   -6.682  1.00 10.88 ? 75   GLU A N   1 
ATOM   448 C CA  . GLU A 1 75  ? 3.590   5.769   -8.051  1.00 12.58 ? 75   GLU A CA  1 
ATOM   449 C C   . GLU A 1 75  ? 2.840   4.606   -8.703  1.00 12.37 ? 75   GLU A C   1 
ATOM   450 O O   . GLU A 1 75  ? 1.858   4.810   -9.414  1.00 12.90 ? 75   GLU A O   1 
ATOM   451 C CB  . GLU A 1 75  ? 4.816   6.153   -8.878  1.00 16.22 ? 75   GLU A CB  1 
ATOM   452 C CG  . GLU A 1 75  ? 4.485   6.466   -10.328 1.00 22.37 ? 75   GLU A CG  1 
ATOM   453 C CD  . GLU A 1 75  ? 5.662   7.035   -11.096 1.00 27.72 ? 75   GLU A CD  1 
ATOM   454 O OE1 . GLU A 1 75  ? 6.753   7.174   -10.504 1.00 29.86 ? 75   GLU A OE1 1 
ATOM   455 O OE2 . GLU A 1 75  ? 5.494   7.349   -12.295 1.00 30.89 ? 75   GLU A OE2 1 
ATOM   456 N N   . ALA A 1 76  ? 3.311   3.385   -8.462  1.00 11.98 ? 76   ALA A N   1 
ATOM   457 C CA  . ALA A 1 76  ? 2.676   2.206   -9.035  1.00 13.01 ? 76   ALA A CA  1 
ATOM   458 C C   . ALA A 1 76  ? 1.253   2.036   -8.517  1.00 10.83 ? 76   ALA A C   1 
ATOM   459 O O   . ALA A 1 76  ? 0.339   1.735   -9.281  1.00 11.95 ? 76   ALA A O   1 
ATOM   460 C CB  . ALA A 1 76  ? 3.499   0.961   -8.755  1.00 14.99 ? 76   ALA A CB  1 
ATOM   461 N N   . ILE A 1 77  ? 1.067   2.217   -7.214  1.00 10.43 ? 77   ILE A N   1 
ATOM   462 C CA  . ILE A 1 77  ? -0.271  2.129   -6.647  1.00 10.43 ? 77   ILE A CA  1 
ATOM   463 C C   . ILE A 1 77  ? -1.169  3.222   -7.210  1.00 9.75  ? 77   ILE A C   1 
ATOM   464 O O   . ILE A 1 77  ? -2.317  2.975   -7.567  1.00 10.86 ? 77   ILE A O   1 
ATOM   465 C CB  . ILE A 1 77  ? -0.237  2.208   -5.106  1.00 10.54 ? 77   ILE A CB  1 
ATOM   466 C CG1 . ILE A 1 77  ? 0.524   1.009   -4.539  1.00 11.50 ? 77   ILE A CG1 1 
ATOM   467 C CG2 . ILE A 1 77  ? -1.651  2.294   -4.547  1.00 11.85 ? 77   ILE A CG2 1 
ATOM   468 C CD1 . ILE A 1 77  ? 0.738   1.082   -3.042  1.00 12.95 ? 77   ILE A CD1 1 
ATOM   469 N N   . GLN A 1 78  ? -0.643  4.440   -7.282  1.00 10.07 ? 78   GLN A N   1 
ATOM   470 C CA  . GLN A 1 78  ? -1.439  5.561   -7.762  1.00 10.31 ? 78   GLN A CA  1 
ATOM   471 C C   . GLN A 1 78  ? -1.945  5.323   -9.177  1.00 10.43 ? 78   GLN A C   1 
ATOM   472 O O   . GLN A 1 78  ? -3.128  5.529   -9.469  1.00 11.18 ? 78   GLN A O   1 
ATOM   473 C CB  . GLN A 1 78  ? -0.629  6.852   -7.702  1.00 11.28 ? 78   GLN A CB  1 
ATOM   474 C CG  . GLN A 1 78  ? -1.461  8.100   -8.020  1.00 12.53 ? 78   GLN A CG  1 
ATOM   475 C CD  . GLN A 1 78  ? -1.563  8.419   -9.502  1.00 13.52 ? 78   GLN A CD  1 
ATOM   476 O OE1 . GLN A 1 78  ? -0.603  8.256   -10.246 1.00 16.73 ? 78   GLN A OE1 1 
ATOM   477 N NE2 . GLN A 1 78  ? -2.729  8.902   -9.933  1.00 12.61 ? 78   GLN A NE2 1 
ATOM   478 N N   . LYS A 1 79  ? -1.051  4.890   -10.057 1.00 10.75 ? 79   LYS A N   1 
ATOM   479 C CA  . LYS A 1 79  ? -1.437  4.668   -11.436 1.00 12.10 ? 79   LYS A CA  1 
ATOM   480 C C   . LYS A 1 79  ? -2.443  3.530   -11.567 1.00 11.63 ? 79   LYS A C   1 
ATOM   481 O O   . LYS A 1 79  ? -3.369  3.601   -12.369 1.00 13.50 ? 79   LYS A O   1 
ATOM   482 C CB  . LYS A 1 79  ? -0.205  4.399   -12.286 1.00 14.34 ? 79   LYS A CB  1 
ATOM   483 C CG  . LYS A 1 79  ? 0.653   5.635   -12.462 1.00 19.40 ? 79   LYS A CG  1 
ATOM   484 C CD  . LYS A 1 79  ? 1.875   5.359   -13.312 1.00 24.03 ? 79   LYS A CD  1 
ATOM   485 C CE  . LYS A 1 79  ? 2.651   6.636   -13.584 1.00 27.83 ? 79   LYS A CE  1 
ATOM   486 N NZ  . LYS A 1 79  ? 3.886   6.371   -14.367 1.00 30.71 ? 79   LYS A NZ  1 
ATOM   487 N N   . ALA A 1 80  ? -2.268  2.482   -10.774 1.00 10.69 ? 80   ALA A N   1 
ATOM   488 C CA  . ALA A 1 80  ? -3.166  1.333   -10.839 1.00 11.12 ? 80   ALA A CA  1 
ATOM   489 C C   . ALA A 1 80  ? -4.545  1.611   -10.242 1.00 11.22 ? 80   ALA A C   1 
ATOM   490 O O   . ALA A 1 80  ? -5.546  1.055   -10.706 1.00 12.88 ? 80   ALA A O   1 
ATOM   491 C CB  . ALA A 1 80  ? -2.529  0.141   -10.156 1.00 12.23 ? 80   ALA A CB  1 
ATOM   492 N N   . ALA A 1 81  ? -4.597  2.447   -9.206  1.00 10.33 ? 81   ALA A N   1 
ATOM   493 C CA  . ALA A 1 81  ? -5.850  2.693   -8.493  1.00 11.06 ? 81   ALA A CA  1 
ATOM   494 C C   . ALA A 1 81  ? -6.640  3.873   -9.047  1.00 10.87 ? 81   ALA A C   1 
ATOM   495 O O   . ALA A 1 81  ? -7.780  4.113   -8.642  1.00 11.59 ? 81   ALA A O   1 
ATOM   496 C CB  . ALA A 1 81  ? -5.577  2.888   -7.008  1.00 12.00 ? 81   ALA A CB  1 
ATOM   497 N N   . ASN A 1 82  ? -6.033  4.627   -9.957  1.00 11.29 ? 82   ASN A N   1 
ATOM   498 C CA  . ASN A 1 82  ? -6.646  5.836   -10.506 1.00 11.59 ? 82   ASN A CA  1 
ATOM   499 C C   . ASN A 1 82  ? -7.842  5.571   -11.411 1.00 12.61 ? 82   ASN A C   1 
ATOM   500 O O   . ASN A 1 82  ? -7.811  4.667   -12.249 1.00 13.65 ? 82   ASN A O   1 
ATOM   501 C CB  . ASN A 1 82  ? -5.606  6.632   -11.288 1.00 12.32 ? 82   ASN A CB  1 
ATOM   502 C CG  . ASN A 1 82  ? -6.204  7.832   -11.998 1.00 12.62 ? 82   ASN A CG  1 
ATOM   503 O OD1 . ASN A 1 82  ? -6.596  7.751   -13.165 1.00 14.88 ? 82   ASN A OD1 1 
ATOM   504 N ND2 . ASN A 1 82  ? -6.282  8.953   -11.296 1.00 12.54 ? 82   ASN A ND2 1 
ATOM   505 N N   . THR A 1 83  ? -8.892  6.372   -11.245 1.00 13.41 ? 83   THR A N   1 
ATOM   506 C CA  . THR A 1 83  ? -9.958  6.484   -12.241 1.00 13.70 ? 83   THR A CA  1 
ATOM   507 C C   . THR A 1 83  ? -10.122 7.928   -12.713 1.00 13.87 ? 83   THR A C   1 
ATOM   508 O O   . THR A 1 83  ? -10.658 8.162   -13.795 1.00 15.56 ? 83   THR A O   1 
ATOM   509 C CB  . THR A 1 83  ? -11.338 6.027   -11.712 1.00 14.33 ? 83   THR A CB  1 
ATOM   510 O OG1 . THR A 1 83  ? -11.836 6.978   -10.765 1.00 14.29 ? 83   THR A OG1 1 
ATOM   511 C CG2 . THR A 1 83  ? -11.273 4.643   -11.084 1.00 15.87 ? 83   THR A CG2 1 
ATOM   512 N N   . GLY A 1 84  ? -9.691  8.889   -11.899 1.00 13.26 ? 84   GLY A N   1 
ATOM   513 C CA  . GLY A 1 84  ? -9.900  10.295  -12.202 1.00 14.54 ? 84   GLY A CA  1 
ATOM   514 C C   . GLY A 1 84  ? -11.230 10.812  -11.681 1.00 14.44 ? 84   GLY A C   1 
ATOM   515 O O   . GLY A 1 84  ? -11.515 12.003  -11.780 1.00 15.91 ? 84   GLY A O   1 
ATOM   516 N N   . ARG A 1 85  ? -12.040 9.922   -11.113 1.00 13.92 ? 85   ARG A N   1 
ATOM   517 C CA  . ARG A 1 85  ? -13.336 10.297  -10.554 1.00 15.12 ? 85   ARG A CA  1 
ATOM   518 C C   . ARG A 1 85  ? -13.247 10.473  -9.044  1.00 14.90 ? 85   ARG A C   1 
ATOM   519 O O   . ARG A 1 85  ? -12.281 10.033  -8.412  1.00 15.74 ? 85   ARG A O   1 
ATOM   520 C CB  . ARG A 1 85  ? -14.401 9.261   -10.915 1.00 16.49 ? 85   ARG A CB  1 
ATOM   521 C CG  . ARG A 1 85  ? -14.564 9.075   -12.419 1.00 19.26 ? 85   ARG A CG  1 
ATOM   522 C CD  . ARG A 1 85  ? -15.691 8.111   -12.766 1.00 21.43 ? 85   ARG A CD  1 
ATOM   523 N NE  . ARG A 1 85  ? -15.382 6.735   -12.384 1.00 20.53 ? 85   ARG A NE  1 
ATOM   524 C CZ  . ARG A 1 85  ? -14.745 5.863   -13.161 1.00 20.44 ? 85   ARG A CZ  1 
ATOM   525 N NH1 . ARG A 1 85  ? -14.336 6.221   -14.373 1.00 20.43 ? 85   ARG A NH1 1 
ATOM   526 N NH2 . ARG A 1 85  ? -14.511 4.631   -12.725 1.00 19.99 ? 85   ARG A NH2 1 
ATOM   527 N N   . ILE A 1 86  ? -14.244 11.136  -8.466  1.00 16.30 ? 86   ILE A N   1 
ATOM   528 C CA  . ILE A 1 86  ? -14.282 11.303  -7.017  1.00 17.14 ? 86   ILE A CA  1 
ATOM   529 C C   . ILE A 1 86  ? -14.273 9.953   -6.303  1.00 16.15 ? 86   ILE A C   1 
ATOM   530 O O   . ILE A 1 86  ? -14.784 8.960   -6.823  1.00 16.45 ? 86   ILE A O   1 
ATOM   531 C CB  . ILE A 1 86  ? -15.507 12.125  -6.559  1.00 21.21 ? 86   ILE A CB  1 
ATOM   532 C CG1 . ILE A 1 86  ? -16.809 11.401  -6.908  1.00 24.68 ? 86   ILE A CG1 1 
ATOM   533 C CG2 . ILE A 1 86  ? -15.462 13.521  -7.162  1.00 23.18 ? 86   ILE A CG2 1 
ATOM   534 C CD1 . ILE A 1 86  ? -18.040 12.023  -6.280  1.00 27.82 ? 86   ILE A CD1 1 
ATOM   535 N N   . GLY A 1 87  ? -13.668 9.920   -5.118  1.00 15.88 ? 87   GLY A N   1 
ATOM   536 C CA  . GLY A 1 87  ? -13.645 8.720   -4.305  1.00 15.56 ? 87   GLY A CA  1 
ATOM   537 C C   . GLY A 1 87  ? -12.431 7.828   -4.505  1.00 13.27 ? 87   GLY A C   1 
ATOM   538 O O   . GLY A 1 87  ? -12.343 6.773   -3.871  1.00 13.00 ? 87   GLY A O   1 
ATOM   539 N N   . ASP A 1 88  ? -11.497 8.246   -5.363  1.00 12.81 ? 88   ASP A N   1 
ATOM   540 C CA  . ASP A 1 88  ? -10.311 7.441   -5.670  1.00 12.11 ? 88   ASP A CA  1 
ATOM   541 C C   . ASP A 1 88  ? -9.434  7.171   -4.444  1.00 11.19 ? 88   ASP A C   1 
ATOM   542 O O   . ASP A 1 88  ? -8.725  6.168   -4.396  1.00 12.17 ? 88   ASP A O   1 
ATOM   543 C CB  . ASP A 1 88  ? -9.455  8.101   -6.760  1.00 12.33 ? 88   ASP A CB  1 
ATOM   544 C CG  . ASP A 1 88  ? -9.841  7.689   -8.165  1.00 11.93 ? 88   ASP A CG  1 
ATOM   545 O OD1 . ASP A 1 88  ? -10.827 6.944   -8.343  1.00 12.89 ? 88   ASP A OD1 1 
ATOM   546 O OD2 . ASP A 1 88  ? -9.134  8.132   -9.099  1.00 12.12 ? 88   ASP A OD2 1 
ATOM   547 N N   . GLY A 1 89  ? -9.462  8.068   -3.464  1.00 12.24 ? 89   GLY A N   1 
ATOM   548 C CA  . GLY A 1 89  ? -8.733  7.851   -2.228  1.00 12.57 ? 89   GLY A CA  1 
ATOM   549 C C   . GLY A 1 89  ? -7.340  8.440   -2.212  1.00 10.46 ? 89   GLY A C   1 
ATOM   550 O O   . GLY A 1 89  ? -6.960  9.226   -3.082  1.00 10.65 ? 89   GLY A O   1 
ATOM   551 N N   . LYS A 1 90  ? -6.586  8.052   -1.196  1.00 11.59 ? 90   LYS A N   1 
ATOM   552 C CA  . LYS A 1 90  ? -5.264  8.601   -0.972  1.00 10.47 ? 90   LYS A CA  1 
ATOM   553 C C   . LYS A 1 90  ? -4.278  7.502   -0.640  1.00 9.22  ? 90   LYS A C   1 
ATOM   554 O O   . LYS A 1 90  ? -4.650  6.415   -0.174  1.00 10.60 ? 90   LYS A O   1 
ATOM   555 C CB  . LYS A 1 90  ? -5.277  9.646   0.156   1.00 14.44 ? 90   LYS A CB  1 
ATOM   556 C CG  . LYS A 1 90  ? -6.024  10.939  -0.200  1.00 16.15 ? 90   LYS A CG  1 
ATOM   557 C CD  . LYS A 1 90  ? -5.871  11.983  0.887   1.00 18.81 ? 90   LYS A CD  1 
ATOM   558 C CE  . LYS A 1 90  ? -6.691  13.220  0.573   1.00 21.07 ? 90   LYS A CE  1 
ATOM   559 N NZ  . LYS A 1 90  ? -8.142  12.916  0.488   1.00 26.45 ? 90   LYS A NZ  1 
ATOM   560 N N   . ILE A 1 91  ? -3.013  7.809   -0.885  1.00 8.66  ? 91   ILE A N   1 
ATOM   561 C CA  . ILE A 1 91  ? -1.895  7.005   -0.443  1.00 8.85  ? 91   ILE A CA  1 
ATOM   562 C C   . ILE A 1 91  ? -1.141  7.798   0.613   1.00 8.96  ? 91   ILE A C   1 
ATOM   563 O O   . ILE A 1 91  ? -0.860  8.979   0.422   1.00 10.74 ? 91   ILE A O   1 
ATOM   564 C CB  . ILE A 1 91  ? -0.941  6.706   -1.613  1.00 9.54  ? 91   ILE A CB  1 
ATOM   565 C CG1 . ILE A 1 91  ? -1.695  6.039   -2.764  1.00 10.11 ? 91   ILE A CG1 1 
ATOM   566 C CG2 . ILE A 1 91  ? 0.252   5.876   -1.138  1.00 10.91 ? 91   ILE A CG2 1 
ATOM   567 C CD1 . ILE A 1 91  ? -0.973  6.120   -4.107  1.00 11.63 ? 91   ILE A CD1 1 
ATOM   568 N N   . PHE A 1 92  ? -0.829  7.137   1.721   1.00 9.17  ? 92   PHE A N   1 
ATOM   569 C CA  . PHE A 1 92  ? -0.076  7.741   2.808   1.00 9.20  ? 92   PHE A CA  1 
ATOM   570 C C   . PHE A 1 92  ? 1.225   6.991   3.005   1.00 9.76  ? 92   PHE A C   1 
ATOM   571 O O   . PHE A 1 92  ? 1.254   5.761   2.982   1.00 11.59 ? 92   PHE A O   1 
ATOM   572 C CB  . PHE A 1 92  ? -0.876  7.715   4.108   1.00 11.30 ? 92   PHE A CB  1 
ATOM   573 C CG  . PHE A 1 92  ? -2.255  8.285   3.976   1.00 11.74 ? 92   PHE A CG  1 
ATOM   574 C CD1 . PHE A 1 92  ? -2.440  9.612   3.613   1.00 11.60 ? 92   PHE A CD1 1 
ATOM   575 C CD2 . PHE A 1 92  ? -3.374  7.500   4.201   1.00 16.25 ? 92   PHE A CD2 1 
ATOM   576 C CE1 . PHE A 1 92  ? -3.710  10.142  3.483   1.00 13.24 ? 92   PHE A CE1 1 
ATOM   577 C CE2 . PHE A 1 92  ? -4.644  8.029   4.071   1.00 17.26 ? 92   PHE A CE2 1 
ATOM   578 C CZ  . PHE A 1 92  ? -4.811  9.347   3.713   1.00 15.07 ? 92   PHE A CZ  1 
ATOM   579 N N   . VAL A 1 93  ? 2.299   7.738   3.233   1.00 8.98  ? 93   VAL A N   1 
ATOM   580 C CA  . VAL A 1 93  ? 3.592   7.155   3.552   1.00 9.30  ? 93   VAL A CA  1 
ATOM   581 C C   . VAL A 1 93  ? 3.922   7.543   4.982   1.00 8.52  ? 93   VAL A C   1 
ATOM   582 O O   . VAL A 1 93  ? 3.913   8.734   5.313   1.00 9.90  ? 93   VAL A O   1 
ATOM   583 C CB  . VAL A 1 93  ? 4.689   7.690   2.608   1.00 10.16 ? 93   VAL A CB  1 
ATOM   584 C CG1 . VAL A 1 93  ? 6.042   7.091   2.966   1.00 12.84 ? 93   VAL A CG1 1 
ATOM   585 C CG2 . VAL A 1 93  ? 4.330   7.404   1.156   1.00 11.33 ? 93   VAL A CG2 1 
ATOM   586 N N   . LEU A 1 94  ? 4.200   6.549   5.825   1.00 9.50  ? 94   LEU A N   1 
ATOM   587 C CA  . LEU A 1 94  ? 4.596   6.791   7.208   1.00 9.62  ? 94   LEU A CA  1 
ATOM   588 C C   . LEU A 1 94  ? 5.969   6.184   7.441   1.00 9.59  ? 94   LEU A C   1 
ATOM   589 O O   . LEU A 1 94  ? 6.278   5.101   6.948   1.00 11.60 ? 94   LEU A O   1 
ATOM   590 C CB  . LEU A 1 94  ? 3.596   6.188   8.188   1.00 12.03 ? 94   LEU A CB  1 
ATOM   591 C CG  . LEU A 1 94  ? 2.209   6.838   8.134   1.00 13.70 ? 94   LEU A CG  1 
ATOM   592 C CD1 . LEU A 1 94  ? 1.329   6.087   7.160   1.00 14.96 ? 94   LEU A CD1 1 
ATOM   593 C CD2 . LEU A 1 94  ? 1.567   6.924   9.503   1.00 15.96 ? 94   LEU A CD2 1 
ATOM   594 N N   . ASP A 1 95  ? 6.792   6.866   8.222   1.00 10.03 ? 95   ASP A N   1 
ATOM   595 C CA  . ASP A 1 95  ? 8.106   6.341   8.547   1.00 10.83 ? 95   ASP A CA  1 
ATOM   596 C C   . ASP A 1 95  ? 7.988   5.175   9.510   1.00 9.76  ? 95   ASP A C   1 
ATOM   597 O O   . ASP A 1 95  ? 7.224   5.232   10.473  1.00 11.38 ? 95   ASP A O   1 
ATOM   598 C CB  . ASP A 1 95  ? 8.969   7.428   9.187   1.00 13.64 ? 95   ASP A CB  1 
ATOM   599 C CG  . ASP A 1 95  ? 9.320   8.543   8.228   1.00 19.58 ? 95   ASP A CG  1 
ATOM   600 O OD1 . ASP A 1 95  ? 9.211   8.345   7.001   1.00 21.57 ? 95   ASP A OD1 1 
ATOM   601 O OD2 . ASP A 1 95  ? 9.728   9.619   8.709   1.00 24.06 ? 95   ASP A OD2 1 
ATOM   602 N N   . ILE A 1 96  ? 8.745   4.116   9.249   1.00 9.67  ? 96   ILE A N   1 
ATOM   603 C CA  . ILE A 1 96  ? 8.876   3.016   10.186  1.00 9.76  ? 96   ILE A CA  1 
ATOM   604 C C   . ILE A 1 96  ? 10.206  3.186   10.916  1.00 9.49  ? 96   ILE A C   1 
ATOM   605 O O   . ILE A 1 96  ? 11.258  3.256   10.293  1.00 12.21 ? 96   ILE A O   1 
ATOM   606 C CB  . ILE A 1 96  ? 8.817   1.662   9.458   1.00 10.35 ? 96   ILE A CB  1 
ATOM   607 C CG1 . ILE A 1 96  ? 7.416   1.426   8.889   1.00 11.10 ? 96   ILE A CG1 1 
ATOM   608 C CG2 . ILE A 1 96  ? 9.235   0.532   10.394  1.00 11.17 ? 96   ILE A CG2 1 
ATOM   609 C CD1 . ILE A 1 96  ? 7.335   0.281   7.901   1.00 11.94 ? 96   ILE A CD1 1 
ATOM   610 N N   . ALA A 1 97  ? 10.155  3.286   12.237  1.00 9.89  ? 97   ALA A N   1 
ATOM   611 C CA  . ALA A 1 97  ? 11.357  3.463   13.043  1.00 11.31 ? 97   ALA A CA  1 
ATOM   612 C C   . ALA A 1 97  ? 12.202  2.193   13.095  1.00 10.85 ? 97   ALA A C   1 
ATOM   613 O O   . ALA A 1 97  ? 13.426  2.258   13.123  1.00 13.14 ? 97   ALA A O   1 
ATOM   614 C CB  . ALA A 1 97  ? 10.986  3.901   14.453  1.00 13.15 ? 97   ALA A CB  1 
ATOM   615 N N   . GLN A 1 98  ? 11.544  1.039   13.128  1.00 10.25 ? 98   GLN A N   1 
ATOM   616 C CA  . GLN A 1 98  ? 12.212  -0.246  13.249  1.00 10.56 ? 98   GLN A CA  1 
ATOM   617 C C   . GLN A 1 98  ? 11.310  -1.298  12.638  1.00 9.72  ? 98   GLN A C   1 
ATOM   618 O O   . GLN A 1 98  ? 10.111  -1.292  12.885  1.00 9.93  ? 98   GLN A O   1 
ATOM   619 C CB  . GLN A 1 98  ? 12.455  -0.586  14.726  1.00 12.27 ? 98   GLN A CB  1 
ATOM   620 C CG  . GLN A 1 98  ? 13.228  -1.892  14.901  1.00 14.43 ? 98   GLN A CG  1 
ATOM   621 C CD  . GLN A 1 98  ? 13.358  -2.354  16.345  1.00 16.57 ? 98   GLN A CD  1 
ATOM   622 O OE1 . GLN A 1 98  ? 12.703  -1.840  17.241  1.00 19.93 ? 98   GLN A OE1 1 
ATOM   623 N NE2 . GLN A 1 98  ? 14.203  -3.350  16.566  1.00 17.27 ? 98   GLN A NE2 1 
ATOM   624 N N   . ALA A 1 99  ? 11.893  -2.207  11.858  1.00 10.36 ? 99   ALA A N   1 
ATOM   625 C CA  . ALA A 1 99  ? 11.183  -3.372  11.348  1.00 10.65 ? 99   ALA A CA  1 
ATOM   626 C C   . ALA A 1 99  ? 11.957  -4.619  11.725  1.00 11.18 ? 99   ALA A C   1 
ATOM   627 O O   . ALA A 1 99  ? 13.175  -4.683  11.543  1.00 13.01 ? 99   ALA A O   1 
ATOM   628 C CB  . ALA A 1 99  ? 11.012  -3.290  9.849   1.00 12.26 ? 99   ALA A CB  1 
ATOM   629 N N   . VAL A 1 100 ? 11.250  -5.601  12.270  1.00 10.17 ? 100  VAL A N   1 
ATOM   630 C CA  . VAL A 1 100 ? 11.858  -6.860  12.667  1.00 10.91 ? 100  VAL A CA  1 
ATOM   631 C C   . VAL A 1 100 ? 11.224  -8.009  11.894  1.00 10.18 ? 100  VAL A C   1 
ATOM   632 O O   . VAL A 1 100 ? 9.994   -8.124  11.825  1.00 11.85 ? 100  VAL A O   1 
ATOM   633 C CB  . VAL A 1 100 ? 11.712  -7.101  14.190  1.00 12.01 ? 100  VAL A CB  1 
ATOM   634 C CG1 . VAL A 1 100 ? 12.266  -8.470  14.582  1.00 13.49 ? 100  VAL A CG1 1 
ATOM   635 C CG2 . VAL A 1 100 ? 12.398  -5.997  14.968  1.00 14.35 ? 100  VAL A CG2 1 
ATOM   636 N N   . ARG A 1 101 ? 12.064  -8.859  11.313  1.00 10.75 ? 101  ARG A N   1 
ATOM   637 C CA  . ARG A 1 101 ? 11.591  -10.063 10.654  1.00 10.81 ? 101  ARG A CA  1 
ATOM   638 C C   . ARG A 1 101 ? 11.370  -11.129 11.708  1.00 11.20 ? 101  ARG A C   1 
ATOM   639 O O   . ARG A 1 101 ? 12.299  -11.519 12.413  1.00 13.35 ? 101  ARG A O   1 
ATOM   640 C CB  . ARG A 1 101 ? 12.600  -10.514 9.594   1.00 12.64 ? 101  ARG A CB  1 
ATOM   641 C CG  . ARG A 1 101 ? 12.633  -9.558  8.411   1.00 15.17 ? 101  ARG A CG  1 
ATOM   642 C CD  . ARG A 1 101 ? 13.766  -9.806  7.424   1.00 17.60 ? 101  ARG A CD  1 
ATOM   643 N NE  . ARG A 1 101 ? 13.778  -8.728  6.436   1.00 20.76 ? 101  ARG A NE  1 
ATOM   644 C CZ  . ARG A 1 101 ? 13.421  -8.859  5.164   1.00 23.39 ? 101  ARG A CZ  1 
ATOM   645 N NH1 . ARG A 1 101 ? 13.068  -10.044 4.684   1.00 25.90 ? 101  ARG A NH1 1 
ATOM   646 N NH2 . ARG A 1 101 ? 13.448  -7.802  4.366   1.00 25.09 ? 101  ARG A NH2 1 
ATOM   647 N N   . ILE A 1 102 ? 10.128  -11.570 11.848  1.00 10.23 ? 102  ILE A N   1 
ATOM   648 C CA  . ILE A 1 102 ? 9.791   -12.531 12.888  1.00 10.65 ? 102  ILE A CA  1 
ATOM   649 C C   . ILE A 1 102 ? 10.516  -13.866 12.711  1.00 11.02 ? 102  ILE A C   1 
ATOM   650 O O   . ILE A 1 102 ? 10.874  -14.512 13.691  1.00 11.47 ? 102  ILE A O   1 
ATOM   651 C CB  . ILE A 1 102 ? 8.256   -12.704 12.994  1.00 10.54 ? 102  ILE A CB  1 
ATOM   652 C CG1 . ILE A 1 102 ? 7.619   -11.393 13.461  1.00 10.61 ? 102  ILE A CG1 1 
ATOM   653 C CG2 . ILE A 1 102 ? 7.883   -13.862 13.911  1.00 11.33 ? 102  ILE A CG2 1 
ATOM   654 C CD1 . ILE A 1 102 ? 6.114   -11.394 13.456  1.00 10.64 ? 102  ILE A CD1 1 
ATOM   655 N N   . ARG A 1 103 ? 10.754  -14.266 11.467  1.00 10.90 ? 103  ARG A N   1 
ATOM   656 C CA  . ARG A 1 103 ? 11.378  -15.557 11.195  1.00 11.45 ? 103  ARG A CA  1 
ATOM   657 C C   . ARG A 1 103 ? 12.760  -15.714 11.834  1.00 11.65 ? 103  ARG A C   1 
ATOM   658 O O   . ARG A 1 103 ? 13.108  -16.798 12.304  1.00 12.71 ? 103  ARG A O   1 
ATOM   659 C CB  . ARG A 1 103 ? 11.475  -15.777 9.687   1.00 12.41 ? 103  ARG A CB  1 
ATOM   660 C CG  . ARG A 1 103 ? 11.897  -17.171 9.292   1.00 13.72 ? 103  ARG A CG  1 
ATOM   661 C CD  . ARG A 1 103 ? 12.076  -17.252 7.803   1.00 15.77 ? 103  ARG A CD  1 
ATOM   662 N NE  . ARG A 1 103 ? 12.388  -18.606 7.378   1.00 16.65 ? 103  ARG A NE  1 
ATOM   663 C CZ  . ARG A 1 103 ? 12.891  -18.907 6.189   1.00 17.99 ? 103  ARG A CZ  1 
ATOM   664 N NH1 . ARG A 1 103 ? 13.140  -17.942 5.315   1.00 19.79 ? 103  ARG A NH1 1 
ATOM   665 N NH2 . ARG A 1 103 ? 13.152  -20.168 5.873   1.00 20.39 ? 103  ARG A NH2 1 
ATOM   666 N N   . THR A 1 104 ? 13.527  -14.627 11.855  1.00 11.93 ? 104  THR A N   1 
ATOM   667 C CA  . THR A 1 104 ? 14.923  -14.666 12.282  1.00 11.99 ? 104  THR A CA  1 
ATOM   668 C C   . THR A 1 104 ? 15.219  -13.723 13.450  1.00 12.85 ? 104  THR A C   1 
ATOM   669 O O   . THR A 1 104 ? 16.314  -13.759 14.005  1.00 15.71 ? 104  THR A O   1 
ATOM   670 C CB  . THR A 1 104 ? 15.854  -14.249 11.139  1.00 13.44 ? 104  THR A CB  1 
ATOM   671 O OG1 . THR A 1 104 ? 15.462  -12.947 10.696  1.00 14.17 ? 104  THR A OG1 1 
ATOM   672 C CG2 . THR A 1 104 ? 15.773  -15.239 9.982   1.00 14.93 ? 104  THR A CG2 1 
ATOM   673 N N   . GLY A 1 105 ? 14.268  -12.866 13.812  1.00 12.43 ? 105  GLY A N   1 
ATOM   674 C CA  . GLY A 1 105 ? 14.500  -11.878 14.852  1.00 13.21 ? 105  GLY A CA  1 
ATOM   675 C C   . GLY A 1 105 ? 15.407  -10.730 14.436  1.00 12.97 ? 105  GLY A C   1 
ATOM   676 O O   . GLY A 1 105 ? 15.888  -9.979  15.278  1.00 16.17 ? 105  GLY A O   1 
ATOM   677 N N   . GLU A 1 106 ? 15.634  -10.577 13.137  1.00 11.91 ? 106  GLU A N   1 
ATOM   678 C CA  . GLU A 1 106 ? 16.554  -9.561  12.629  1.00 12.04 ? 106  GLU A CA  1 
ATOM   679 C C   . GLU A 1 106 ? 15.895  -8.214  12.383  1.00 11.53 ? 106  GLU A C   1 
ATOM   680 O O   . GLU A 1 106 ? 14.823  -8.133  11.782  1.00 13.17 ? 106  GLU A O   1 
ATOM   681 C CB  . GLU A 1 106 ? 17.193  -10.048 11.329  1.00 12.07 ? 106  GLU A CB  1 
ATOM   682 C CG  . GLU A 1 106 ? 18.143  -11.201 11.553  1.00 13.40 ? 106  GLU A CG  1 
ATOM   683 C CD  . GLU A 1 106 ? 18.529  -11.943 10.285  1.00 14.75 ? 106  GLU A CD  1 
ATOM   684 O OE1 . GLU A 1 106 ? 17.681  -12.103 9.367   1.00 14.61 ? 106  GLU A OE1 1 
ATOM   685 O OE2 . GLU A 1 106 ? 19.687  -12.408 10.226  1.00 17.39 ? 106  GLU A OE2 1 
ATOM   686 N N   . THR A 1 107 ? 16.561  -7.158  12.845  1.00 12.06 ? 107  THR A N   1 
ATOM   687 C CA  . THR A 1 107 ? 16.144  -5.782  12.606  1.00 12.30 ? 107  THR A CA  1 
ATOM   688 C C   . THR A 1 107 ? 16.667  -5.286  11.261  1.00 12.11 ? 107  THR A C   1 
ATOM   689 O O   . THR A 1 107 ? 17.752  -5.668  10.832  1.00 12.81 ? 107  THR A O   1 
ATOM   690 C CB  . THR A 1 107 ? 16.631  -4.873  13.744  1.00 14.54 ? 107  THR A CB  1 
ATOM   691 O OG1 . THR A 1 107 ? 15.969  -5.257  14.952  1.00 18.05 ? 107  THR A OG1 1 
ATOM   692 C CG2 . THR A 1 107 ? 16.340  -3.398  13.471  1.00 17.61 ? 107  THR A CG2 1 
ATOM   693 N N   . ASN A 1 108 ? 15.878  -4.447  10.598  1.00 12.84 ? 108  ASN A N   1 
ATOM   694 C CA  . ASN A 1 108 ? 16.190  -3.933  9.263   1.00 13.27 ? 108  ASN A CA  1 
ATOM   695 C C   . ASN A 1 108 ? 17.402  -3.021  9.190   1.00 14.50 ? 108  ASN A C   1 
ATOM   696 O O   . ASN A 1 108 ? 17.781  -2.395  10.183  1.00 15.66 ? 108  ASN A O   1 
ATOM   697 C CB  . ASN A 1 108 ? 14.998  -3.145  8.726   1.00 13.31 ? 108  ASN A CB  1 
ATOM   698 C CG  . ASN A 1 108 ? 14.812  -1.815  9.439   1.00 14.39 ? 108  ASN A CG  1 
ATOM   699 O OD1 . ASN A 1 108 ? 14.456  -1.775  10.623  1.00 14.94 ? 108  ASN A OD1 1 
ATOM   700 N ND2 . ASN A 1 108 ? 15.045  -0.718  8.722   1.00 17.58 ? 108  ASN A ND2 1 
ATOM   701 N N   . THR A 1 109 ? 17.976  -2.954  7.989   1.00 14.72 ? 109  THR A N   1 
ATOM   702 C CA  . THR A 1 109 ? 18.937  -1.923  7.593   1.00 16.17 ? 109  THR A CA  1 
ATOM   703 C C   . THR A 1 109 ? 18.369  -1.010  6.498   1.00 18.74 ? 109  THR A C   1 
ATOM   704 O O   . THR A 1 109 ? 18.772  0.145   6.375   1.00 22.53 ? 109  THR A O   1 
ATOM   705 C CB  . THR A 1 109 ? 20.241  -2.537  7.044   1.00 15.34 ? 109  THR A CB  1 
ATOM   706 O OG1 . THR A 1 109 ? 19.956  -3.323  5.878   1.00 15.60 ? 109  THR A OG1 1 
ATOM   707 C CG2 . THR A 1 109 ? 20.935  -3.392  8.095   1.00 16.94 ? 109  THR A CG2 1 
ATOM   708 N N   . GLU A 1 110 ? 17.442  -1.531  5.698   1.00 17.83 ? 110  GLU A N   1 
ATOM   709 C CA  . GLU A 1 110 ? 16.981  -0.838  4.493   1.00 19.41 ? 110  GLU A CA  1 
ATOM   710 C C   . GLU A 1 110 ? 15.622  -0.174  4.671   1.00 19.42 ? 110  GLU A C   1 
ATOM   711 O O   . GLU A 1 110 ? 14.980  -0.326  5.708   1.00 19.48 ? 110  GLU A O   1 
ATOM   712 C CB  . GLU A 1 110 ? 16.936  -1.818  3.317   1.00 20.40 ? 110  GLU A CB  1 
ATOM   713 C CG  . GLU A 1 110 ? 15.839  -2.852  3.448   1.00 19.77 ? 110  GLU A CG  1 
ATOM   714 C CD  . GLU A 1 110 ? 16.240  -4.225  2.938   1.00 19.61 ? 110  GLU A CD  1 
ATOM   715 O OE1 . GLU A 1 110 ? 17.467  -4.543  2.873   1.00 18.61 ? 110  GLU A OE1 1 
ATOM   716 O OE2 . GLU A 1 110 ? 15.298  -4.989  2.609   1.00 21.33 ? 110  GLU A OE2 1 
HETATM 717 P P   . PO4 B 2 .   ? -3.316  0.786   10.521  0.33 17.42 ? 1111 PO4 A P   1 
HETATM 718 O O1  . PO4 B 2 .   ? -3.844  0.332   11.861  0.33 20.48 ? 1111 PO4 A O1  1 
HETATM 719 O O2  . PO4 B 2 .   ? -2.145  1.723   10.709  0.33 19.96 ? 1111 PO4 A O2  1 
HETATM 720 O O3  . PO4 B 2 .   ? -2.878  -0.419  9.726   0.33 19.80 ? 1111 PO4 A O3  1 
HETATM 721 O O4  . PO4 B 2 .   ? -4.405  1.491   9.750   0.33 20.14 ? 1111 PO4 A O4  1 
HETATM 722 P P   . PO4 C 2 .   ? -7.654  -2.905  10.108  0.33 15.79 ? 1112 PO4 A P   1 
HETATM 723 O O1  . PO4 C 2 .   ? -7.076  -4.288  9.943   0.33 16.16 ? 1112 PO4 A O1  1 
HETATM 724 O O2  . PO4 C 2 .   ? -8.402  -2.861  11.414  0.33 16.77 ? 1112 PO4 A O2  1 
HETATM 725 O O3  . PO4 C 2 .   ? -6.535  -1.904  10.155  0.33 16.94 ? 1112 PO4 A O3  1 
HETATM 726 O O4  . PO4 C 2 .   ? -8.599  -2.614  8.965   0.33 17.83 ? 1112 PO4 A O4  1 
HETATM 727 P P   . PO4 D 2 .   ? -16.647 4.913   -9.419  1.00 38.01 ? 1113 PO4 A P   1 
HETATM 728 O O1  . PO4 D 2 .   ? -16.988 3.750   -10.324 1.00 39.11 ? 1113 PO4 A O1  1 
HETATM 729 O O2  . PO4 D 2 .   ? -15.300 5.462   -9.819  1.00 34.33 ? 1113 PO4 A O2  1 
HETATM 730 O O3  . PO4 D 2 .   ? -17.702 5.981   -9.608  1.00 40.60 ? 1113 PO4 A O3  1 
HETATM 731 O O4  . PO4 D 2 .   ? -16.621 4.454   -7.981  1.00 38.88 ? 1113 PO4 A O4  1 
HETATM 732 O O   . HOH E 3 .   ? 11.889  5.501   8.174   1.00 41.74 ? 2001 HOH A O   1 
HETATM 733 O O   . HOH E 3 .   ? 14.057  -5.045  5.709   1.00 28.88 ? 2002 HOH A O   1 
HETATM 734 O O   . HOH E 3 .   ? -11.214 7.030   0.501   1.00 20.15 ? 2003 HOH A O   1 
HETATM 735 O O   . HOH E 3 .   ? -4.825  -1.004  -14.792 1.00 49.15 ? 2004 HOH A O   1 
HETATM 736 O O   . HOH E 3 .   ? -10.881 5.358   -1.838  1.00 15.06 ? 2005 HOH A O   1 
HETATM 737 O O   . HOH E 3 .   ? -1.258  -15.275 -6.627  1.00 38.07 ? 2006 HOH A O   1 
HETATM 738 O O   . HOH E 3 .   ? 0.530   -0.740  -15.705 1.00 45.23 ? 2007 HOH A O   1 
HETATM 739 O O   . HOH E 3 .   ? 5.709   0.230   -11.703 1.00 39.17 ? 2008 HOH A O   1 
HETATM 740 O O   . HOH E 3 .   ? 6.641   -2.833  -13.291 1.00 41.27 ? 2009 HOH A O   1 
HETATM 741 O O   . HOH E 3 .   ? -9.056  3.873   -5.968  1.00 11.86 ? 2010 HOH A O   1 
HETATM 742 O O   . HOH E 3 .   ? -11.257 -2.784  -12.532 1.00 35.97 ? 2011 HOH A O   1 
HETATM 743 O O   . HOH E 3 .   ? -10.211 3.241   -14.532 1.00 29.83 ? 2012 HOH A O   1 
HETATM 744 O O   . HOH E 3 .   ? -5.947  3.087   -13.544 1.00 28.15 ? 2013 HOH A O   1 
HETATM 745 O O   . HOH E 3 .   ? -10.045 -1.185  -13.638 1.00 38.22 ? 2014 HOH A O   1 
HETATM 746 O O   . HOH E 3 .   ? -6.339  0.674   -13.252 1.00 27.53 ? 2015 HOH A O   1 
HETATM 747 O O   . HOH E 3 .   ? -13.109 -7.671  7.523   1.00 48.13 ? 2016 HOH A O   1 
HETATM 748 O O   . HOH E 3 .   ? -15.770 -6.270  6.465   1.00 51.40 ? 2017 HOH A O   1 
HETATM 749 O O   . HOH E 3 .   ? -19.306 -3.140  3.230   1.00 47.45 ? 2018 HOH A O   1 
HETATM 750 O O   . HOH E 3 .   ? -24.055 1.875   7.795   1.00 31.80 ? 2019 HOH A O   1 
HETATM 751 O O   . HOH E 3 .   ? -20.049 0.012   13.677  1.00 31.51 ? 2020 HOH A O   1 
HETATM 752 O O   . HOH E 3 .   ? -12.962 11.490  0.804   1.00 40.65 ? 2021 HOH A O   1 
HETATM 753 O O   . HOH E 3 .   ? -1.809  -2.867  -12.989 1.00 21.17 ? 2022 HOH A O   1 
HETATM 754 O O   . HOH E 3 .   ? -11.328 -5.038  -13.531 1.00 50.85 ? 2023 HOH A O   1 
HETATM 755 O O   . HOH E 3 .   ? -8.437  -2.752  -15.551 1.00 33.27 ? 2024 HOH A O   1 
HETATM 756 O O   . HOH E 3 .   ? -9.912  -5.099  -15.707 1.00 44.30 ? 2025 HOH A O   1 
HETATM 757 O O   . HOH E 3 .   ? 0.477   -7.991  -5.121  1.00 17.47 ? 2026 HOH A O   1 
HETATM 758 O O   . HOH E 3 .   ? -1.383  -10.375 -5.134  1.00 19.22 ? 2027 HOH A O   1 
HETATM 759 O O   . HOH E 3 .   ? -2.212  -13.146 -5.048  1.00 20.52 ? 2028 HOH A O   1 
HETATM 760 O O   . HOH E 3 .   ? -3.681  -3.710  -14.836 1.00 51.96 ? 2029 HOH A O   1 
HETATM 761 O O   . HOH E 3 .   ? 0.415   -3.088  -13.867 1.00 38.69 ? 2030 HOH A O   1 
HETATM 762 O O   . HOH E 3 .   ? -3.436  -8.093  -16.682 1.00 34.84 ? 2031 HOH A O   1 
HETATM 763 O O   . HOH E 3 .   ? 4.522   -2.201  -11.717 1.00 22.22 ? 2032 HOH A O   1 
HETATM 764 O O   . HOH E 3 .   ? -27.870 3.002   6.618   1.00 42.63 ? 2033 HOH A O   1 
HETATM 765 O O   . HOH E 3 .   ? -24.859 0.794   3.057   1.00 40.31 ? 2034 HOH A O   1 
HETATM 766 O O   . HOH E 3 .   ? 8.414   -9.495  -10.632 1.00 49.55 ? 2035 HOH A O   1 
HETATM 767 O O   . HOH E 3 .   ? 6.544   -10.635 -7.522  1.00 43.77 ? 2036 HOH A O   1 
HETATM 768 O O   . HOH E 3 .   ? 2.984   -10.886 -5.333  1.00 27.10 ? 2037 HOH A O   1 
HETATM 769 O O   . HOH E 3 .   ? -19.875 1.209   -3.848  1.00 40.47 ? 2038 HOH A O   1 
HETATM 770 O O   . HOH E 3 .   ? -17.305 1.725   -5.245  1.00 46.75 ? 2039 HOH A O   1 
HETATM 771 O O   . HOH E 3 .   ? -16.560 -4.334  -1.828  1.00 41.65 ? 2040 HOH A O   1 
HETATM 772 O O   . HOH E 3 .   ? -13.707 -5.549  -1.151  1.00 47.81 ? 2041 HOH A O   1 
HETATM 773 O O   . HOH E 3 .   ? -12.727 9.062   -0.627  1.00 34.39 ? 2042 HOH A O   1 
HETATM 774 O O   . HOH E 3 .   ? -16.728 9.551   -2.769  1.00 36.48 ? 2043 HOH A O   1 
HETATM 775 O O   . HOH E 3 .   ? 5.210   -12.350 -11.336 1.00 53.88 ? 2044 HOH A O   1 
HETATM 776 O O   . HOH E 3 .   ? 8.042   -7.974  -13.696 1.00 40.91 ? 2045 HOH A O   1 
HETATM 777 O O   . HOH E 3 .   ? 5.382   -8.846  -14.397 1.00 33.43 ? 2046 HOH A O   1 
HETATM 778 O O   . HOH E 3 .   ? 11.438  -5.554  -2.873  1.00 40.39 ? 2047 HOH A O   1 
HETATM 779 O O   . HOH E 3 .   ? 10.981  -9.123  -3.106  1.00 43.00 ? 2048 HOH A O   1 
HETATM 780 O O   . HOH E 3 .   ? 9.944   -10.358 -5.070  1.00 48.60 ? 2049 HOH A O   1 
HETATM 781 O O   . HOH E 3 .   ? 2.764   -8.160  -3.610  1.00 36.64 ? 2050 HOH A O   1 
HETATM 782 O O   . HOH E 3 .   ? 5.701   -9.843  -5.501  1.00 38.74 ? 2051 HOH A O   1 
HETATM 783 O O   . HOH E 3 .   ? 12.892  8.462   -3.191  1.00 41.20 ? 2052 HOH A O   1 
HETATM 784 O O   . HOH E 3 .   ? 9.340   -6.305  -1.122  1.00 27.41 ? 2053 HOH A O   1 
HETATM 785 O O   . HOH E 3 .   ? 6.983   -5.848  2.672   1.00 45.65 ? 2054 HOH A O   1 
HETATM 786 O O   . HOH E 3 .   ? 12.114  6.476   -7.213  1.00 41.64 ? 2055 HOH A O   1 
HETATM 787 O O   . HOH E 3 .   ? 16.732  5.441   -7.631  1.00 50.87 ? 2056 HOH A O   1 
HETATM 788 O O   . HOH E 3 .   ? 20.362  0.593   2.983   1.00 37.46 ? 2057 HOH A O   1 
HETATM 789 O O   . HOH E 3 .   ? 2.747   -9.482  -1.418  1.00 21.43 ? 2058 HOH A O   1 
HETATM 790 O O   . HOH E 3 .   ? 4.367   -5.305  4.381   1.00 22.54 ? 2059 HOH A O   1 
HETATM 791 O O   . HOH E 3 .   ? 3.548   -6.881  5.743   1.00 33.94 ? 2060 HOH A O   1 
HETATM 792 O O   . HOH E 3 .   ? 1.893   -4.981  5.897   1.00 38.26 ? 2061 HOH A O   1 
HETATM 793 O O   . HOH E 3 .   ? 11.772  11.799  -5.157  1.00 48.31 ? 2062 HOH A O   1 
HETATM 794 O O   . HOH E 3 .   ? 9.821   9.458   -8.538  1.00 41.11 ? 2063 HOH A O   1 
HETATM 795 O O   . HOH E 3 .   ? 8.725   14.158  -4.311  1.00 41.04 ? 2064 HOH A O   1 
HETATM 796 O O   . HOH E 3 .   ? 7.069   12.949  -7.052  1.00 39.97 ? 2065 HOH A O   1 
HETATM 797 O O   . HOH E 3 .   ? 8.410   12.056  -9.022  1.00 50.31 ? 2066 HOH A O   1 
HETATM 798 O O   . HOH E 3 .   ? 11.215  12.521  -7.925  1.00 45.64 ? 2067 HOH A O   1 
HETATM 799 O O   . HOH E 3 .   ? 8.515   14.306  -9.142  1.00 42.44 ? 2068 HOH A O   1 
HETATM 800 O O   . HOH E 3 .   ? 12.134  8.979   -6.745  1.00 47.50 ? 2069 HOH A O   1 
HETATM 801 O O   . HOH E 3 .   ? 1.541   -10.838 2.280   1.00 18.36 ? 2070 HOH A O   1 
HETATM 802 O O   . HOH E 3 .   ? 4.455   3.585   -12.044 1.00 41.61 ? 2071 HOH A O   1 
HETATM 803 O O   . HOH E 3 .   ? 12.900  0.196   -13.518 1.00 48.89 ? 2072 HOH A O   1 
HETATM 804 O O   . HOH E 3 .   ? -4.504  -3.490  5.361   1.00 21.53 ? 2073 HOH A O   1 
HETATM 805 O O   . HOH E 3 .   ? 0.986   -10.068 4.875   1.00 19.81 ? 2074 HOH A O   1 
HETATM 806 O O   . HOH E 3 .   ? 3.271   1.712   -12.845 1.00 40.76 ? 2075 HOH A O   1 
HETATM 807 O O   . HOH E 3 .   ? -9.285  -8.450  4.423   1.00 43.47 ? 2076 HOH A O   1 
HETATM 808 O O   . HOH E 3 .   ? 3.425   9.888   -6.894  1.00 35.46 ? 2077 HOH A O   1 
HETATM 809 O O   . HOH E 3 .   ? -2.731  8.016   -14.359 1.00 43.86 ? 2078 HOH A O   1 
HETATM 810 O O   . HOH E 3 .   ? -3.902  1.797   -17.128 1.00 50.94 ? 2079 HOH A O   1 
HETATM 811 O O   . HOH E 3 .   ? -10.813 -6.872  6.581   1.00 33.97 ? 2080 HOH A O   1 
HETATM 812 O O   . HOH E 3 .   ? -10.702 -3.922  8.330   1.00 26.93 ? 2081 HOH A O   1 
HETATM 813 O O   . HOH E 3 .   ? -15.571 -3.428  6.664   1.00 47.05 ? 2082 HOH A O   1 
HETATM 814 O O   . HOH E 3 .   ? -8.627  11.563  -15.633 1.00 46.37 ? 2083 HOH A O   1 
HETATM 815 O O   . HOH E 3 .   ? -14.834 -3.029  1.884   1.00 32.03 ? 2084 HOH A O   1 
HETATM 816 O O   . HOH E 3 .   ? -16.381 -2.576  3.613   1.00 34.13 ? 2085 HOH A O   1 
HETATM 817 O O   . HOH E 3 .   ? -22.053 0.280   9.254   1.00 33.38 ? 2086 HOH A O   1 
HETATM 818 O O   . HOH E 3 .   ? -19.855 0.501   11.177  1.00 50.95 ? 2087 HOH A O   1 
HETATM 819 O O   . HOH E 3 .   ? -17.283 14.833  -9.596  1.00 48.49 ? 2088 HOH A O   1 
HETATM 820 O O   . HOH E 3 .   ? -18.135 10.307  -10.480 1.00 45.69 ? 2089 HOH A O   1 
HETATM 821 O O   . HOH E 3 .   ? -16.078 7.609   1.340   1.00 37.20 ? 2090 HOH A O   1 
HETATM 822 O O   . HOH E 3 .   ? -18.741 7.922   1.793   1.00 48.42 ? 2091 HOH A O   1 
HETATM 823 O O   . HOH E 3 .   ? -15.219 11.115  2.643   1.00 44.29 ? 2092 HOH A O   1 
HETATM 824 O O   . HOH E 3 .   ? -25.197 7.075   3.033   1.00 35.20 ? 2093 HOH A O   1 
HETATM 825 O O   . HOH E 3 .   ? -24.767 2.463   5.159   1.00 36.21 ? 2094 HOH A O   1 
HETATM 826 O O   . HOH E 3 .   ? -25.909 8.412   6.764   1.00 19.51 ? 2095 HOH A O   1 
HETATM 827 O O   . HOH E 3 .   ? -25.978 3.710   8.602   1.00 26.90 ? 2096 HOH A O   1 
HETATM 828 O O   . HOH E 3 .   ? 10.646  7.001   12.490  1.00 24.78 ? 2097 HOH A O   1 
HETATM 829 O O   . HOH E 3 .   ? 8.544   10.565  12.431  0.33 38.42 ? 2098 HOH A O   1 
HETATM 830 O O   . HOH E 3 .   ? -27.936 5.647   3.460   1.00 36.49 ? 2099 HOH A O   1 
HETATM 831 O O   . HOH E 3 .   ? 6.789   9.116   12.155  0.33 20.56 ? 2100 HOH A O   1 
HETATM 832 O O   . HOH E 3 .   ? -22.374 1.440   0.205   1.00 38.93 ? 2101 HOH A O   1 
HETATM 833 O O   . HOH E 3 .   ? -17.004 1.446   -3.101  1.00 25.33 ? 2102 HOH A O   1 
HETATM 834 O O   . HOH E 3 .   ? -14.397 -3.738  -0.113  1.00 49.86 ? 2103 HOH A O   1 
HETATM 835 O O   . HOH E 3 .   ? -15.242 7.892   -1.192  1.00 27.78 ? 2104 HOH A O   1 
HETATM 836 O O   . HOH E 3 .   ? -15.765 3.674   -3.623  1.00 35.42 ? 2105 HOH A O   1 
HETATM 837 O O   . HOH E 3 .   ? 17.841  -7.263  18.523  1.00 37.51 ? 2106 HOH A O   1 
HETATM 838 O O   . HOH E 3 .   ? -8.520  2.262   8.038   1.00 24.19 ? 2107 HOH A O   1 
HETATM 839 O O   . HOH E 3 .   ? 0.133   -3.890  7.581   1.00 34.60 ? 2108 HOH A O   1 
HETATM 840 O O   . HOH E 3 .   ? 8.545   -4.139  -0.006  1.00 37.68 ? 2109 HOH A O   1 
HETATM 841 O O   . HOH E 3 .   ? 8.184   -5.382  4.719   1.00 42.70 ? 2110 HOH A O   1 
HETATM 842 O O   . HOH E 3 .   ? 11.471  -2.904  -0.312  1.00 31.21 ? 2111 HOH A O   1 
HETATM 843 O O   . HOH E 3 .   ? 16.439  1.274   1.309   1.00 22.90 ? 2112 HOH A O   1 
HETATM 844 O O   . HOH E 3 .   ? 14.484  7.355   -0.014  1.00 42.61 ? 2113 HOH A O   1 
HETATM 845 O O   . HOH E 3 .   ? 11.959  5.869   -2.876  1.00 16.18 ? 2114 HOH A O   1 
HETATM 846 O O   . HOH E 3 .   ? 14.587  5.356   7.234   1.00 44.19 ? 2115 HOH A O   1 
HETATM 847 O O   . HOH E 3 .   ? 11.643  4.688   -5.327  1.00 18.13 ? 2116 HOH A O   1 
HETATM 848 O O   . HOH E 3 .   ? 15.785  5.036   -5.196  1.00 48.25 ? 2117 HOH A O   1 
HETATM 849 O O   . HOH E 3 .   ? 16.904  6.779   -0.099  1.00 50.54 ? 2118 HOH A O   1 
HETATM 850 O O   . HOH E 3 .   ? 20.780  2.912   -1.819  1.00 43.47 ? 2119 HOH A O   1 
HETATM 851 O O   . HOH E 3 .   ? 18.690  0.477   0.982   1.00 35.81 ? 2120 HOH A O   1 
HETATM 852 O O   . HOH E 3 .   ? 19.224  0.230   -2.504  1.00 34.48 ? 2121 HOH A O   1 
HETATM 853 O O   . HOH E 3 .   ? 8.333   11.139  1.742   1.00 47.00 ? 2122 HOH A O   1 
HETATM 854 O O   . HOH E 3 .   ? 11.036  10.600  -2.583  1.00 45.12 ? 2123 HOH A O   1 
HETATM 855 O O   . HOH E 3 .   ? 8.052   7.420   -8.521  1.00 38.73 ? 2124 HOH A O   1 
HETATM 856 O O   . HOH E 3 .   ? 9.341   11.490  -6.279  1.00 48.61 ? 2125 HOH A O   1 
HETATM 857 O O   . HOH E 3 .   ? 5.399   10.356  -8.505  1.00 46.67 ? 2126 HOH A O   1 
HETATM 858 O O   . HOH E 3 .   ? 6.620   2.798   -10.256 1.00 31.85 ? 2127 HOH A O   1 
HETATM 859 O O   . HOH E 3 .   ? 10.205  0.919   -10.619 1.00 44.51 ? 2128 HOH A O   1 
HETATM 860 O O   . HOH E 3 .   ? 0.867   0.891   -11.891 1.00 15.28 ? 2129 HOH A O   1 
HETATM 861 O O   . HOH E 3 .   ? 1.468   9.664   -7.969  1.00 38.56 ? 2130 HOH A O   1 
HETATM 862 O O   . HOH E 3 .   ? -2.928  10.018  -12.635 1.00 34.89 ? 2131 HOH A O   1 
HETATM 863 O O   . HOH E 3 .   ? -3.504  5.546   -14.354 1.00 23.22 ? 2132 HOH A O   1 
HETATM 864 O O   . HOH E 3 .   ? -3.105  1.161   -14.891 1.00 45.58 ? 2133 HOH A O   1 
HETATM 865 O O   . HOH E 3 .   ? -1.201  0.471   -13.570 1.00 33.98 ? 2134 HOH A O   1 
HETATM 866 O O   . HOH E 3 .   ? -6.198  5.972   -15.148 1.00 27.53 ? 2135 HOH A O   1 
HETATM 867 O O   . HOH E 3 .   ? -8.656  4.659   -15.766 1.00 40.80 ? 2136 HOH A O   1 
HETATM 868 O O   . HOH E 3 .   ? -7.188  10.265  -14.297 1.00 35.01 ? 2137 HOH A O   1 
HETATM 869 O O   . HOH E 3 .   ? -12.084 10.128  -15.196 1.00 25.47 ? 2138 HOH A O   1 
HETATM 870 O O   . HOH E 3 .   ? -10.862 6.405   -15.933 1.00 34.81 ? 2139 HOH A O   1 
HETATM 871 O O   . HOH E 3 .   ? -13.763 12.236  -14.293 1.00 39.57 ? 2140 HOH A O   1 
HETATM 872 O O   . HOH E 3 .   ? -10.885 11.101  -5.555  1.00 34.52 ? 2141 HOH A O   1 
HETATM 873 O O   . HOH E 3 .   ? -14.286 8.591   -15.986 1.00 25.84 ? 2142 HOH A O   1 
HETATM 874 O O   . HOH E 3 .   ? -12.923 2.963   -14.411 1.00 27.53 ? 2143 HOH A O   1 
HETATM 875 O O   . HOH E 3 .   ? -16.278 12.151  -10.429 1.00 28.12 ? 2144 HOH A O   1 
HETATM 876 O O   . HOH E 3 .   ? -17.037 8.243   -8.361  1.00 35.41 ? 2145 HOH A O   1 
HETATM 877 O O   . HOH E 3 .   ? -16.866 7.113   -4.859  1.00 44.71 ? 2146 HOH A O   1 
HETATM 878 O O   . HOH E 3 .   ? -14.675 11.842  -1.890  1.00 44.74 ? 2147 HOH A O   1 
HETATM 879 O O   . HOH E 3 .   ? -11.153 10.092  -2.443  1.00 23.61 ? 2148 HOH A O   1 
HETATM 880 O O   . HOH E 3 .   ? -8.701  8.167   1.279   1.00 20.50 ? 2149 HOH A O   1 
HETATM 881 O O   . HOH E 3 .   ? -9.731  10.787  0.033   1.00 40.67 ? 2150 HOH A O   1 
HETATM 882 O O   . HOH E 3 .   ? -10.847 12.479  1.804   1.00 45.70 ? 2151 HOH A O   1 
HETATM 883 O O   . HOH E 3 .   ? -8.363  11.185  3.241   1.00 37.56 ? 2152 HOH A O   1 
HETATM 884 O O   . HOH E 3 .   ? 10.586  9.558   11.249  1.00 48.72 ? 2153 HOH A O   1 
HETATM 885 O O   . HOH E 3 .   ? 6.000   9.359   9.329   1.00 19.54 ? 2154 HOH A O   1 
HETATM 886 O O   . HOH E 3 .   ? 12.472  6.310   10.447  1.00 41.18 ? 2155 HOH A O   1 
HETATM 887 O O   . HOH E 3 .   ? 15.883  0.141   12.418  1.00 36.62 ? 2156 HOH A O   1 
HETATM 888 O O   . HOH E 3 .   ? 15.227  1.890   10.253  1.00 41.46 ? 2157 HOH A O   1 
HETATM 889 O O   . HOH E 3 .   ? 14.887  4.470   13.306  1.00 44.26 ? 2158 HOH A O   1 
HETATM 890 O O   . HOH E 3 .   ? 15.950  -7.425  8.778   1.00 18.37 ? 2159 HOH A O   1 
HETATM 891 O O   . HOH E 3 .   ? 10.539  -9.127  3.063   1.00 41.74 ? 2160 HOH A O   1 
HETATM 892 O O   . HOH E 3 .   ? 9.695   -13.095 9.056   1.00 14.01 ? 2161 HOH A O   1 
HETATM 893 O O   . HOH E 3 .   ? 15.069  -18.783 3.218   1.00 36.58 ? 2162 HOH A O   1 
HETATM 894 O O   . HOH E 3 .   ? 13.980  -22.456 7.699   1.00 43.48 ? 2163 HOH A O   1 
HETATM 895 O O   . HOH E 3 .   ? 13.537  -21.183 3.245   1.00 41.48 ? 2164 HOH A O   1 
HETATM 896 O O   . HOH E 3 .   ? 15.522  -18.355 11.790  1.00 33.53 ? 2165 HOH A O   1 
HETATM 897 O O   . HOH E 3 .   ? 14.902  -17.872 14.889  1.00 38.10 ? 2166 HOH A O   1 
HETATM 898 O O   . HOH E 3 .   ? 18.515  -12.376 15.338  1.00 43.36 ? 2167 HOH A O   1 
HETATM 899 O O   . HOH E 3 .   ? 16.821  -7.471  15.998  1.00 26.12 ? 2168 HOH A O   1 
HETATM 900 O O   . HOH E 3 .   ? 17.196  -9.723  7.881   1.00 13.58 ? 2169 HOH A O   1 
HETATM 901 O O   . HOH E 3 .   ? 20.763  -13.005 12.879  1.00 32.50 ? 2170 HOH A O   1 
HETATM 902 O O   . HOH E 3 .   ? 17.718  -3.872  17.717  1.00 42.41 ? 2171 HOH A O   1 
HETATM 903 O O   . HOH E 3 .   ? 17.888  0.655   10.644  1.00 49.02 ? 2172 HOH A O   1 
HETATM 904 O O   . HOH E 3 .   ? 17.624  2.447   4.894   1.00 50.89 ? 2173 HOH A O   1 
HETATM 905 O O   . HOH E 3 .   ? 20.840  -2.070  3.435   1.00 20.25 ? 2174 HOH A O   1 
HETATM 906 O O   . HOH E 3 .   ? -0.301  3.262   11.039  0.33 29.50 ? 2175 HOH A O   1 
HETATM 907 O O   . HOH E 3 .   ? -18.058 1.659   -9.884  1.00 43.13 ? 2176 HOH A O   1 
HETATM 908 O O   . HOH E 3 .   ? -17.495 5.069   -5.643  1.00 34.64 ? 2177 HOH A O   1 
# 
loop_
_atom_site_anisotrop.id 
_atom_site_anisotrop.type_symbol 
_atom_site_anisotrop.pdbx_label_atom_id 
_atom_site_anisotrop.pdbx_label_alt_id 
_atom_site_anisotrop.pdbx_label_comp_id 
_atom_site_anisotrop.pdbx_label_asym_id 
_atom_site_anisotrop.pdbx_label_seq_id 
_atom_site_anisotrop.pdbx_PDB_ins_code 
_atom_site_anisotrop.U[1][1] 
_atom_site_anisotrop.U[2][2] 
_atom_site_anisotrop.U[3][3] 
_atom_site_anisotrop.U[1][2] 
_atom_site_anisotrop.U[1][3] 
_atom_site_anisotrop.U[2][3] 
_atom_site_anisotrop.pdbx_auth_seq_id 
_atom_site_anisotrop.pdbx_auth_comp_id 
_atom_site_anisotrop.pdbx_auth_asym_id 
_atom_site_anisotrop.pdbx_auth_atom_id 
1   N N   . MET A 1   ? 0.1295 0.4290 0.2235 0.0226  0.0159  -0.0014 1    MET A N   
2   C CA  A MET A 1   ? 0.1327 0.3831 0.1895 0.0359  0.0218  0.0105  1    MET A CA  
3   C CA  B MET A 1   ? 0.1044 0.3505 0.1709 0.0453  0.0235  -0.0003 1    MET A CA  
4   C C   . MET A 1   ? 0.1078 0.3071 0.1329 0.0053  0.0237  0.0004  1    MET A C   
5   O O   . MET A 1   ? 0.1212 0.3114 0.1378 -0.0309 0.0016  -0.0018 1    MET A O   
6   C CB  A MET A 1   ? 0.2186 0.4015 0.2072 0.0793  0.0177  0.0453  1    MET A CB  
7   C CB  B MET A 1   ? 0.1571 0.3087 0.1533 0.1046  0.0329  0.0029  1    MET A CB  
8   C CG  A MET A 1   ? 0.3048 0.4370 0.2483 0.0877  0.0352  0.0523  1    MET A CG  
9   C CG  B MET A 1   ? 0.1829 0.3136 0.2271 0.0920  0.0343  -0.0106 1    MET A CG  
10  S SD  A MET A 1   ? 0.3771 0.4414 0.2695 0.0993  0.0457  0.0884  1    MET A SD  
11  S SD  B MET A 1   ? 0.1696 0.2748 0.2490 0.0662  0.0286  0.0132  1    MET A SD  
12  C CE  A MET A 1   ? 0.3746 0.4278 0.2386 0.1202  0.0387  0.1092  1    MET A CE  
13  C CE  B MET A 1   ? 0.1481 0.3127 0.2487 0.1051  0.0202  0.0165  1    MET A CE  
14  N N   . LYS A 2   ? 0.0934 0.2024 0.1422 0.0139  0.0016  0.0036  2    LYS A N   
15  C CA  . LYS A 2   ? 0.1075 0.1533 0.1404 0.0007  0.0068  0.0108  2    LYS A CA  
16  C C   . LYS A 2   ? 0.0974 0.1256 0.1185 0.0118  0.0096  -0.0071 2    LYS A C   
17  O O   . LYS A 2   ? 0.1206 0.1409 0.1524 0.0095  0.0166  -0.0272 2    LYS A O   
18  C CB  . LYS A 2   ? 0.1387 0.1695 0.1817 -0.0112 0.0156  0.0312  2    LYS A CB  
19  C CG  . LYS A 2   ? 0.2098 0.1888 0.2571 -0.0433 0.0427  -0.0003 2    LYS A CG  
20  C CD  . LYS A 2   ? 0.2231 0.2338 0.3077 -0.0728 0.0464  -0.0267 2    LYS A CD  
21  C CE  . LYS A 2   ? 0.2795 0.3001 0.3665 -0.0806 0.0247  -0.0387 2    LYS A CE  
22  N NZ  . LYS A 2   ? 0.2805 0.3511 0.3754 -0.0776 0.0123  -0.0348 2    LYS A NZ  
23  N N   . LEU A 3   ? 0.0965 0.1116 0.1133 0.0094  0.0041  0.0037  3    LEU A N   
24  C CA  . LEU A 3   ? 0.0966 0.1268 0.1064 0.0040  0.0008  0.0100  3    LEU A CA  
25  C C   . LEU A 3   ? 0.0986 0.1053 0.1231 0.0049  0.0007  -0.0022 3    LEU A C   
26  O O   . LEU A 3   ? 0.1499 0.1175 0.1273 0.0243  -0.0211 -0.0107 3    LEU A O   
27  C CB  . LEU A 3   ? 0.1138 0.1449 0.1278 -0.0059 0.0111  -0.0020 3    LEU A CB  
28  C CG  . LEU A 3   ? 0.1413 0.1862 0.1461 -0.0270 0.0347  -0.0068 3    LEU A CG  
29  C CD1 . LEU A 3   ? 0.1987 0.2146 0.1882 -0.0717 0.0519  -0.0092 3    LEU A CD1 
30  C CD2 . LEU A 3   ? 0.1595 0.2690 0.1584 -0.0346 0.0318  0.0017  3    LEU A CD2 
31  N N   . VAL A 4   ? 0.0979 0.1073 0.1039 0.0044  -0.0104 0.0024  4    VAL A N   
32  C CA  . VAL A 4   ? 0.1147 0.1134 0.1028 0.0041  -0.0034 0.0008  4    VAL A CA  
33  C C   . VAL A 4   ? 0.1094 0.1076 0.1117 0.0039  -0.0034 -0.0103 4    VAL A C   
34  O O   . VAL A 4   ? 0.1223 0.0964 0.1741 -0.0029 -0.0117 -0.0103 4    VAL A O   
35  C CB  . VAL A 4   ? 0.1256 0.1314 0.1120 0.0153  -0.0053 -0.0029 4    VAL A CB  
36  C CG1 . VAL A 4   ? 0.1579 0.1449 0.1139 0.0152  -0.0005 0.0004  4    VAL A CG1 
37  C CG2 . VAL A 4   ? 0.1377 0.1594 0.1357 0.0062  0.0221  -0.0022 4    VAL A CG2 
38  N N   . MET A 5   ? 0.0952 0.1151 0.1033 0.0136  -0.0070 -0.0049 5    MET A N   
39  C CA  . MET A 5   ? 0.1054 0.1334 0.1179 0.0074  -0.0121 -0.0021 5    MET A CA  
40  C C   . MET A 5   ? 0.1255 0.1057 0.1383 0.0023  -0.0232 -0.0055 5    MET A C   
41  O O   . MET A 5   ? 0.1967 0.0964 0.2462 -0.0331 -0.0860 0.0362  5    MET A O   
42  C CB  . MET A 5   ? 0.1218 0.2304 0.1441 -0.0170 0.0250  -0.0001 5    MET A CB  
43  C CG  . MET A 5   ? 0.2049 0.2796 0.1689 -0.0043 0.0283  -0.0086 5    MET A CG  
44  S SD  . MET A 5   ? 0.2744 0.2747 0.2384 0.0158  0.0534  -0.0171 5    MET A SD  
45  C CE  . MET A 5   ? 0.2455 0.1769 0.2146 -0.0754 0.1084  -0.0574 5    MET A CE  
46  N N   . ALA A 6   ? 0.1199 0.1111 0.1237 -0.0003 -0.0250 0.0097  6    ALA A N   
47  C CA  . ALA A 6   ? 0.1236 0.1532 0.1457 -0.0228 -0.0350 0.0394  6    ALA A CA  
48  C C   . ALA A 6   ? 0.1248 0.1085 0.1289 -0.0110 -0.0216 0.0188  6    ALA A C   
49  O O   . ALA A 6   ? 0.1201 0.1036 0.1635 -0.0056 -0.0145 0.0225  6    ALA A O   
50  C CB  . ALA A 6   ? 0.1362 0.2433 0.1395 -0.0316 -0.0184 0.0621  6    ALA A CB  
51  N N   . ILE A 7   ? 0.1216 0.1081 0.1139 -0.0085 -0.0238 -0.0021 7    ILE A N   
52  C CA  . ILE A 7   ? 0.1265 0.1317 0.1045 0.0037  -0.0214 -0.0167 7    ILE A CA  
53  C C   . ILE A 7   ? 0.1169 0.1024 0.1154 0.0046  -0.0158 -0.0137 7    ILE A C   
54  O O   . ILE A 7   ? 0.1703 0.1079 0.1294 0.0080  -0.0392 -0.0057 7    ILE A O   
55  C CB  . ILE A 7   ? 0.1630 0.1474 0.1228 0.0110  -0.0126 -0.0391 7    ILE A CB  
56  C CG1 . ILE A 7   ? 0.2303 0.1621 0.1313 0.0197  -0.0283 -0.0265 7    ILE A CG1 
57  C CG2 . ILE A 7   ? 0.1737 0.1902 0.1618 0.0294  0.0227  -0.0506 7    ILE A CG2 
58  C CD1 . ILE A 7   ? 0.2359 0.1615 0.1427 0.0167  -0.0177 -0.0178 7    ILE A CD1 
59  N N   . ILE A 8   ? 0.1120 0.1185 0.1053 0.0094  -0.0203 -0.0216 8    ILE A N   
60  C CA  . ILE A 8   ? 0.1176 0.1200 0.0966 -0.0074 -0.0185 -0.0066 8    ILE A CA  
61  C C   . ILE A 8   ? 0.1286 0.1195 0.1044 0.0105  0.0003  -0.0192 8    ILE A C   
62  O O   . ILE A 8   ? 0.1194 0.1322 0.1158 0.0102  -0.0083 -0.0231 8    ILE A O   
63  C CB  . ILE A 8   ? 0.1147 0.1215 0.1126 0.0049  -0.0024 -0.0121 8    ILE A CB  
64  C CG1 . ILE A 8   ? 0.1263 0.1200 0.1064 0.0125  -0.0036 -0.0089 8    ILE A CG1 
65  C CG2 . ILE A 8   ? 0.1216 0.1465 0.1272 -0.0131 -0.0120 -0.0044 8    ILE A CG2 
66  C CD1 . ILE A 8   ? 0.1486 0.1350 0.1138 0.0349  0.0041  -0.0112 8    ILE A CD1 
67  N N   . LYS A 9   ? 0.1207 0.1288 0.1052 0.0132  -0.0290 -0.0261 9    LYS A N   
68  C CA  . LYS A 9   ? 0.1330 0.1371 0.1292 0.0041  -0.0318 -0.0223 9    LYS A CA  
69  C C   . LYS A 9   ? 0.1204 0.1255 0.1110 -0.0056 -0.0252 -0.0262 9    LYS A C   
70  O O   . LYS A 9   ? 0.1145 0.1367 0.1131 0.0057  -0.0091 -0.0235 9    LYS A O   
71  C CB  . LYS A 9   ? 0.1524 0.1499 0.1330 0.0217  -0.0346 -0.0049 9    LYS A CB  
72  C CG  . LYS A 9   ? 0.1747 0.1365 0.1655 0.0256  -0.0384 0.0098  9    LYS A CG  
73  C CD  . LYS A 9   ? 0.1876 0.1473 0.1761 0.0282  -0.0298 0.0057  9    LYS A CD  
74  C CE  . LYS A 9   ? 0.1769 0.1649 0.1784 0.0270  -0.0349 0.0073  9    LYS A CE  
75  N NZ  . LYS A 9   ? 0.1823 0.1877 0.2036 0.0221  -0.0259 0.0091  9    LYS A NZ  
76  N N   . PRO A 10  ? 0.1230 0.1398 0.1203 -0.0044 -0.0107 -0.0343 10   PRO A N   
77  C CA  . PRO A 10  ? 0.1434 0.1346 0.1381 -0.0102 0.0038  -0.0292 10   PRO A CA  
78  C C   . PRO A 10  ? 0.1167 0.1431 0.1405 0.0007  0.0030  -0.0221 10   PRO A C   
79  O O   . PRO A 10  ? 0.1269 0.1311 0.1604 0.0060  0.0004  -0.0197 10   PRO A O   
80  C CB  . PRO A 10  ? 0.1498 0.1788 0.1570 -0.0194 0.0250  -0.0345 10   PRO A CB  
81  C CG  . PRO A 10  ? 0.1816 0.1795 0.1720 -0.0104 0.0255  -0.0397 10   PRO A CG  
82  C CD  . PRO A 10  ? 0.1333 0.1639 0.1527 -0.0200 0.0286  -0.0329 10   PRO A CD  
83  N N   . PHE A 11  ? 0.1191 0.1450 0.1288 -0.0037 -0.0256 -0.0405 11   PHE A N   
84  C CA  . PHE A 11  ? 0.1354 0.1722 0.1384 -0.0095 -0.0271 -0.0465 11   PHE A CA  
85  C C   . PHE A 11  ? 0.1561 0.1847 0.1412 -0.0122 -0.0079 -0.0715 11   PHE A C   
86  O O   . PHE A 11  ? 0.2082 0.3015 0.1770 -0.0756 0.0299  -0.1114 11   PHE A O   
87  C CB  . PHE A 11  ? 0.1726 0.1895 0.1662 -0.0108 -0.0790 -0.0276 11   PHE A CB  
88  C CG  . PHE A 11  ? 0.2438 0.2604 0.2528 -0.0237 -0.1474 0.0065  11   PHE A CG  
89  C CD1 . PHE A 11  ? 0.2819 0.2961 0.3514 -0.0466 -0.1510 0.0259  11   PHE A CD1 
90  C CD2 . PHE A 11  ? 0.2953 0.2081 0.3349 0.0215  -0.1872 -0.0148 11   PHE A CD2 
91  C CE1 . PHE A 11  ? 0.2900 0.2727 0.3922 -0.0203 -0.1724 0.0164  11   PHE A CE1 
92  C CE2 . PHE A 11  ? 0.3091 0.2357 0.3774 -0.0138 -0.1983 0.0024  11   PHE A CE2 
93  C CZ  . PHE A 11  ? 0.3127 0.2615 0.3787 -0.0387 -0.1755 0.0136  11   PHE A CZ  
94  N N   . LYS A 12  ? 0.1089 0.1323 0.1293 0.0006  -0.0165 -0.0265 12   LYS A N   
95  C CA  . LYS A 12  ? 0.1114 0.1282 0.1424 0.0053  -0.0118 -0.0242 12   LYS A CA  
96  C C   . LYS A 12  ? 0.1247 0.1178 0.1168 0.0047  -0.0019 -0.0241 12   LYS A C   
97  O O   . LYS A 12  ? 0.1120 0.1284 0.1331 0.0049  0.0012  -0.0215 12   LYS A O   
98  C CB  . LYS A 12  ? 0.1334 0.1106 0.1897 0.0074  -0.0137 -0.0267 12   LYS A CB  
99  C CG  . LYS A 12  ? 0.1644 0.1295 0.2024 0.0011  -0.0345 -0.0079 12   LYS A CG  
100 C CD  . LYS A 12  ? 0.2382 0.1599 0.2022 0.0181  -0.0120 0.0359  12   LYS A CD  
101 C CE  . LYS A 12  ? 0.2923 0.1905 0.2614 0.0395  0.0209  0.0291  12   LYS A CE  
102 N NZ  . LYS A 12  ? 0.3379 0.2328 0.2689 0.0416  0.0224  0.0519  12   LYS A NZ  
103 N N   . LEU A 13  ? 0.1169 0.1289 0.1158 0.0053  -0.0106 -0.0289 13   LEU A N   
104 C CA  . LEU A 13  ? 0.1281 0.1310 0.1251 0.0147  0.0010  -0.0223 13   LEU A CA  
105 C C   . LEU A 13  ? 0.1203 0.1158 0.1292 -0.0080 0.0015  -0.0206 13   LEU A C   
106 O O   . LEU A 13  ? 0.1162 0.1190 0.1188 0.0020  -0.0045 -0.0130 13   LEU A O   
107 C CB  . LEU A 13  ? 0.1420 0.1452 0.1146 0.0082  -0.0019 -0.0110 13   LEU A CB  
108 C CG  . LEU A 13  ? 0.1571 0.1428 0.1182 0.0096  -0.0118 -0.0196 13   LEU A CG  
109 C CD1 . LEU A 13  ? 0.1649 0.1614 0.1303 0.0135  -0.0265 -0.0307 13   LEU A CD1 
110 C CD2 . LEU A 13  ? 0.1953 0.1666 0.1191 -0.0059 0.0069  -0.0078 13   LEU A CD2 
111 N N   . ASP A 14  ? 0.1351 0.1218 0.1197 -0.0041 0.0031  -0.0267 14   ASP A N   
112 C CA  . ASP A 14  ? 0.1476 0.1207 0.1319 -0.0110 0.0045  -0.0308 14   ASP A CA  
113 C C   . ASP A 14  ? 0.1495 0.1073 0.1007 0.0049  -0.0181 -0.0225 14   ASP A C   
114 O O   . ASP A 14  ? 0.1379 0.1154 0.1297 0.0130  0.0018  -0.0264 14   ASP A O   
115 C CB  . ASP A 14  ? 0.1675 0.1476 0.1518 -0.0372 -0.0037 -0.0415 14   ASP A CB  
116 C CG  . ASP A 14  ? 0.1810 0.1828 0.1623 -0.0277 0.0016  -0.0565 14   ASP A CG  
117 O OD1 . ASP A 14  ? 0.2041 0.1779 0.1799 -0.0421 0.0182  -0.0318 14   ASP A OD1 
118 O OD2 . ASP A 14  ? 0.1937 0.1911 0.2220 -0.0270 0.0041  -0.0618 14   ASP A OD2 
119 N N   . GLU A 15  ? 0.1263 0.1249 0.1179 0.0002  -0.0120 -0.0160 15   GLU A N   
120 C CA  . GLU A 15  ? 0.1465 0.1221 0.1295 -0.0006 -0.0204 -0.0079 15   GLU A CA  
121 C C   . GLU A 15  ? 0.1369 0.1090 0.1141 0.0013  0.0029  -0.0122 15   GLU A C   
122 O O   . GLU A 15  ? 0.1361 0.1228 0.1313 0.0102  0.0042  -0.0111 15   GLU A O   
123 C CB  . GLU A 15  ? 0.1651 0.1523 0.1626 0.0090  -0.0257 0.0080  15   GLU A CB  
124 C CG  . GLU A 15  ? 0.2038 0.2252 0.2238 -0.0052 -0.0356 -0.0057 15   GLU A CG  
125 C CD  . GLU A 15  ? 0.2322 0.2791 0.1916 -0.0015 -0.0411 -0.0347 15   GLU A CD  
126 O OE1 . GLU A 15  ? 0.2097 0.2714 0.1736 0.0557  -0.0245 -0.0654 15   GLU A OE1 
127 O OE2 . GLU A 15  ? 0.2678 0.3405 0.2106 -0.0266 -0.0292 -0.0138 15   GLU A OE2 
128 N N   . VAL A 16  ? 0.1428 0.1097 0.1154 0.0010  -0.0180 -0.0145 16   VAL A N   
129 C CA  . VAL A 16  ? 0.1355 0.1147 0.1249 0.0130  -0.0130 -0.0264 16   VAL A CA  
130 C C   . VAL A 16  ? 0.1286 0.1031 0.1167 0.0003  0.0012  -0.0244 16   VAL A C   
131 O O   . VAL A 16  ? 0.1214 0.1286 0.1379 0.0006  0.0078  -0.0260 16   VAL A O   
132 C CB  . VAL A 16  ? 0.1355 0.1092 0.1185 0.0057  0.0014  -0.0331 16   VAL A CB  
133 C CG1 . VAL A 16  ? 0.1490 0.1559 0.1238 0.0080  -0.0081 -0.0461 16   VAL A CG1 
134 C CG2 . VAL A 16  ? 0.1601 0.1173 0.1430 -0.0007 0.0055  -0.0336 16   VAL A CG2 
135 N N   . ARG A 17  ? 0.1307 0.1002 0.1242 0.0004  -0.0043 -0.0164 17   ARG A N   
136 C CA  . ARG A 17  ? 0.1304 0.1079 0.1411 0.0078  -0.0013 -0.0128 17   ARG A CA  
137 C C   . ARG A 17  ? 0.1196 0.1138 0.1377 0.0039  0.0021  -0.0313 17   ARG A C   
138 O O   . ARG A 17  ? 0.1235 0.1278 0.1551 0.0140  -0.0043 -0.0178 17   ARG A O   
139 C CB  . ARG A 17  ? 0.1362 0.1116 0.1312 -0.0067 0.0059  -0.0128 17   ARG A CB  
140 C CG  . ARG A 17  ? 0.1410 0.1293 0.1198 -0.0050 -0.0009 -0.0058 17   ARG A CG  
141 C CD  . ARG A 17  ? 0.1700 0.1204 0.1327 0.0020  0.0084  -0.0183 17   ARG A CD  
142 N NE  . ARG A 17  ? 0.2062 0.1319 0.1332 -0.0174 0.0221  -0.0234 17   ARG A NE  
143 C CZ  . ARG A 17  ? 0.2066 0.1547 0.1453 -0.0108 0.0275  -0.0186 17   ARG A CZ  
144 N NH1 . ARG A 17  ? 0.2226 0.1902 0.1642 -0.0540 0.0215  -0.0462 17   ARG A NH1 
145 N NH2 . ARG A 17  ? 0.2643 0.1326 0.1840 -0.0217 0.0626  -0.0251 17   ARG A NH2 
146 N N   . GLU A 18  ? 0.1409 0.1283 0.1244 0.0064  0.0069  -0.0313 18   GLU A N   
147 C CA  . GLU A 18  ? 0.1488 0.1448 0.1351 0.0097  0.0161  -0.0394 18   GLU A CA  
148 C C   . GLU A 18  ? 0.1350 0.1512 0.1370 0.0190  0.0099  -0.0254 18   GLU A C   
149 O O   . GLU A 18  ? 0.1275 0.1770 0.1515 0.0223  0.0223  -0.0231 18   GLU A O   
150 C CB  . GLU A 18  ? 0.1534 0.1959 0.1334 0.0202  -0.0035 -0.0396 18   GLU A CB  
151 C CG  . GLU A 18  ? 0.1912 0.2891 0.1351 0.0613  0.0106  -0.0425 18   GLU A CG  
152 C CD  . GLU A 18  ? 0.2404 0.3660 0.1508 0.0387  0.0150  -0.0289 18   GLU A CD  
153 O OE1 . GLU A 18  ? 0.2836 0.3985 0.1605 -0.0544 -0.0247 -0.0192 18   GLU A OE1 
154 O OE2 . GLU A 18  ? 0.2646 0.3928 0.2052 0.0500  0.0204  -0.0375 18   GLU A OE2 
155 N N   . ALA A 19  ? 0.1436 0.1401 0.1404 0.0102  0.0039  -0.0159 19   ALA A N   
156 C CA  . ALA A 19  ? 0.1542 0.1340 0.1716 0.0038  0.0044  -0.0001 19   ALA A CA  
157 C C   . ALA A 19  ? 0.1242 0.1437 0.1661 0.0044  0.0075  -0.0149 19   ALA A C   
158 O O   . ALA A 19  ? 0.1315 0.1715 0.1806 0.0051  0.0218  0.0018  19   ALA A O   
159 C CB  . ALA A 19  ? 0.1731 0.1310 0.2174 0.0059  0.0010  -0.0025 19   ALA A CB  
160 N N   . LEU A 20  ? 0.1317 0.1370 0.1469 0.0044  0.0063  -0.0204 20   LEU A N   
161 C CA  . LEU A 20  ? 0.1275 0.1505 0.1553 0.0035  0.0065  -0.0312 20   LEU A CA  
162 C C   . LEU A 20  ? 0.1185 0.1495 0.1367 0.0049  -0.0093 -0.0334 20   LEU A C   
163 O O   . LEU A 20  ? 0.1265 0.1780 0.1641 0.0155  -0.0182 -0.0329 20   LEU A O   
164 C CB  . LEU A 20  ? 0.1480 0.1514 0.1567 0.0018  0.0131  -0.0464 20   LEU A CB  
165 C CG  . LEU A 20  ? 0.1795 0.1749 0.1777 0.0093  0.0098  -0.0668 20   LEU A CG  
166 C CD1 . LEU A 20  ? 0.2101 0.2555 0.1689 0.0584  0.0156  -0.0477 20   LEU A CD1 
167 C CD2 . LEU A 20  ? 0.1789 0.1800 0.2853 -0.0017 0.0110  -0.0881 20   LEU A CD2 
168 N N   . THR A 21  ? 0.1349 0.1440 0.1311 0.0254  -0.0001 -0.0254 21   THR A N   
169 C CA  . THR A 21  ? 0.1430 0.1508 0.1546 0.0320  -0.0136 -0.0343 21   THR A CA  
170 C C   . THR A 21  ? 0.1467 0.1756 0.1457 0.0369  0.0022  -0.0410 21   THR A C   
171 O O   . THR A 21  ? 0.1472 0.1840 0.1903 0.0435  -0.0039 -0.0427 21   THR A O   
172 C CB  . THR A 21  ? 0.1609 0.1416 0.1533 0.0169  -0.0090 -0.0347 21   THR A CB  
173 O OG1 . THR A 21  ? 0.1668 0.1487 0.1652 0.0091  -0.0188 -0.0267 21   THR A OG1 
174 C CG2 . THR A 21  ? 0.1872 0.1535 0.1950 0.0290  -0.0135 -0.0528 21   THR A CG2 
175 N N   . SER A 22  ? 0.1465 0.1984 0.1453 0.0320  0.0076  -0.0333 22   SER A N   
176 C CA  . SER A 22  ? 0.1376 0.2603 0.1523 0.0227  -0.0003 -0.0295 22   SER A CA  
177 C C   . SER A 22  ? 0.1454 0.2518 0.1651 0.0242  0.0209  -0.0400 22   SER A C   
178 O O   . SER A 22  ? 0.1487 0.3044 0.2162 0.0207  0.0370  -0.0472 22   SER A O   
179 C CB  . SER A 22  ? 0.1579 0.3116 0.1360 -0.0007 -0.0011 -0.0116 22   SER A CB  
180 O OG  . SER A 22  ? 0.2084 0.3203 0.1832 0.0234  -0.0061 -0.0232 22   SER A OG  
181 N N   . LEU A 23  ? 0.1425 0.2328 0.1749 0.0033  -0.0042 -0.0178 23   LEU A N   
182 C CA  . LEU A 23  ? 0.1576 0.2392 0.1957 0.0033  0.0078  -0.0249 23   LEU A CA  
183 C C   . LEU A 23  ? 0.1487 0.2302 0.2129 0.0202  -0.0079 -0.0133 23   LEU A C   
184 O O   . LEU A 23  ? 0.1451 0.2417 0.2520 0.0060  -0.0081 -0.0276 23   LEU A O   
185 C CB  . LEU A 23  ? 0.1913 0.2392 0.2324 -0.0070 0.0064  -0.0361 23   LEU A CB  
186 C CG  . LEU A 23  ? 0.2336 0.2832 0.2842 -0.0205 0.0240  -0.0364 23   LEU A CG  
187 C CD1 . LEU A 23  ? 0.2597 0.3403 0.3312 -0.0482 0.0408  -0.0109 23   LEU A CD1 
188 C CD2 . LEU A 23  ? 0.2654 0.2608 0.3191 -0.0062 0.0131  -0.0580 23   LEU A CD2 
189 N N   . GLY A 24  ? 0.1536 0.2126 0.1970 0.0457  -0.0046 -0.0152 24   GLY A N   
190 C CA  . GLY A 24  ? 0.1647 0.2372 0.2034 0.0491  -0.0270 -0.0086 24   GLY A CA  
191 C C   . GLY A 24  ? 0.1733 0.2422 0.2109 0.0539  -0.0300 -0.0125 24   GLY A C   
192 O O   . GLY A 24  ? 0.2082 0.2855 0.2265 0.0953  -0.0460 -0.0295 24   GLY A O   
193 N N   . ILE A 25  ? 0.1552 0.1809 0.1903 0.0161  -0.0071 -0.0264 25   ILE A N   
194 C CA  . ILE A 25  ? 0.1683 0.1781 0.2064 0.0367  -0.0069 -0.0173 25   ILE A CA  
195 C C   . ILE A 25  ? 0.1752 0.2089 0.2361 0.0314  0.0287  0.0031  25   ILE A C   
196 O O   . ILE A 25  ? 0.1882 0.2767 0.2974 -0.0142 0.0193  0.0149  25   ILE A O   
197 C CB  . ILE A 25  ? 0.2008 0.1897 0.2106 0.0397  -0.0129 -0.0327 25   ILE A CB  
198 C CG1 . ILE A 25  ? 0.2215 0.1661 0.2287 0.0204  -0.0416 -0.0252 25   ILE A CG1 
199 C CG2 . ILE A 25  ? 0.2344 0.2206 0.2386 0.0665  -0.0011 -0.0257 25   ILE A CG2 
200 C CD1 . ILE A 25  ? 0.2321 0.1674 0.2521 0.0191  0.0009  -0.0229 25   ILE A CD1 
201 N N   . GLN A 26  ? 0.2232 0.1776 0.2333 0.0449  0.0509  0.0249  26   GLN A N   
202 C CA  . GLN A 26  ? 0.2365 0.1956 0.2502 0.0674  0.0860  0.0159  26   GLN A CA  
203 C C   . GLN A 26  ? 0.2139 0.1871 0.2360 0.0542  0.0513  -0.0057 26   GLN A C   
204 O O   . GLN A 26  ? 0.2541 0.2071 0.2812 0.0506  0.0280  -0.0262 26   GLN A O   
205 C CB  . GLN A 26  ? 0.2828 0.2484 0.2889 0.0841  0.1136  0.0481  26   GLN A CB  
206 C CG  . GLN A 26  ? 0.3193 0.2910 0.3137 0.0976  0.1101  0.0557  26   GLN A CG  
207 N N   . GLY A 27  ? 0.1895 0.2198 0.2198 0.0470  0.0537  -0.0192 27   GLY A N   
208 C CA  . GLY A 27  ? 0.1676 0.2277 0.2109 0.0543  0.0343  -0.0206 27   GLY A CA  
209 C C   . GLY A 27  ? 0.1529 0.2146 0.1800 0.0236  0.0190  -0.0323 27   GLY A C   
210 O O   . GLY A 27  ? 0.1747 0.2574 0.1647 0.0403  -0.0004 -0.0570 27   GLY A O   
211 N N   . LEU A 28  ? 0.1560 0.1608 0.1754 0.0116  0.0305  -0.0419 28   LEU A N   
212 C CA  . LEU A 28  ? 0.1388 0.1562 0.1753 0.0034  0.0158  -0.0256 28   LEU A CA  
213 C C   . LEU A 28  ? 0.1337 0.1100 0.1664 0.0032  0.0123  -0.0241 28   LEU A C   
214 O O   . LEU A 28  ? 0.1716 0.1191 0.1682 0.0013  0.0182  -0.0246 28   LEU A O   
215 C CB  . LEU A 28  ? 0.1555 0.1786 0.1723 -0.0068 0.0046  -0.0258 28   LEU A CB  
216 C CG  . LEU A 28  ? 0.1770 0.1784 0.1668 0.0022  0.0026  -0.0322 28   LEU A CG  
217 C CD1 . LEU A 28  ? 0.2034 0.1933 0.1943 0.0085  -0.0060 -0.0309 28   LEU A CD1 
218 C CD2 . LEU A 28  ? 0.2169 0.2166 0.1807 -0.0070 -0.0144 -0.0342 28   LEU A CD2 
219 N N   . THR A 29  ? 0.1136 0.1332 0.1433 0.0027  0.0206  -0.0153 29   THR A N   
220 C CA  . THR A 29  ? 0.1411 0.1441 0.1496 0.0207  0.0043  -0.0034 29   THR A CA  
221 C C   . THR A 29  ? 0.1224 0.1180 0.1706 0.0064  0.0266  0.0082  29   THR A C   
222 O O   . THR A 29  ? 0.1373 0.1008 0.2574 0.0034  0.0192  0.0332  29   THR A O   
223 C CB  . THR A 29  ? 0.2283 0.1921 0.1645 0.0549  -0.0204 0.0053  29   THR A CB  
224 O OG1 . THR A 29  ? 0.2730 0.2318 0.2151 0.0769  -0.0493 -0.0334 29   THR A OG1 
225 C CG2 . THR A 29  ? 0.2692 0.2369 0.1840 0.0023  -0.0031 0.0212  29   THR A CG2 
226 N N   . VAL A 30  ? 0.1383 0.1169 0.1312 0.0118  0.0203  0.0072  30   VAL A N   
227 C CA  . VAL A 30  ? 0.1380 0.1209 0.1407 0.0061  0.0167  0.0039  30   VAL A CA  
228 C C   . VAL A 30  ? 0.1340 0.1062 0.1529 0.0177  0.0088  0.0128  30   VAL A C   
229 O O   . VAL A 30  ? 0.1593 0.1023 0.1572 0.0033  0.0169  0.0238  30   VAL A O   
230 C CB  . VAL A 30  ? 0.1702 0.1708 0.1428 0.0065  -0.0113 0.0050  30   VAL A CB  
231 C CG1 . VAL A 30  ? 0.1998 0.1996 0.2152 0.0147  -0.0485 -0.0051 30   VAL A CG1 
232 C CG2 . VAL A 30  ? 0.2221 0.2136 0.1450 -0.0156 0.0225  0.0134  30   VAL A CG2 
233 N N   . SER A 31  ? 0.1476 0.1316 0.1632 0.0217  0.0350  0.0334  31   SER A N   
234 C CA  . SER A 31  ? 0.1658 0.1772 0.1752 0.0391  0.0393  0.0343  31   SER A CA  
235 C C   . SER A 31  ? 0.1374 0.1245 0.1868 0.0217  0.0321  0.0139  31   SER A C   
236 O O   . SER A 31  ? 0.1371 0.1408 0.1988 -0.0016 0.0078  0.0460  31   SER A O   
237 C CB  . SER A 31  ? 0.2059 0.2650 0.2059 0.0304  0.0145  0.0163  31   SER A CB  
238 O OG  . SER A 31  ? 0.2504 0.2433 0.1762 0.0313  0.0107  -0.0101 31   SER A OG  
239 N N   . GLU A 32  ? 0.1418 0.1560 0.2192 0.0213  0.0569  0.0019  32   GLU A N   
240 C CA  . GLU A 32  ? 0.1286 0.1678 0.2365 0.0095  0.0308  -0.0324 32   GLU A CA  
241 C C   . GLU A 32  ? 0.1406 0.1834 0.1756 0.0214  0.0322  -0.0065 32   GLU A C   
242 O O   . GLU A 32  ? 0.2165 0.2067 0.1757 0.0516  0.0495  0.0324  32   GLU A O   
243 C CB  . GLU A 32  ? 0.1735 0.2264 0.3073 -0.0179 0.0139  -0.0542 32   GLU A CB  
244 C CG  . GLU A 32  ? 0.2367 0.2609 0.3680 -0.0333 0.0002  -0.0689 32   GLU A CG  
245 N N   . VAL A 33  ? 0.1310 0.1720 0.1475 0.0155  0.0185  -0.0321 33   VAL A N   
246 C CA  . VAL A 33  ? 0.1187 0.1783 0.1400 0.0114  -0.0075 -0.0077 33   VAL A CA  
247 C C   . VAL A 33  ? 0.1207 0.1971 0.1001 0.0134  0.0015  -0.0116 33   VAL A C   
248 O O   . VAL A 33  ? 0.1318 0.2442 0.1177 0.0290  -0.0096 -0.0327 33   VAL A O   
249 C CB  . VAL A 33  ? 0.1097 0.2052 0.1349 0.0022  -0.0129 -0.0083 33   VAL A CB  
250 C CG1 . VAL A 33  ? 0.1294 0.2206 0.1687 0.0165  -0.0194 -0.0083 33   VAL A CG1 
251 C CG2 . VAL A 33  ? 0.1466 0.2275 0.1600 -0.0218 -0.0007 0.0107  33   VAL A CG2 
252 N N   . LYS A 34  ? 0.1405 0.1469 0.1179 0.0184  0.0001  -0.0118 34   LYS A N   
253 C CA  . LYS A 34  ? 0.1227 0.1561 0.1373 0.0170  -0.0072 -0.0120 34   LYS A CA  
254 C C   . LYS A 34  ? 0.1160 0.1490 0.1234 0.0078  -0.0155 -0.0041 34   LYS A C   
255 O O   . LYS A 34  ? 0.1473 0.1648 0.1156 -0.0032 -0.0269 -0.0032 34   LYS A O   
256 C CB  . LYS A 34  ? 0.1343 0.1704 0.1796 0.0016  0.0117  0.0004  34   LYS A CB  
257 C CG  . LYS A 34  ? 0.1679 0.2121 0.2564 -0.0161 0.0311  0.0077  34   LYS A CG  
258 C CD  . LYS A 34  ? 0.2154 0.2522 0.3188 -0.0279 0.0499  0.0283  34   LYS A CD  
259 C CE  . LYS A 34  ? 0.2639 0.3199 0.3969 -0.0247 0.0571  0.0248  34   LYS A CE  
260 N NZ  . LYS A 34  ? 0.3145 0.3696 0.4325 -0.0134 0.0540  0.0315  34   LYS A NZ  
261 N N   . GLY A 35  ? 0.1153 0.1578 0.1292 0.0188  -0.0137 0.0013  35   GLY A N   
262 C CA  . GLY A 35  ? 0.1417 0.1509 0.1653 0.0258  -0.0157 -0.0080 35   GLY A CA  
263 C C   . GLY A 35  ? 0.1421 0.1868 0.1798 0.0204  -0.0337 -0.0231 35   GLY A C   
264 O O   . GLY A 35  ? 0.1593 0.2185 0.1997 0.0407  -0.0591 -0.0318 35   GLY A O   
265 N N   . PHE A 36  ? 0.1451 0.1787 0.1658 0.0259  -0.0234 -0.0252 36   PHE A N   
266 C CA  . PHE A 36  ? 0.1500 0.2078 0.1772 0.0329  -0.0126 -0.0161 36   PHE A CA  
267 C C   . PHE A 36  ? 0.1506 0.2397 0.2887 0.0233  -0.0359 0.0105  36   PHE A C   
268 O O   . PHE A 36  ? 0.1862 0.1957 0.3285 0.0250  -0.0303 -0.0117 36   PHE A O   
269 C CB  . PHE A 36  ? 0.1697 0.2204 0.1560 0.0320  -0.0119 -0.0403 36   PHE A CB  
270 C CG  . PHE A 36  ? 0.1579 0.2275 0.1565 0.0423  -0.0088 -0.0437 36   PHE A CG  
271 C CD1 . PHE A 36  ? 0.1693 0.2365 0.1557 0.0523  -0.0047 -0.0088 36   PHE A CD1 
272 C CD2 . PHE A 36  ? 0.1524 0.2531 0.1840 0.0553  0.0127  -0.0314 36   PHE A CD2 
273 C CE1 . PHE A 36  ? 0.1719 0.2630 0.1628 0.0540  0.0134  -0.0025 36   PHE A CE1 
274 C CE2 . PHE A 36  ? 0.1702 0.2656 0.1884 0.0423  0.0092  -0.0247 36   PHE A CE2 
275 C CZ  . PHE A 36  ? 0.1778 0.2709 0.1627 0.0585  0.0147  -0.0132 36   PHE A CZ  
276 N N   . GLY A 37  ? 0.2062 0.2639 0.3492 0.0548  -0.0352 0.0230  37   GLY A N   
277 C CA  . GLY A 37  ? 0.2695 0.2903 0.4029 0.0436  -0.0434 0.0255  37   GLY A CA  
278 C C   . GLY A 37  ? 0.3166 0.3300 0.4141 0.0294  -0.0511 0.0436  37   GLY A C   
279 O O   . GLY A 37  ? 0.3134 0.3526 0.4487 0.0283  -0.0547 0.0353  37   GLY A O   
280 N N   . SER A 54  ? 0.1875 0.3066 0.3069 0.0716  -0.0299 -0.0805 54   SER A N   
281 C CA  . SER A 54  ? 0.1826 0.2904 0.2549 0.0530  -0.0119 -0.0793 54   SER A CA  
282 C C   . SER A 54  ? 0.1618 0.2686 0.2236 0.0730  0.0011  -0.0699 54   SER A C   
283 O O   . SER A 54  ? 0.1784 0.2769 0.2273 0.0371  -0.0110 -0.0680 54   SER A O   
284 C CB  . SER A 54  ? 0.1708 0.3180 0.2470 0.0506  0.0299  -0.0714 54   SER A CB  
285 O OG  . SER A 54  ? 0.1965 0.3402 0.2715 0.0586  0.0473  -0.0488 54   SER A OG  
286 N N   . PHE A 55  ? 0.1394 0.2914 0.1988 0.0544  0.0039  -0.0404 55   PHE A N   
287 C CA  . PHE A 55  ? 0.1377 0.2736 0.1797 0.0618  -0.0181 -0.0512 55   PHE A CA  
288 C C   . PHE A 55  ? 0.1459 0.2690 0.1620 0.0357  -0.0365 -0.0715 55   PHE A C   
289 O O   . PHE A 55  ? 0.1481 0.2916 0.2024 0.0195  -0.0240 -0.0793 55   PHE A O   
290 C CB  . PHE A 55  ? 0.1712 0.2458 0.1953 0.0421  -0.0050 -0.0473 55   PHE A CB  
291 C CG  . PHE A 55  ? 0.1777 0.2715 0.1831 0.0121  0.0080  -0.0291 55   PHE A CG  
292 C CD1 . PHE A 55  ? 0.1905 0.2559 0.2355 0.0109  -0.0033 -0.0430 55   PHE A CD1 
293 C CD2 . PHE A 55  ? 0.2225 0.3017 0.2545 -0.0078 0.0195  -0.0233 55   PHE A CD2 
294 C CE1 . PHE A 55  ? 0.2379 0.2641 0.2805 -0.0092 0.0208  -0.0409 55   PHE A CE1 
295 C CE2 . PHE A 55  ? 0.2596 0.3061 0.2815 -0.0046 0.0305  -0.0203 55   PHE A CE2 
296 C CZ  . PHE A 55  ? 0.2597 0.2874 0.3073 -0.0156 0.0244  -0.0278 55   PHE A CZ  
297 N N   . LEU A 56  ? 0.1340 0.2690 0.1521 0.0566  -0.0124 -0.0556 56   LEU A N   
298 C CA  . LEU A 56  ? 0.1494 0.2828 0.1427 0.0649  -0.0230 -0.0476 56   LEU A CA  
299 C C   . LEU A 56  ? 0.1213 0.2601 0.1386 0.0362  -0.0232 -0.0628 56   LEU A C   
300 O O   . LEU A 56  ? 0.1278 0.2486 0.1522 0.0391  -0.0370 -0.0701 56   LEU A O   
301 C CB  . LEU A 56  ? 0.1992 0.3263 0.1886 0.0904  -0.0049 -0.0066 56   LEU A CB  
302 C CG  . LEU A 56  ? 0.2533 0.3777 0.2408 0.0953  -0.0140 0.0232  56   LEU A CG  
303 C CD1 . LEU A 56  ? 0.2965 0.3847 0.2605 0.0878  0.0016  0.0416  56   LEU A CD1 
304 C CD2 . LEU A 56  ? 0.2945 0.4083 0.2806 0.0954  -0.0460 0.0182  56   LEU A CD2 
305 N N   . PRO A 57  ? 0.1253 0.2484 0.1723 0.0162  -0.0261 -0.0750 57   PRO A N   
306 C CA  . PRO A 57  ? 0.1351 0.2278 0.1932 0.0173  -0.0113 -0.0595 57   PRO A CA  
307 C C   . PRO A 57  ? 0.1358 0.1956 0.1389 0.0251  -0.0087 -0.0496 57   PRO A C   
308 O O   . PRO A 57  ? 0.1488 0.2178 0.1282 0.0366  -0.0113 -0.0313 57   PRO A O   
309 C CB  . PRO A 57  ? 0.1407 0.2722 0.2262 -0.0111 -0.0146 -0.0573 57   PRO A CB  
310 C CG  . PRO A 57  ? 0.2004 0.2785 0.2691 0.0046  -0.0466 -0.0768 57   PRO A CG  
311 C CD  . PRO A 57  ? 0.1685 0.2732 0.2256 0.0108  -0.0426 -0.0934 57   PRO A CD  
312 N N   . LYS A 58  ? 0.1221 0.1725 0.1365 0.0245  -0.0112 -0.0347 58   LYS A N   
313 C CA  . LYS A 58  ? 0.1267 0.1571 0.1310 0.0271  -0.0085 -0.0341 58   LYS A CA  
314 C C   . LYS A 58  ? 0.1419 0.1420 0.0965 0.0174  -0.0042 -0.0248 58   LYS A C   
315 O O   . LYS A 58  ? 0.1475 0.1640 0.1291 0.0232  0.0147  -0.0069 58   LYS A O   
316 C CB  . LYS A 58  ? 0.1520 0.1496 0.1753 0.0356  -0.0198 -0.0456 58   LYS A CB  
317 C CG  . LYS A 58  ? 0.1581 0.1679 0.1684 0.0301  -0.0088 -0.0204 58   LYS A CG  
318 C CD  . LYS A 58  ? 0.1788 0.1660 0.2052 0.0371  0.0041  -0.0018 58   LYS A CD  
319 C CE  . LYS A 58  ? 0.2011 0.1834 0.2359 0.0407  0.0283  0.0265  58   LYS A CE  
320 N NZ  . LYS A 58  ? 0.2402 0.2201 0.2670 0.0299  0.0433  0.0429  58   LYS A NZ  
321 N N   . VAL A 59  ? 0.1204 0.1402 0.1169 0.0130  -0.0077 -0.0240 59   VAL A N   
322 C CA  . VAL A 59  ? 0.1211 0.1377 0.1332 0.0169  -0.0167 -0.0161 59   VAL A CA  
323 C C   . VAL A 59  ? 0.1158 0.1068 0.1026 0.0046  -0.0040 0.0015  59   VAL A C   
324 O O   . VAL A 59  ? 0.1426 0.1175 0.1214 0.0012  -0.0206 -0.0014 59   VAL A O   
325 C CB  . VAL A 59  ? 0.1337 0.1292 0.1480 0.0099  -0.0069 -0.0302 59   VAL A CB  
326 C CG1 . VAL A 59  ? 0.1530 0.1586 0.1815 0.0239  0.0015  -0.0485 59   VAL A CG1 
327 C CG2 . VAL A 59  ? 0.1573 0.1572 0.1495 -0.0155 -0.0114 -0.0292 59   VAL A CG2 
328 N N   . LYS A 60  ? 0.1105 0.1201 0.1118 0.0045  0.0020  -0.0033 60   LYS A N   
329 C CA  . LYS A 60  ? 0.1081 0.1217 0.1086 0.0033  -0.0042 -0.0073 60   LYS A CA  
330 C C   . LYS A 60  ? 0.1262 0.1002 0.1129 -0.0024 -0.0088 0.0075  60   LYS A C   
331 O O   . LYS A 60  ? 0.1296 0.1087 0.1547 0.0047  0.0182  0.0303  60   LYS A O   
332 C CB  . LYS A 60  ? 0.1195 0.1495 0.1240 0.0152  -0.0166 -0.0092 60   LYS A CB  
333 C CG  . LYS A 60  ? 0.1765 0.1895 0.1103 -0.0028 -0.0276 -0.0121 60   LYS A CG  
334 C CD  . LYS A 60  ? 0.2235 0.2268 0.1879 -0.0134 -0.0373 -0.0097 60   LYS A CD  
335 C CE  . LYS A 60  ? 0.2536 0.2150 0.1945 -0.0064 -0.0137 -0.0121 60   LYS A CE  
336 N NZ  . LYS A 60  ? 0.2976 0.2258 0.1188 0.0497  0.0112  0.0032  60   LYS A NZ  
337 N N   . VAL A 61  ? 0.1134 0.1070 0.1125 0.0000  0.0073  0.0039  61   VAL A N   
338 C CA  . VAL A 61  ? 0.1185 0.1240 0.1212 0.0017  0.0054  -0.0004 61   VAL A CA  
339 C C   . VAL A 61  ? 0.1216 0.0955 0.1395 -0.0065 -0.0032 0.0105  61   VAL A C   
340 O O   . VAL A 61  ? 0.1460 0.1002 0.1764 -0.0049 -0.0244 0.0152  61   VAL A O   
341 C CB  . VAL A 61  ? 0.1237 0.1994 0.1344 0.0093  0.0025  -0.0151 61   VAL A CB  
342 C CG1 . VAL A 61  ? 0.1613 0.2209 0.1585 0.0044  -0.0116 -0.0327 61   VAL A CG1 
343 C CG2 . VAL A 61  ? 0.1778 0.2345 0.1925 0.0156  0.0005  -0.0207 61   VAL A CG2 
344 N N   . GLU A 62  ? 0.1124 0.1063 0.1278 0.0016  -0.0042 -0.0006 62   GLU A N   
345 C CA  . GLU A 62  ? 0.1230 0.1250 0.1277 -0.0035 -0.0135 0.0111  62   GLU A CA  
346 C C   . GLU A 62  ? 0.1116 0.1137 0.1508 0.0074  -0.0126 0.0009  62   GLU A C   
347 O O   . GLU A 62  ? 0.1434 0.0900 0.2016 -0.0009 -0.0116 -0.0089 62   GLU A O   
348 C CB  . GLU A 62  ? 0.1606 0.1393 0.1665 0.0095  -0.0107 -0.0102 62   GLU A CB  
349 C CG  . GLU A 62  ? 0.1890 0.1731 0.1725 0.0222  -0.0012 0.0252  62   GLU A CG  
350 C CD  . GLU A 62  ? 0.2916 0.2158 0.2119 0.0666  0.0340  0.0407  62   GLU A CD  
351 O OE1 . GLU A 62  ? 0.3436 0.2985 0.2431 0.0806  0.0444  0.0133  62   GLU A OE1 
352 O OE2 . GLU A 62  ? 0.3793 0.2072 0.2318 0.0700  0.0442  -0.0082 62   GLU A OE2 
353 N N   . VAL A 63  ? 0.1112 0.1194 0.1638 0.0082  -0.0127 -0.0136 63   VAL A N   
354 C CA  . VAL A 63  ? 0.1354 0.1263 0.1587 0.0062  -0.0027 -0.0223 63   VAL A CA  
355 C C   . VAL A 63  ? 0.1174 0.1230 0.1315 0.0256  0.0179  -0.0283 63   VAL A C   
356 O O   . VAL A 63  ? 0.1237 0.1073 0.1955 0.0132  -0.0175 -0.0023 63   VAL A O   
357 C CB  . VAL A 63  ? 0.2089 0.1757 0.1909 0.0417  -0.0188 -0.0399 63   VAL A CB  
358 C CG1 . VAL A 63  ? 0.2770 0.1954 0.1453 0.0710  0.0165  -0.0165 63   VAL A CG1 
359 C CG2 . VAL A 63  ? 0.2249 0.2334 0.2250 0.0376  0.0084  -0.0542 63   VAL A CG2 
360 N N   . ALA A 64  ? 0.1312 0.1004 0.1677 0.0176  -0.0033 -0.0093 64   ALA A N   
361 C CA  . ALA A 64  ? 0.1180 0.1418 0.1491 0.0120  0.0049  0.0205  64   ALA A CA  
362 C C   . ALA A 64  ? 0.1445 0.1341 0.1681 0.0220  0.0232  -0.0168 64   ALA A C   
363 O O   . ALA A 64  ? 0.2043 0.1446 0.2824 0.0203  0.0671  -0.0451 64   ALA A O   
364 C CB  . ALA A 64  ? 0.1801 0.1685 0.1747 0.0058  -0.0256 0.0304  64   ALA A CB  
365 N N   . VAL A 65  ? 0.1393 0.1414 0.1461 0.0214  0.0242  -0.0087 65   VAL A N   
366 C CA  . VAL A 65  ? 0.1533 0.1963 0.1692 0.0024  0.0338  -0.0146 65   VAL A CA  
367 C C   . VAL A 65  ? 0.1425 0.2093 0.1393 0.0478  0.0496  -0.0092 65   VAL A C   
368 O O   . VAL A 65  ? 0.1288 0.2172 0.1737 0.0085  0.0482  -0.0233 65   VAL A O   
369 C CB  . VAL A 65  ? 0.1753 0.3163 0.1272 -0.0351 0.0190  0.0164  65   VAL A CB  
370 C CG1 . VAL A 65  ? 0.1887 0.3060 0.1668 -0.0143 -0.0083 0.0302  65   VAL A CG1 
371 C CG2 . VAL A 65  ? 0.2050 0.3237 0.1860 -0.0487 0.0063  0.0136  65   VAL A CG2 
372 N N   . SER A 66  ? 0.1452 0.2193 0.1726 0.0520  0.0458  0.0177  66   SER A N   
373 C CA  . SER A 66  ? 0.1400 0.2343 0.1937 0.0551  0.0333  0.0223  66   SER A CA  
374 C C   . SER A 66  ? 0.1217 0.2404 0.1842 0.0416  0.0326  -0.0011 66   SER A C   
375 O O   . SER A 66  ? 0.1254 0.2234 0.1719 0.0319  0.0313  -0.0034 66   SER A O   
376 C CB  . SER A 66  ? 0.1607 0.2654 0.1954 0.0739  0.0448  0.0413  66   SER A CB  
377 O OG  . SER A 66  ? 0.1714 0.2745 0.2249 0.0765  0.0578  0.0317  66   SER A OG  
378 N N   . ASP A 67  ? 0.1236 0.2881 0.1895 0.0159  0.0247  -0.0073 67   ASP A N   
379 C CA  . ASP A 67  ? 0.1375 0.3350 0.2029 -0.0181 0.0206  -0.0206 67   ASP A CA  
380 C C   . ASP A 67  ? 0.1174 0.2937 0.2226 0.0084  0.0171  -0.0114 67   ASP A C   
381 O O   . ASP A 67  ? 0.1436 0.2652 0.2603 0.0198  0.0126  0.0007  67   ASP A O   
382 C CB  . ASP A 67  ? 0.1685 0.4183 0.2186 -0.0707 0.0082  -0.0477 67   ASP A CB  
383 C CG  . ASP A 67  ? 0.2072 0.5236 0.2558 -0.1067 0.0082  -0.0696 67   ASP A CG  
384 O OD1 . ASP A 67  ? 0.2269 0.5511 0.2397 -0.1255 0.0449  -0.0770 67   ASP A OD1 
385 O OD2 . ASP A 67  ? 0.2632 0.5744 0.2962 -0.1200 -0.0039 -0.0901 67   ASP A OD2 
386 N N   . ASP A 68  ? 0.1092 0.3067 0.1786 0.0297  0.0279  0.0232  68   ASP A N   
387 C CA  . ASP A 68  ? 0.1070 0.3110 0.1994 0.0399  0.0299  0.0260  68   ASP A CA  
388 C C   . ASP A 68  ? 0.1311 0.2689 0.1865 0.0481  0.0295  0.0341  68   ASP A C   
389 O O   . ASP A 68  ? 0.1735 0.2979 0.1954 0.0322  0.0351  0.0595  68   ASP A O   
390 C CB  . ASP A 68  ? 0.1313 0.3142 0.2341 0.0560  0.0348  0.0149  68   ASP A CB  
391 C CG  . ASP A 68  ? 0.1869 0.3252 0.2987 0.0613  0.0422  0.0132  68   ASP A CG  
392 O OD1 . ASP A 68  ? 0.2204 0.3426 0.3441 0.0387  0.0341  0.0068  68   ASP A OD1 
393 O OD2 . ASP A 68  ? 0.2057 0.3405 0.3477 0.0612  0.0285  0.0263  68   ASP A OD2 
394 N N   . GLN A 69  ? 0.1150 0.2589 0.1756 0.0518  0.0129  0.0323  69   GLN A N   
395 C CA  . GLN A 69  ? 0.1606 0.2149 0.1871 0.0706  0.0146  0.0167  69   GLN A CA  
396 C C   . GLN A 69  ? 0.1467 0.1716 0.1596 0.0420  0.0209  0.0032  69   GLN A C   
397 O O   . GLN A 69  ? 0.1560 0.1826 0.1677 0.0242  -0.0045 -0.0112 69   GLN A O   
398 C CB  . GLN A 69  ? 0.2063 0.2021 0.2399 0.0840  0.0278  0.0001  69   GLN A CB  
399 C CG  . GLN A 69  ? 0.2760 0.2421 0.2949 0.0768  0.0271  0.0055  69   GLN A CG  
400 C CD  . GLN A 69  ? 0.3597 0.2793 0.3475 0.0783  0.0720  0.0058  69   GLN A CD  
401 O OE1 . GLN A 69  ? 0.4087 0.2596 0.3839 0.0965  0.1093  0.0287  69   GLN A OE1 
402 N NE2 . GLN A 69  ? 0.3788 0.3160 0.3892 0.0536  0.0668  -0.0231 69   GLN A NE2 
403 N N   . TYR A 70  ? 0.1242 0.1759 0.1481 0.0239  0.0223  0.0103  70   TYR A N   
404 C CA  . TYR A 70  ? 0.1160 0.1812 0.1462 0.0271  0.0101  0.0100  70   TYR A CA  
405 C C   . TYR A 70  ? 0.1298 0.1565 0.1357 0.0052  0.0104  -0.0032 70   TYR A C   
406 O O   . TYR A 70  ? 0.1189 0.1648 0.1496 0.0131  -0.0034 -0.0035 70   TYR A O   
407 C CB  . TYR A 70  ? 0.1474 0.2235 0.1426 0.0220  0.0080  0.0033  70   TYR A CB  
408 C CG  . TYR A 70  ? 0.1336 0.2232 0.1430 0.0124  0.0333  -0.0282 70   TYR A CG  
409 C CD1 . TYR A 70  ? 0.1507 0.2576 0.1872 -0.0227 0.0296  -0.0361 70   TYR A CD1 
410 C CD2 . TYR A 70  ? 0.1722 0.2292 0.1473 0.0214  0.0329  -0.0375 70   TYR A CD2 
411 C CE1 . TYR A 70  ? 0.2050 0.2699 0.2456 -0.0391 0.0469  -0.0524 70   TYR A CE1 
412 C CE2 . TYR A 70  ? 0.2012 0.2334 0.2093 -0.0129 0.0512  -0.0545 70   TYR A CE2 
413 C CZ  . TYR A 70  ? 0.2334 0.2319 0.2629 -0.0380 0.0738  -0.0719 70   TYR A CZ  
414 O OH  . TYR A 70  ? 0.3099 0.2494 0.3530 -0.0762 0.0796  -0.0809 70   TYR A OH  
415 N N   . GLU A 71  ? 0.1358 0.1524 0.1624 0.0268  0.0004  -0.0016 71   GLU A N   
416 C CA  . GLU A 71  ? 0.1469 0.1489 0.1720 0.0154  -0.0003 0.0123  71   GLU A CA  
417 C C   . GLU A 71  ? 0.1316 0.1837 0.1508 0.0119  0.0069  0.0092  71   GLU A C   
418 O O   . GLU A 71  ? 0.1439 0.1870 0.1609 0.0117  -0.0092 0.0273  71   GLU A O   
419 C CB  . GLU A 71  ? 0.1781 0.1686 0.2192 0.0189  0.0047  0.0181  71   GLU A CB  
420 C CG  . GLU A 71  ? 0.2548 0.2246 0.2375 0.0418  0.0296  0.0194  71   GLU A CG  
421 C CD  . GLU A 71  ? 0.3285 0.2444 0.2408 0.0953  0.0273  0.0150  71   GLU A CD  
422 O OE1 . GLU A 71  ? 0.3683 0.2492 0.2262 0.0885  0.0519  0.0049  71   GLU A OE1 
423 O OE2 . GLU A 71  ? 0.3801 0.3209 0.2539 0.1201  0.0393  -0.0091 71   GLU A OE2 
424 N N   . GLN A 72  ? 0.1426 0.2088 0.1398 0.0211  0.0110  -0.0099 72   GLN A N   
425 C CA  . GLN A 72  ? 0.1599 0.2441 0.1563 0.0368  0.0373  -0.0343 72   GLN A CA  
426 C C   . GLN A 72  ? 0.1516 0.1963 0.1414 0.0429  0.0158  -0.0467 72   GLN A C   
427 O O   . GLN A 72  ? 0.1634 0.2516 0.1422 0.0360  -0.0065 -0.0465 72   GLN A O   
428 C CB  . GLN A 72  ? 0.2060 0.3190 0.2108 0.0387  0.0534  -0.0575 72   GLN A CB  
429 C CG  . GLN A 72  ? 0.2810 0.3643 0.2724 0.0390  0.0491  -0.0467 72   GLN A CG  
430 C CD  . GLN A 72  ? 0.3463 0.3890 0.3114 0.0511  0.0581  -0.0528 72   GLN A CD  
431 O OE1 . GLN A 72  ? 0.4148 0.3952 0.3656 0.0521  0.0593  -0.0676 72   GLN A OE1 
432 N NE2 . GLN A 72  ? 0.3300 0.3970 0.2857 0.0704  0.0483  -0.0300 72   GLN A NE2 
433 N N   . VAL A 73  ? 0.1602 0.1640 0.1462 0.0326  0.0045  -0.0178 73   VAL A N   
434 C CA  . VAL A 73  ? 0.1519 0.1522 0.1594 0.0255  -0.0067 -0.0171 73   VAL A CA  
435 C C   . VAL A 73  ? 0.1432 0.1223 0.1366 0.0286  -0.0174 -0.0020 73   VAL A C   
436 O O   . VAL A 73  ? 0.1551 0.1339 0.1496 0.0049  -0.0205 -0.0027 73   VAL A O   
437 C CB  . VAL A 73  ? 0.1858 0.1457 0.1884 0.0377  -0.0172 0.0231  73   VAL A CB  
438 C CG1 . VAL A 73  ? 0.1938 0.1547 0.2108 -0.0042 -0.0255 0.0278  73   VAL A CG1 
439 C CG2 . VAL A 73  ? 0.2209 0.1433 0.2526 0.0526  -0.0329 0.0007  73   VAL A CG2 
440 N N   . VAL A 74  ? 0.1375 0.1132 0.1257 0.0185  0.0097  -0.0018 74   VAL A N   
441 C CA  . VAL A 74  ? 0.1272 0.1227 0.1161 0.0144  0.0013  0.0028  74   VAL A CA  
442 C C   . VAL A 74  ? 0.1226 0.1210 0.1375 0.0040  -0.0014 0.0041  74   VAL A C   
443 O O   . VAL A 74  ? 0.1357 0.1239 0.1361 0.0082  -0.0088 0.0003  74   VAL A O   
444 C CB  . VAL A 74  ? 0.1358 0.1143 0.1322 0.0064  0.0029  -0.0127 74   VAL A CB  
445 C CG1 . VAL A 74  ? 0.1388 0.1238 0.1770 0.0198  0.0047  -0.0093 74   VAL A CG1 
446 C CG2 . VAL A 74  ? 0.1394 0.1579 0.1146 0.0002  0.0017  -0.0173 74   VAL A CG2 
447 N N   . GLU A 75  ? 0.1420 0.1566 0.1149 0.0064  -0.0011 0.0093  75   GLU A N   
448 C CA  . GLU A 75  ? 0.1556 0.1877 0.1347 -0.0103 -0.0009 0.0036  75   GLU A CA  
449 C C   . GLU A 75  ? 0.1599 0.1840 0.1263 -0.0018 0.0001  -0.0115 75   GLU A C   
450 O O   . GLU A 75  ? 0.1579 0.2132 0.1191 -0.0008 -0.0014 -0.0022 75   GLU A O   
451 C CB  . GLU A 75  ? 0.2087 0.2686 0.1390 -0.0329 0.0181  0.0250  75   GLU A CB  
452 C CG  . GLU A 75  ? 0.3052 0.3605 0.1844 -0.0387 0.0255  0.0297  75   GLU A CG  
453 C CD  . GLU A 75  ? 0.3752 0.4420 0.2361 -0.0433 0.0205  0.0438  75   GLU A CD  
454 O OE1 . GLU A 75  ? 0.3717 0.4620 0.3006 -0.0713 0.0300  0.0258  75   GLU A OE1 
455 O OE2 . GLU A 75  ? 0.4320 0.4847 0.2569 -0.0338 0.0219  0.0469  75   GLU A OE2 
456 N N   . ALA A 76  ? 0.1583 0.1801 0.1166 0.0003  -0.0001 -0.0240 76   ALA A N   
457 C CA  . ALA A 76  ? 0.1540 0.1923 0.1481 0.0153  -0.0008 -0.0445 76   ALA A CA  
458 C C   . ALA A 76  ? 0.1495 0.1354 0.1265 0.0000  -0.0084 -0.0326 76   ALA A C   
459 O O   . ALA A 76  ? 0.1574 0.1705 0.1263 0.0075  -0.0093 -0.0360 76   ALA A O   
460 C CB  . ALA A 76  ? 0.1780 0.1868 0.2047 0.0390  -0.0009 -0.0622 76   ALA A CB  
461 N N   . ILE A 77  ? 0.1443 0.1243 0.1276 0.0117  -0.0040 -0.0136 77   ILE A N   
462 C CA  . ILE A 77  ? 0.1529 0.1270 0.1164 0.0135  -0.0036 -0.0116 77   ILE A CA  
463 C C   . ILE A 77  ? 0.1384 0.1130 0.1190 0.0037  -0.0082 0.0000  77   ILE A C   
464 O O   . ILE A 77  ? 0.1401 0.1333 0.1393 0.0035  -0.0131 -0.0048 77   ILE A O   
465 C CB  . ILE A 77  ? 0.1537 0.1308 0.1159 0.0023  -0.0120 -0.0034 77   ILE A CB  
466 C CG1 . ILE A 77  ? 0.1838 0.1315 0.1215 -0.0092 -0.0319 -0.0034 77   ILE A CG1 
467 C CG2 . ILE A 77  ? 0.1504 0.1688 0.1309 -0.0033 -0.0072 -0.0015 77   ILE A CG2 
468 C CD1 . ILE A 77  ? 0.1852 0.1772 0.1296 -0.0166 -0.0288 -0.0069 77   ILE A CD1 
469 N N   . GLN A 78  ? 0.1459 0.1130 0.1239 0.0119  0.0079  0.0002  78   GLN A N   
470 C CA  . GLN A 78  ? 0.1554 0.1170 0.1193 0.0089  -0.0156 -0.0015 78   GLN A CA  
471 C C   . GLN A 78  ? 0.1397 0.1107 0.1458 0.0002  0.0026  -0.0011 78   GLN A C   
472 O O   . GLN A 78  ? 0.1412 0.1247 0.1589 0.0119  -0.0167 -0.0048 78   GLN A O   
473 C CB  . GLN A 78  ? 0.1587 0.1147 0.1551 0.0059  -0.0168 -0.0030 78   GLN A CB  
474 C CG  . GLN A 78  ? 0.1947 0.1352 0.1462 0.0191  -0.0110 0.0132  78   GLN A CG  
475 C CD  . GLN A 78  ? 0.1954 0.1348 0.1837 0.0114  0.0093  0.0113  78   GLN A CD  
476 O OE1 . GLN A 78  ? 0.2180 0.2053 0.2121 0.0488  0.0316  0.0811  78   GLN A OE1 
477 N NE2 . GLN A 78  ? 0.1820 0.1308 0.1664 0.0048  -0.0270 -0.0012 78   GLN A NE2 
478 N N   . LYS A 79  ? 0.1595 0.1330 0.1158 -0.0084 -0.0099 0.0082  79   LYS A N   
479 C CA  . LYS A 79  ? 0.1863 0.1522 0.1212 -0.0056 0.0031  -0.0032 79   LYS A CA  
480 C C   . LYS A 79  ? 0.1875 0.1393 0.1150 -0.0052 -0.0037 0.0055  79   LYS A C   
481 O O   . LYS A 79  ? 0.2086 0.1482 0.1561 -0.0090 -0.0513 0.0084  79   LYS A O   
482 C CB  . LYS A 79  ? 0.2203 0.1998 0.1249 -0.0343 0.0064  -0.0043 79   LYS A CB  
483 C CG  . LYS A 79  ? 0.2646 0.2873 0.1853 -0.0504 0.0057  0.0270  79   LYS A CG  
484 C CD  . LYS A 79  ? 0.3160 0.3499 0.2471 -0.0520 0.0164  0.0157  79   LYS A CD  
485 C CE  . LYS A 79  ? 0.3732 0.3998 0.2846 -0.0436 0.0371  0.0148  79   LYS A CE  
486 N NZ  . LYS A 79  ? 0.4185 0.4359 0.3127 -0.0278 0.0522  0.0107  79   LYS A NZ  
487 N N   . ALA A 80  ? 0.1676 0.1166 0.1220 -0.0004 0.0012  -0.0116 80   ALA A N   
488 C CA  . ALA A 80  ? 0.1674 0.1215 0.1339 0.0167  -0.0109 -0.0150 80   ALA A CA  
489 C C   . ALA A 80  ? 0.1609 0.1166 0.1489 0.0035  -0.0165 -0.0235 80   ALA A C   
490 O O   . ALA A 80  ? 0.1617 0.1463 0.1814 -0.0078 -0.0211 -0.0350 80   ALA A O   
491 C CB  . ALA A 80  ? 0.1831 0.1196 0.1621 0.0090  -0.0053 -0.0117 80   ALA A CB  
492 N N   . ALA A 81  ? 0.1480 0.0984 0.1460 0.0136  0.0008  -0.0187 81   ALA A N   
493 C CA  . ALA A 81  ? 0.1511 0.1131 0.1559 0.0128  -0.0028 -0.0135 81   ALA A CA  
494 C C   . ALA A 81  ? 0.1392 0.1206 0.1532 0.0106  -0.0183 -0.0152 81   ALA A C   
495 O O   . ALA A 81  ? 0.1435 0.1355 0.1615 0.0133  -0.0060 0.0002  81   ALA A O   
496 C CB  . ALA A 81  ? 0.1717 0.1487 0.1358 0.0218  0.0029  -0.0114 81   ALA A CB  
497 N N   . ASN A 82  ? 0.1639 0.1238 0.1414 0.0177  -0.0207 -0.0031 82   ASN A N   
498 C CA  . ASN A 82  ? 0.1665 0.1347 0.1390 0.0048  -0.0267 0.0027  82   ASN A CA  
499 C C   . ASN A 82  ? 0.1826 0.1280 0.1687 -0.0006 -0.0358 -0.0331 82   ASN A C   
500 O O   . ASN A 82  ? 0.1890 0.1495 0.1801 0.0124  -0.0444 -0.0292 82   ASN A O   
501 C CB  . ASN A 82  ? 0.1873 0.1398 0.1411 0.0115  -0.0101 0.0007  82   ASN A CB  
502 C CG  . ASN A 82  ? 0.2068 0.1374 0.1352 0.0076  -0.0155 0.0007  82   ASN A CG  
503 O OD1 . ASN A 82  ? 0.2489 0.1698 0.1466 0.0161  -0.0402 0.0074  82   ASN A OD1 
504 N ND2 . ASN A 82  ? 0.1937 0.1468 0.1359 0.0100  -0.0210 -0.0025 82   ASN A ND2 
505 N N   . THR A 83  ? 0.1736 0.1609 0.1752 0.0223  -0.0435 -0.0111 83   THR A N   
506 C CA  . THR A 83  ? 0.1918 0.1512 0.1774 0.0185  -0.0458 -0.0174 83   THR A CA  
507 C C   . THR A 83  ? 0.1972 0.1455 0.1842 0.0172  -0.0521 -0.0177 83   THR A C   
508 O O   . THR A 83  ? 0.2486 0.1752 0.1676 0.0309  -0.0738 -0.0078 83   THR A O   
509 C CB  . THR A 83  ? 0.1926 0.1537 0.1981 0.0065  -0.0451 -0.0186 83   THR A CB  
510 O OG1 . THR A 83  ? 0.1987 0.1586 0.1859 0.0262  -0.0503 -0.0219 83   THR A OG1 
511 C CG2 . THR A 83  ? 0.2108 0.1478 0.2443 -0.0033 -0.0463 -0.0188 83   THR A CG2 
512 N N   . GLY A 84  ? 0.2035 0.1373 0.1631 0.0265  -0.0370 -0.0089 84   GLY A N   
513 C CA  . GLY A 84  ? 0.2193 0.1556 0.1774 0.0317  -0.0397 0.0141  84   GLY A CA  
514 C C   . GLY A 84  ? 0.2253 0.1477 0.1755 0.0325  -0.0427 0.0099  84   GLY A C   
515 O O   . GLY A 84  ? 0.2378 0.1538 0.2129 0.0377  -0.0517 0.0139  84   GLY A O   
516 N N   . ARG A 85  ? 0.2230 0.1439 0.1622 0.0385  -0.0346 -0.0109 85   ARG A N   
517 C CA  . ARG A 85  ? 0.2253 0.1478 0.2014 0.0503  -0.0377 -0.0095 85   ARG A CA  
518 C C   . ARG A 85  ? 0.2036 0.1581 0.2044 0.0677  -0.0408 -0.0043 85   ARG A C   
519 O O   . ARG A 85  ? 0.2057 0.1994 0.1931 0.0540  -0.0184 -0.0210 85   ARG A O   
520 C CB  . ARG A 85  ? 0.2339 0.1799 0.2128 0.0313  -0.0425 -0.0162 85   ARG A CB  
521 C CG  . ARG A 85  ? 0.2670 0.2338 0.2310 0.0017  -0.0479 -0.0119 85   ARG A CG  
522 C CD  . ARG A 85  ? 0.2827 0.2765 0.2549 -0.0005 -0.0465 -0.0071 85   ARG A CD  
523 N NE  . ARG A 85  ? 0.2695 0.2545 0.2561 -0.0010 -0.0421 -0.0361 85   ARG A NE  
524 C CZ  . ARG A 85  ? 0.2742 0.2640 0.2385 0.0015  -0.0402 -0.0388 85   ARG A CZ  
525 N NH1 . ARG A 85  ? 0.2832 0.2762 0.2168 0.0012  -0.0512 -0.0689 85   ARG A NH1 
526 N NH2 . ARG A 85  ? 0.2606 0.2467 0.2522 -0.0197 -0.0510 -0.0384 85   ARG A NH2 
527 N N   . ILE A 86  ? 0.2188 0.1908 0.2097 0.0704  -0.0200 -0.0059 86   ILE A N   
528 C CA  . ILE A 86  ? 0.2120 0.2142 0.2250 0.0872  -0.0318 0.0012  86   ILE A CA  
529 C C   . ILE A 86  ? 0.2003 0.1918 0.2215 0.0836  -0.0316 -0.0236 86   ILE A C   
530 O O   . ILE A 86  ? 0.1990 0.2119 0.2142 0.0736  -0.0374 -0.0200 86   ILE A O   
531 C CB  . ILE A 86  ? 0.2683 0.2434 0.2945 0.0989  -0.0241 0.0112  86   ILE A CB  
532 C CG1 . ILE A 86  ? 0.3069 0.2949 0.3362 0.1101  -0.0173 -0.0036 86   ILE A CG1 
533 C CG2 . ILE A 86  ? 0.3037 0.2434 0.3336 0.1003  -0.0077 0.0094  86   ILE A CG2 
534 C CD1 . ILE A 86  ? 0.3309 0.3451 0.3812 0.0976  -0.0225 -0.0033 86   ILE A CD1 
535 N N   . GLY A 87  ? 0.1759 0.2096 0.2176 0.0762  -0.0350 -0.0174 87   GLY A N   
536 C CA  . GLY A 87  ? 0.1671 0.2189 0.2052 0.0739  -0.0187 -0.0135 87   GLY A CA  
537 C C   . GLY A 87  ? 0.1443 0.1872 0.1726 0.0401  -0.0176 -0.0128 87   GLY A C   
538 O O   . GLY A 87  ? 0.1418 0.1937 0.1586 0.0308  -0.0210 -0.0085 87   GLY A O   
539 N N   . ASP A 88  ? 0.1475 0.1674 0.1719 0.0129  -0.0219 -0.0253 88   ASP A N   
540 C CA  . ASP A 88  ? 0.1346 0.1590 0.1668 0.0192  -0.0192 -0.0189 88   ASP A CA  
541 C C   . ASP A 88  ? 0.1398 0.1518 0.1336 0.0103  -0.0072 -0.0104 88   ASP A C   
542 O O   . ASP A 88  ? 0.1566 0.1508 0.1550 0.0271  -0.0037 -0.0121 88   ASP A O   
543 C CB  . ASP A 88  ? 0.1571 0.1618 0.1494 -0.0030 -0.0234 -0.0075 88   ASP A CB  
544 C CG  . ASP A 88  ? 0.1540 0.1343 0.1648 0.0072  -0.0192 -0.0094 88   ASP A CG  
545 O OD1 . ASP A 88  ? 0.1513 0.1522 0.1864 0.0114  -0.0256 -0.0099 88   ASP A OD1 
546 O OD2 . ASP A 88  ? 0.1753 0.1299 0.1553 0.0158  -0.0339 -0.0173 88   ASP A OD2 
547 N N   . GLY A 89  ? 0.1408 0.1723 0.1522 0.0143  -0.0306 -0.0019 89   GLY A N   
548 C CA  . GLY A 89  ? 0.1246 0.1801 0.1729 0.0061  -0.0127 0.0070  89   GLY A CA  
549 C C   . GLY A 89  ? 0.1368 0.1330 0.1278 0.0205  -0.0067 0.0122  89   GLY A C   
550 O O   . GLY A 89  ? 0.1314 0.1373 0.1359 0.0053  -0.0168 0.0113  89   GLY A O   
551 N N   . LYS A 90  ? 0.1149 0.1675 0.1582 0.0142  -0.0181 0.0275  90   LYS A N   
552 C CA  . LYS A 90  ? 0.1360 0.1297 0.1322 0.0257  -0.0154 -0.0095 90   LYS A CA  
553 C C   . LYS A 90  ? 0.1439 0.1060 0.1005 0.0153  -0.0081 0.0077  90   LYS A C   
554 O O   . LYS A 90  ? 0.1217 0.1333 0.1479 -0.0009 -0.0096 0.0372  90   LYS A O   
555 C CB  . LYS A 90  ? 0.1790 0.1779 0.1918 0.0623  -0.0179 -0.0341 90   LYS A CB  
556 C CG  . LYS A 90  ? 0.2204 0.1791 0.2140 0.0551  -0.0280 -0.0453 90   LYS A CG  
557 C CD  . LYS A 90  ? 0.2890 0.1825 0.2434 0.0562  -0.0301 -0.0277 90   LYS A CD  
558 C CE  . LYS A 90  ? 0.3154 0.2099 0.2754 0.0516  -0.0246 -0.0258 90   LYS A CE  
559 N NZ  . LYS A 90  ? 0.3662 0.2954 0.3435 0.0393  -0.0047 -0.0164 90   LYS A NZ  
560 N N   . ILE A 91  ? 0.1059 0.1051 0.1180 0.0042  -0.0105 0.0081  91   ILE A N   
561 C CA  . ILE A 91  ? 0.1080 0.1062 0.1222 0.0096  -0.0104 0.0009  91   ILE A CA  
562 C C   . ILE A 91  ? 0.1208 0.0902 0.1295 -0.0005 -0.0124 0.0127  91   ILE A C   
563 O O   . ILE A 91  ? 0.1577 0.1011 0.1494 -0.0179 -0.0361 0.0192  91   ILE A O   
564 C CB  . ILE A 91  ? 0.1162 0.1131 0.1331 0.0027  -0.0045 0.0106  91   ILE A CB  
565 C CG1 . ILE A 91  ? 0.1465 0.1242 0.1134 -0.0006 0.0008  -0.0017 91   ILE A CG1 
566 C CG2 . ILE A 91  ? 0.1231 0.1427 0.1487 0.0249  -0.0002 0.0098  91   ILE A CG2 
567 C CD1 . ILE A 91  ? 0.1487 0.1598 0.1333 -0.0035 0.0172  0.0016  91   ILE A CD1 
568 N N   . PHE A 92  ? 0.1213 0.1056 0.1215 0.0101  -0.0102 0.0005  92   PHE A N   
569 C CA  . PHE A 92  ? 0.1290 0.1043 0.1164 -0.0039 -0.0173 -0.0004 92   PHE A CA  
570 C C   . PHE A 92  ? 0.1460 0.0933 0.1316 -0.0031 -0.0216 -0.0010 92   PHE A C   
571 O O   . PHE A 92  ? 0.1574 0.0969 0.1860 0.0037  -0.0483 -0.0004 92   PHE A O   
572 C CB  . PHE A 92  ? 0.1528 0.1486 0.1277 0.0027  0.0084  -0.0013 92   PHE A CB  
573 C CG  . PHE A 92  ? 0.1570 0.1475 0.1415 -0.0012 0.0117  -0.0255 92   PHE A CG  
574 C CD1 . PHE A 92  ? 0.1665 0.1467 0.1274 0.0284  -0.0006 -0.0282 92   PHE A CD1 
575 C CD2 . PHE A 92  ? 0.1710 0.1871 0.2595 -0.0045 0.0268  -0.0308 92   PHE A CD2 
576 C CE1 . PHE A 92  ? 0.1805 0.1796 0.1428 0.0226  0.0159  -0.0279 92   PHE A CE1 
577 C CE2 . PHE A 92  ? 0.1779 0.2038 0.2745 -0.0208 0.0167  -0.0265 92   PHE A CE2 
578 C CZ  . PHE A 92  ? 0.1819 0.1938 0.1971 0.0056  0.0111  -0.0435 92   PHE A CZ  
579 N N   . VAL A 93  ? 0.1258 0.0963 0.1192 -0.0054 -0.0150 -0.0048 93   VAL A N   
580 C CA  . VAL A 93  ? 0.1182 0.1142 0.1209 0.0025  -0.0165 -0.0072 93   VAL A CA  
581 C C   . VAL A 93  ? 0.1041 0.1109 0.1088 0.0034  -0.0091 -0.0064 93   VAL A C   
582 O O   . VAL A 93  ? 0.1430 0.1102 0.1230 0.0002  -0.0176 -0.0135 93   VAL A O   
583 C CB  . VAL A 93  ? 0.1331 0.1338 0.1190 0.0064  0.0039  -0.0058 93   VAL A CB  
584 C CG1 . VAL A 93  ? 0.1315 0.1887 0.1675 0.0254  0.0114  0.0018  93   VAL A CG1 
585 C CG2 . VAL A 93  ? 0.1794 0.1371 0.1139 0.0076  0.0046  -0.0124 93   VAL A CG2 
586 N N   . LEU A 94  ? 0.1225 0.1322 0.1064 0.0140  -0.0021 0.0032  94   LEU A N   
587 C CA  . LEU A 94  ? 0.1198 0.1388 0.1070 0.0137  -0.0007 0.0058  94   LEU A CA  
588 C C   . LEU A 94  ? 0.1346 0.1204 0.1092 0.0010  -0.0035 -0.0007 94   LEU A C   
589 O O   . LEU A 94  ? 0.1437 0.1404 0.1566 0.0184  -0.0162 -0.0344 94   LEU A O   
590 C CB  . LEU A 94  ? 0.1284 0.1889 0.1396 0.0204  0.0103  -0.0002 94   LEU A CB  
591 C CG  . LEU A 94  ? 0.1506 0.2143 0.1556 -0.0043 0.0193  -0.0181 94   LEU A CG  
592 C CD1 . LEU A 94  ? 0.1611 0.2363 0.1710 0.0029  0.0038  -0.0090 94   LEU A CD1 
593 C CD2 . LEU A 94  ? 0.1747 0.2492 0.1824 0.0134  0.0222  -0.0372 94   LEU A CD2 
594 N N   . ASP A 95  ? 0.1314 0.1086 0.1409 0.0078  -0.0106 -0.0095 95   ASP A N   
595 C CA  . ASP A 95  ? 0.1294 0.1197 0.1625 0.0068  -0.0182 0.0066  95   ASP A CA  
596 C C   . ASP A 95  ? 0.1204 0.1194 0.1310 0.0110  -0.0154 0.0035  95   ASP A C   
597 O O   . ASP A 95  ? 0.1516 0.1464 0.1344 0.0126  0.0155  -0.0057 95   ASP A O   
598 C CB  . ASP A 95  ? 0.1672 0.1415 0.2095 -0.0221 -0.0305 0.0060  95   ASP A CB  
599 C CG  . ASP A 95  ? 0.2571 0.2063 0.2805 -0.0463 -0.0325 0.0025  95   ASP A CG  
600 O OD1 . ASP A 95  ? 0.3020 0.2425 0.2752 -0.0587 -0.0094 0.0428  95   ASP A OD1 
601 O OD2 . ASP A 95  ? 0.3321 0.2419 0.3402 -0.0616 -0.0177 -0.0018 95   ASP A OD2 
602 N N   . ILE A 96  ? 0.1239 0.1140 0.1295 0.0142  -0.0010 0.0128  96   ILE A N   
603 C CA  . ILE A 96  ? 0.1267 0.1077 0.1363 0.0054  0.0076  0.0131  96   ILE A CA  
604 C C   . ILE A 96  ? 0.1092 0.1240 0.1271 -0.0025 0.0018  0.0273  96   ILE A C   
605 O O   . ILE A 96  ? 0.1167 0.1971 0.1504 -0.0057 0.0076  0.0273  96   ILE A O   
606 C CB  . ILE A 96  ? 0.1293 0.1269 0.1369 0.0110  -0.0119 0.0142  96   ILE A CB  
607 C CG1 . ILE A 96  ? 0.1511 0.1315 0.1392 0.0183  -0.0151 0.0039  96   ILE A CG1 
608 C CG2 . ILE A 96  ? 0.1615 0.1213 0.1416 0.0309  -0.0123 0.0186  96   ILE A CG2 
609 C CD1 . ILE A 96  ? 0.1833 0.1248 0.1457 0.0174  -0.0166 -0.0091 96   ILE A CD1 
610 N N   . ALA A 97  ? 0.1301 0.1206 0.1251 -0.0061 -0.0146 0.0077  97   ALA A N   
611 C CA  . ALA A 97  ? 0.1418 0.1341 0.1537 -0.0034 -0.0197 0.0007  97   ALA A CA  
612 C C   . ALA A 97  ? 0.1165 0.1318 0.1639 -0.0059 -0.0234 0.0018  97   ALA A C   
613 O O   . ALA A 97  ? 0.1221 0.1671 0.2102 -0.0054 -0.0275 0.0002  97   ALA A O   
614 C CB  . ALA A 97  ? 0.1894 0.1627 0.1478 0.0072  -0.0285 -0.0159 97   ALA A CB  
615 N N   . GLN A 98  ? 0.1327 0.1208 0.1358 0.0169  -0.0147 0.0023  98   GLN A N   
616 C CA  . GLN A 98  ? 0.1212 0.1364 0.1436 0.0170  -0.0114 0.0038  98   GLN A CA  
617 C C   . GLN A 98  ? 0.1112 0.1299 0.1284 0.0215  0.0123  0.0226  98   GLN A C   
618 O O   . GLN A 98  ? 0.1051 0.1344 0.1380 0.0114  0.0145  0.0080  98   GLN A O   
619 C CB  . GLN A 98  ? 0.1494 0.1763 0.1407 0.0280  -0.0203 0.0039  98   GLN A CB  
620 C CG  . GLN A 98  ? 0.1983 0.2108 0.1390 0.0541  -0.0061 0.0038  98   GLN A CG  
621 C CD  . GLN A 98  ? 0.1901 0.2602 0.1793 0.0768  -0.0274 -0.0106 98   GLN A CD  
622 O OE1 . GLN A 98  ? 0.2503 0.3300 0.1769 0.1056  -0.0096 -0.0053 98   GLN A OE1 
623 N NE2 . GLN A 98  ? 0.2038 0.2551 0.1974 0.0633  -0.0201 -0.0053 98   GLN A NE2 
624 N N   . ALA A 99  ? 0.1198 0.1183 0.1557 0.0028  0.0206  0.0189  99   ALA A N   
625 C CA  . ALA A 99  ? 0.1189 0.1227 0.1631 0.0085  0.0222  0.0050  99   ALA A CA  
626 C C   . ALA A 99  ? 0.1021 0.1471 0.1757 0.0065  0.0314  0.0158  99   ALA A C   
627 O O   . ALA A 99  ? 0.1100 0.1559 0.2286 0.0127  0.0509  0.0429  99   ALA A O   
628 C CB  . ALA A 99  ? 0.1282 0.1700 0.1678 -0.0017 0.0082  -0.0100 99   ALA A CB  
629 N N   . VAL A 100 ? 0.1156 0.1169 0.1541 0.0079  0.0199  0.0014  100  VAL A N   
630 C CA  . VAL A 100 ? 0.1288 0.1361 0.1498 0.0101  0.0278  0.0060  100  VAL A CA  
631 C C   . VAL A 100 ? 0.1030 0.1182 0.1656 0.0191  0.0334  0.0097  100  VAL A C   
632 O O   . VAL A 100 ? 0.1021 0.1341 0.2140 0.0146  0.0341  -0.0137 100  VAL A O   
633 C CB  . VAL A 100 ? 0.1427 0.1461 0.1674 0.0149  0.0292  0.0120  100  VAL A CB  
634 C CG1 . VAL A 100 ? 0.1723 0.1686 0.1716 0.0414  0.0189  0.0395  100  VAL A CG1 
635 C CG2 . VAL A 100 ? 0.1873 0.1972 0.1607 0.0031  0.0442  -0.0037 100  VAL A CG2 
636 N N   . ARG A 101 ? 0.1196 0.1166 0.1720 0.0128  0.0308  0.0011  101  ARG A N   
637 C CA  . ARG A 101 ? 0.1222 0.1090 0.1796 0.0032  0.0302  0.0019  101  ARG A CA  
638 C C   . ARG A 101 ? 0.1095 0.1290 0.1872 0.0090  0.0113  0.0015  101  ARG A C   
639 O O   . ARG A 101 ? 0.1221 0.1416 0.2436 0.0021  -0.0168 0.0276  101  ARG A O   
640 C CB  . ARG A 101 ? 0.1386 0.1407 0.2011 0.0182  0.0497  -0.0095 101  ARG A CB  
641 C CG  . ARG A 101 ? 0.1702 0.1972 0.2091 0.0156  0.0772  -0.0156 101  ARG A CG  
642 C CD  . ARG A 101 ? 0.1839 0.2560 0.2289 0.0088  0.0885  0.0006  101  ARG A CD  
643 N NE  . ARG A 101 ? 0.2140 0.3124 0.2623 -0.0048 0.0989  0.0274  101  ARG A NE  
644 C CZ  . ARG A 101 ? 0.2260 0.3382 0.3247 -0.0284 0.0928  0.0371  101  ARG A CZ  
645 N NH1 . ARG A 101 ? 0.2547 0.3554 0.3738 -0.0104 0.0544  0.0083  101  ARG A NH1 
646 N NH2 . ARG A 101 ? 0.2697 0.3719 0.3116 -0.0198 0.0904  0.0655  101  ARG A NH2 
647 N N   . ILE A 102 ? 0.1176 0.1171 0.1540 0.0027  0.0085  0.0037  102  ILE A N   
648 C CA  . ILE A 102 ? 0.1218 0.1197 0.1631 0.0194  0.0119  0.0094  102  ILE A CA  
649 C C   . ILE A 102 ? 0.1426 0.1257 0.1504 -0.0010 0.0320  0.0094  102  ILE A C   
650 O O   . ILE A 102 ? 0.1495 0.1293 0.1570 0.0144  0.0193  0.0252  102  ILE A O   
651 C CB  . ILE A 102 ? 0.1296 0.1122 0.1585 0.0109  0.0165  -0.0023 102  ILE A CB  
652 C CG1 . ILE A 102 ? 0.1213 0.1272 0.1545 0.0137  0.0305  -0.0205 102  ILE A CG1 
653 C CG2 . ILE A 102 ? 0.1673 0.1272 0.1361 0.0113  0.0306  0.0146  102  ILE A CG2 
654 C CD1 . ILE A 102 ? 0.1174 0.1400 0.1469 0.0089  0.0259  -0.0078 102  ILE A CD1 
655 N N   . ARG A 103 ? 0.1318 0.1072 0.1752 0.0139  0.0387  -0.0043 103  ARG A N   
656 C CA  . ARG A 103 ? 0.1442 0.1298 0.1612 0.0166  0.0418  0.0006  103  ARG A CA  
657 C C   . ARG A 103 ? 0.1450 0.1284 0.1692 0.0205  0.0445  0.0207  103  ARG A C   
658 O O   . ARG A 103 ? 0.1523 0.1299 0.2007 0.0314  0.0321  0.0227  103  ARG A O   
659 C CB  . ARG A 103 ? 0.1659 0.1277 0.1779 0.0124  0.0423  -0.0199 103  ARG A CB  
660 C CG  . ARG A 103 ? 0.1933 0.1471 0.1809 0.0114  0.0462  -0.0191 103  ARG A CG  
661 C CD  . ARG A 103 ? 0.2293 0.1625 0.2074 0.0070  0.0716  -0.0297 103  ARG A CD  
662 N NE  . ARG A 103 ? 0.2196 0.1902 0.2227 0.0085  0.0775  -0.0436 103  ARG A NE  
663 C CZ  . ARG A 103 ? 0.2345 0.2273 0.2217 0.0138  0.0756  -0.0565 103  ARG A CZ  
664 N NH1 . ARG A 103 ? 0.2584 0.2860 0.2077 0.0244  0.0542  -0.0247 103  ARG A NH1 
665 N NH2 . ARG A 103 ? 0.2693 0.2488 0.2566 0.0255  0.0593  -0.0793 103  ARG A NH2 
666 N N   . THR A 104 ? 0.1277 0.1331 0.1924 0.0127  0.0340  0.0348  104  THR A N   
667 C CA  . THR A 104 ? 0.1130 0.1598 0.1829 0.0048  0.0328  0.0252  104  THR A CA  
668 C C   . THR A 104 ? 0.1239 0.1751 0.1892 0.0171  0.0092  0.0281  104  THR A C   
669 O O   . THR A 104 ? 0.1526 0.2004 0.2440 0.0374  -0.0101 0.0043  104  THR A O   
670 C CB  . THR A 104 ? 0.1384 0.1716 0.2006 0.0089  0.0192  0.0211  104  THR A CB  
671 O OG1 . THR A 104 ? 0.1340 0.1804 0.2242 0.0043  0.0144  0.0385  104  THR A OG1 
672 C CG2 . THR A 104 ? 0.1619 0.2230 0.1825 -0.0059 0.0292  0.0203  104  THR A CG2 
673 N N   . GLY A 105 ? 0.1362 0.1798 0.1562 0.0185  0.0334  0.0270  105  GLY A N   
674 C CA  . GLY A 105 ? 0.1594 0.1942 0.1483 -0.0002 0.0313  0.0158  105  GLY A CA  
675 C C   . GLY A 105 ? 0.1462 0.2020 0.1446 0.0052  0.0187  -0.0002 105  GLY A C   
676 O O   . GLY A 105 ? 0.2159 0.2347 0.1637 -0.0212 0.0055  -0.0106 105  GLY A O   
677 N N   . GLU A 106 ? 0.1265 0.1792 0.1470 -0.0047 0.0265  -0.0010 106  GLU A N   
678 C CA  . GLU A 106 ? 0.1297 0.1743 0.1535 -0.0040 0.0264  -0.0131 106  GLU A CA  
679 C C   . GLU A 106 ? 0.1181 0.1720 0.1477 -0.0060 0.0188  -0.0256 106  GLU A C   
680 O O   . GLU A 106 ? 0.1099 0.1788 0.2117 -0.0018 0.0131  -0.0287 106  GLU A O   
681 C CB  . GLU A 106 ? 0.1340 0.1579 0.1668 0.0212  0.0327  -0.0128 106  GLU A CB  
682 C CG  . GLU A 106 ? 0.1359 0.1820 0.1914 0.0126  0.0301  -0.0031 106  GLU A CG  
683 C CD  . GLU A 106 ? 0.1617 0.1825 0.2164 0.0329  0.0373  -0.0102 106  GLU A CD  
684 O OE1 . GLU A 106 ? 0.1978 0.1827 0.1748 0.0120  0.0529  0.0108  106  GLU A OE1 
685 O OE2 . GLU A 106 ? 0.1779 0.1927 0.2901 0.0328  0.0255  -0.0457 106  GLU A OE2 
686 N N   . THR A 107 ? 0.1216 0.1764 0.1603 -0.0111 0.0313  -0.0250 107  THR A N   
687 C CA  . THR A 107 ? 0.1272 0.1685 0.1715 -0.0061 0.0282  -0.0220 107  THR A CA  
688 C C   . THR A 107 ? 0.1221 0.1604 0.1778 0.0008  0.0380  -0.0268 107  THR A C   
689 O O   . THR A 107 ? 0.1262 0.1754 0.1849 0.0079  0.0533  -0.0213 107  THR A O   
690 C CB  . THR A 107 ? 0.1640 0.2083 0.1803 -0.0078 0.0500  -0.0437 107  THR A CB  
691 O OG1 . THR A 107 ? 0.2258 0.2663 0.1938 -0.0337 0.0505  -0.0526 107  THR A OG1 
692 C CG2 . THR A 107 ? 0.2069 0.2125 0.2496 0.0300  0.0240  -0.0562 107  THR A CG2 
693 N N   . ASN A 108 ? 0.1321 0.1740 0.1817 -0.0057 0.0350  -0.0098 108  ASN A N   
694 C CA  . ASN A 108 ? 0.1270 0.1905 0.1868 -0.0188 0.0502  -0.0104 108  ASN A CA  
695 C C   . ASN A 108 ? 0.1509 0.1919 0.2081 0.0081  0.0432  -0.0429 108  ASN A C   
696 O O   . ASN A 108 ? 0.1493 0.2309 0.2148 -0.0091 0.0422  -0.0491 108  ASN A O   
697 C CB  . ASN A 108 ? 0.1393 0.1720 0.1942 0.0123  0.0455  0.0056  108  ASN A CB  
698 C CG  . ASN A 108 ? 0.1404 0.1847 0.2216 -0.0081 0.0662  0.0148  108  ASN A CG  
699 O OD1 . ASN A 108 ? 0.1431 0.1856 0.2388 -0.0013 0.0694  0.0108  108  ASN A OD1 
700 N ND2 . ASN A 108 ? 0.2303 0.1855 0.2520 0.0024  0.0262  0.0193  108  ASN A ND2 
701 N N   . THR A 109 ? 0.1456 0.2045 0.2089 -0.0009 0.0548  0.0018  109  THR A N   
702 C CA  . THR A 109 ? 0.1644 0.2364 0.2135 -0.0155 0.0413  0.0217  109  THR A CA  
703 C C   . THR A 109 ? 0.2211 0.2321 0.2589 -0.0230 0.0224  0.0308  109  THR A C   
704 O O   . THR A 109 ? 0.2854 0.2804 0.2903 -0.0436 0.0049  0.0490  109  THR A O   
705 C CB  . THR A 109 ? 0.1499 0.2330 0.2001 -0.0088 0.0338  -0.0093 109  THR A CB  
706 O OG1 . THR A 109 ? 0.1510 0.2222 0.2196 0.0017  0.0277  -0.0025 109  THR A OG1 
707 C CG2 . THR A 109 ? 0.1502 0.2671 0.2265 -0.0091 0.0094  0.0030  109  THR A CG2 
708 N N   . GLU A 110 ? 0.1867 0.2313 0.2595 0.0229  0.0283  0.0501  110  GLU A N   
709 C CA  . GLU A 110 ? 0.2282 0.2597 0.2496 0.0109  0.0686  0.0145  110  GLU A CA  
710 C C   . GLU A 110 ? 0.2048 0.2739 0.2592 -0.0095 0.0842  -0.0180 110  GLU A C   
711 O O   . GLU A 110 ? 0.1811 0.2849 0.2742 0.0232  0.0414  -0.0006 110  GLU A O   
712 C CB  . GLU A 110 ? 0.2326 0.2493 0.2932 0.0040  0.0352  0.0166  110  GLU A CB  
713 C CG  . GLU A 110 ? 0.2339 0.2250 0.2924 0.0339  0.0508  0.0255  110  GLU A CG  
714 C CD  . GLU A 110 ? 0.2263 0.2133 0.3053 0.0373  0.0655  0.0152  110  GLU A CD  
715 O OE1 . GLU A 110 ? 0.2658 0.1764 0.2648 0.0740  0.1055  0.0382  110  GLU A OE1 
716 O OE2 . GLU A 110 ? 0.2646 0.2446 0.3011 0.0312  0.0589  0.0232  110  GLU A OE2 
717 P P   . PO4 B .   ? 0.3249 0.2253 0.1116 -0.0091 -0.0736 0.0171  1111 PO4 A P   
718 O O1  . PO4 B .   ? 0.3578 0.2689 0.1517 -0.0137 -0.0579 0.0361  1111 PO4 A O1  
719 O O2  . PO4 B .   ? 0.3438 0.2524 0.1622 -0.0081 -0.0769 0.0050  1111 PO4 A O2  
720 O O3  . PO4 B .   ? 0.3700 0.2454 0.1370 -0.0034 -0.0365 -0.0027 1111 PO4 A O3  
721 O O4  . PO4 B .   ? 0.3422 0.2710 0.1520 0.0016  -0.0824 0.0285  1111 PO4 A O4  
722 P P   . PO4 C .   ? 0.3253 0.1460 0.1287 0.0686  0.0275  0.0283  1112 PO4 A P   
723 O O1  . PO4 C .   ? 0.3255 0.1426 0.1459 0.0664  0.0061  0.0389  1112 PO4 A O1  
724 O O2  . PO4 C .   ? 0.3393 0.1517 0.1463 0.0141  0.0367  0.0069  1112 PO4 A O2  
725 O O3  . PO4 C .   ? 0.3364 0.1590 0.1483 0.0778  0.0393  0.0202  1112 PO4 A O3  
726 O O4  . PO4 C .   ? 0.3151 0.1993 0.1631 0.0419  0.0359  0.0595  1112 PO4 A O4  
727 P P   . PO4 D .   ? 0.4434 0.6402 0.3606 0.0159  -0.1836 0.0117  1113 PO4 A P   
728 O O1  . PO4 D .   ? 0.4830 0.6304 0.3726 0.0013  -0.1782 -0.0099 1113 PO4 A O1  
729 O O2  . PO4 D .   ? 0.4001 0.6057 0.2986 -0.0310 -0.1853 0.0325  1113 PO4 A O2  
730 O O3  . PO4 D .   ? 0.4745 0.6644 0.4036 0.0283  -0.1594 0.0110  1113 PO4 A O3  
731 O O4  . PO4 D .   ? 0.4622 0.6469 0.3681 0.0154  -0.1412 0.0016  1113 PO4 A O4  
732 O O   . HOH E .   ? 0.5623 0.4271 0.5964 -0.2574 0.1114  0.0616  2001 HOH A O   
733 O O   . HOH E .   ? 0.2706 0.3306 0.4960 0.0581  0.0002  -0.0810 2002 HOH A O   
734 O O   . HOH E .   ? 0.2089 0.2649 0.2918 0.0299  0.0198  -0.0317 2003 HOH A O   
735 O O   . HOH E .   ? 0.5018 0.7019 0.6636 -0.0896 0.0769  0.0239  2004 HOH A O   
736 O O   . HOH E .   ? 0.1544 0.1829 0.2351 -0.0020 -0.0108 0.0217  2005 HOH A O   
737 O O   . HOH E .   ? 0.6369 0.4492 0.3604 0.0162  -0.1378 0.0245  2006 HOH A O   
738 O O   . HOH E .   ? 0.5352 0.8147 0.3688 -0.1140 0.0508  0.2086  2007 HOH A O   
739 O O   . HOH E .   ? 0.6271 0.3490 0.5122 -0.0544 0.1947  -0.0214 2008 HOH A O   
740 O O   . HOH E .   ? 0.4763 0.5765 0.5152 -0.0131 0.2050  -0.0701 2009 HOH A O   
741 O O   . HOH E .   ? 0.1559 0.1420 0.1529 0.0258  -0.0022 0.0136  2010 HOH A O   
742 O O   . HOH E .   ? 0.5052 0.6298 0.2318 0.1964  -0.1008 -0.0593 2011 HOH A O   
743 O O   . HOH E .   ? 0.5366 0.2989 0.2979 0.0065  -0.1180 0.0120  2012 HOH A O   
744 O O   . HOH E .   ? 0.2821 0.4389 0.3485 0.1160  -0.0960 -0.1431 2013 HOH A O   
745 O O   . HOH E .   ? 0.5189 0.6340 0.2993 0.2286  -0.0151 0.0348  2014 HOH A O   
746 O O   . HOH E .   ? 0.4344 0.3579 0.2537 0.0078  -0.0566 -0.0297 2015 HOH A O   
747 O O   . HOH E .   ? 0.7858 0.4369 0.6059 -0.1329 0.2066  0.0422  2016 HOH A O   
748 O O   . HOH E .   ? 0.4503 0.8689 0.6338 -0.2140 0.0906  -0.0105 2017 HOH A O   
749 O O   . HOH E .   ? 0.5958 0.5460 0.6610 -0.0590 0.2329  -0.1058 2018 HOH A O   
750 O O   . HOH E .   ? 0.4275 0.3014 0.4793 -0.0014 0.1084  -0.1155 2019 HOH A O   
751 O O   . HOH E .   ? 0.3649 0.3695 0.4628 -0.0770 0.0020  -0.0646 2020 HOH A O   
752 O O   . HOH E .   ? 0.6237 0.4767 0.4439 0.1828  0.1793  0.0763  2021 HOH A O   
753 O O   . HOH E .   ? 0.3128 0.3154 0.1763 -0.0397 0.0082  0.0173  2022 HOH A O   
754 O O   . HOH E .   ? 0.5998 0.7635 0.5687 -0.1903 -0.1576 -0.0884 2023 HOH A O   
755 O O   . HOH E .   ? 0.2419 0.4320 0.5901 -0.0298 0.0239  0.0313  2024 HOH A O   
756 O O   . HOH E .   ? 0.3513 0.6112 0.7208 0.1181  -0.0507 0.0020  2025 HOH A O   
757 O O   . HOH E .   ? 0.2406 0.2415 0.1817 0.0459  0.0203  -0.0073 2026 HOH A O   
758 O O   . HOH E .   ? 0.2352 0.2129 0.2823 0.0395  -0.0117 0.0886  2027 HOH A O   
759 O O   . HOH E .   ? 0.3061 0.2225 0.2512 0.0184  0.0308  0.0452  2028 HOH A O   
760 O O   . HOH E .   ? 0.5591 0.7620 0.6530 0.0640  -0.0371 0.2193  2029 HOH A O   
761 O O   . HOH E .   ? 0.5844 0.4350 0.4508 -0.0042 0.0880  0.0711  2030 HOH A O   
762 O O   . HOH E .   ? 0.2435 0.7660 0.3143 0.0710  0.0701  0.1024  2031 HOH A O   
763 O O   . HOH E .   ? 0.3047 0.3060 0.2335 -0.0545 0.0582  0.0268  2032 HOH A O   
764 O O   . HOH E .   ? 0.5247 0.7380 0.3569 0.0906  -0.0313 -0.2232 2033 HOH A O   
765 O O   . HOH E .   ? 0.3674 0.7435 0.4206 -0.1055 0.1077  -0.0991 2034 HOH A O   
766 O O   . HOH E .   ? 0.6305 0.5640 0.6882 0.3301  0.0261  -0.1052 2035 HOH A O   
767 O O   . HOH E .   ? 0.3674 0.5823 0.7133 0.0641  -0.1740 0.1474  2036 HOH A O   
768 O O   . HOH E .   ? 0.3419 0.4113 0.2764 0.0831  0.0685  0.0167  2037 HOH A O   
769 O O   . HOH E .   ? 0.4708 0.7209 0.3460 0.2538  -0.0874 -0.0876 2038 HOH A O   
770 O O   . HOH E .   ? 0.7856 0.5841 0.4068 -0.0233 -0.1845 0.0159  2039 HOH A O   
771 O O   . HOH E .   ? 0.5783 0.5036 0.5007 -0.1424 0.0571  -0.1657 2040 HOH A O   
772 O O   . HOH E .   ? 0.4960 0.5537 0.7669 0.0711  0.0524  -0.2776 2041 HOH A O   
773 O O   . HOH E .   ? 0.5259 0.4249 0.3556 0.2549  -0.1264 -0.1452 2042 HOH A O   
774 O O   . HOH E .   ? 0.3568 0.5135 0.5160 0.1761  0.1390  0.2054  2043 HOH A O   
775 O O   . HOH E .   ? 0.7810 0.5744 0.6917 0.2166  0.1824  -0.1455 2044 HOH A O   
776 O O   . HOH E .   ? 0.3557 0.7552 0.4434 0.0431  0.0178  -0.2724 2045 HOH A O   
777 O O   . HOH E .   ? 0.5071 0.3836 0.3793 0.0523  -0.1773 -0.1753 2046 HOH A O   
778 O O   . HOH E .   ? 0.8050 0.2764 0.4532 -0.0289 0.2713  -0.0550 2047 HOH A O   
779 O O   . HOH E .   ? 0.2986 0.4192 0.9161 -0.0302 -0.1400 0.0853  2048 HOH A O   
780 O O   . HOH E .   ? 0.3164 0.5684 0.9618 0.0283  -0.1253 -0.3081 2049 HOH A O   
781 O O   . HOH E .   ? 0.2108 0.7371 0.4444 -0.0524 -0.0158 0.1732  2050 HOH A O   
782 O O   . HOH E .   ? 0.2568 0.6798 0.5353 0.0413  0.0130  0.1676  2051 HOH A O   
783 O O   . HOH E .   ? 0.4726 0.3185 0.7742 -0.1477 0.0174  0.1318  2052 HOH A O   
784 O O   . HOH E .   ? 0.2806 0.4221 0.3388 0.0264  -0.1043 -0.0097 2053 HOH A O   
785 O O   . HOH E .   ? 0.5985 0.4935 0.6423 -0.0573 -0.0471 -0.1569 2054 HOH A O   
786 O O   . HOH E .   ? 0.8099 0.4490 0.3232 -0.0056 0.1677  0.1137  2055 HOH A O   
787 O O   . HOH E .   ? 0.6951 0.5705 0.6673 0.1309  0.1498  -0.1075 2056 HOH A O   
788 O O   . HOH E .   ? 0.5816 0.3414 0.5004 0.0210  0.0098  -0.0506 2057 HOH A O   
789 O O   . HOH E .   ? 0.2517 0.3038 0.2589 0.0262  0.0264  -0.0887 2058 HOH A O   
790 O O   . HOH E .   ? 0.4561 0.1655 0.2350 -0.0265 -0.0010 0.0158  2059 HOH A O   
791 O O   . HOH E .   ? 0.4875 0.3028 0.4991 -0.0147 -0.1961 0.0437  2060 HOH A O   
792 O O   . HOH E .   ? 0.3761 0.5915 0.4863 0.0286  0.1098  -0.1398 2061 HOH A O   
793 O O   . HOH E .   ? 0.5092 0.6477 0.6788 -0.0025 0.0052  0.0774  2062 HOH A O   
794 O O   . HOH E .   ? 0.5165 0.5406 0.5049 0.0546  0.1453  0.0240  2063 HOH A O   
795 O O   . HOH E .   ? 0.5551 0.5001 0.5042 -0.1244 0.0470  -0.0398 2064 HOH A O   
796 O O   . HOH E .   ? 0.2986 0.8212 0.3990 -0.0043 -0.0324 -0.0997 2065 HOH A O   
797 O O   . HOH E .   ? 0.6865 0.7439 0.4812 -0.0204 -0.0246 0.0227  2066 HOH A O   
798 O O   . HOH E .   ? 0.4413 0.5603 0.7325 0.0569  -0.0571 -0.0471 2067 HOH A O   
799 O O   . HOH E .   ? 0.3015 0.7760 0.5349 -0.1365 -0.0841 0.0572  2068 HOH A O   
800 O O   . HOH E .   ? 0.6122 0.4328 0.7596 -0.1245 0.0321  -0.0337 2069 HOH A O   
801 O O   . HOH E .   ? 0.2208 0.2432 0.2338 0.0379  -0.0085 -0.0087 2070 HOH A O   
802 O O   . HOH E .   ? 0.6214 0.7229 0.2369 0.0558  0.0764  -0.0378 2071 HOH A O   
803 O O   . HOH E .   ? 0.5194 0.5867 0.7514 0.0926  0.2253  -0.0448 2072 HOH A O   
804 O O   . HOH E .   ? 0.4129 0.1987 0.2066 -0.0351 -0.0130 0.0089  2073 HOH A O   
805 O O   . HOH E .   ? 0.2758 0.2738 0.2029 0.0191  -0.0307 -0.0196 2074 HOH A O   
806 O O   . HOH E .   ? 0.3593 0.8624 0.3269 -0.1332 0.0624  -0.2203 2075 HOH A O   
807 O O   . HOH E .   ? 0.3462 0.2987 1.0067 -0.0409 -0.0416 -0.1122 2076 HOH A O   
808 O O   . HOH E .   ? 0.6007 0.3087 0.4379 0.0933  0.0752  -0.0227 2077 HOH A O   
809 O O   . HOH E .   ? 0.5534 0.3218 0.7913 -0.0846 -0.1299 0.0843  2078 HOH A O   
810 O O   . HOH E .   ? 0.6193 0.8340 0.4824 0.0669  -0.0145 0.1880  2079 HOH A O   
811 O O   . HOH E .   ? 0.5405 0.3352 0.4150 -0.0144 0.1930  0.1419  2080 HOH A O   
812 O O   . HOH E .   ? 0.3502 0.4214 0.2518 0.0455  0.0290  -0.0257 2081 HOH A O   
813 O O   . HOH E .   ? 0.6578 0.5174 0.6127 0.1100  0.3550  -0.0167 2082 HOH A O   
814 O O   . HOH E .   ? 0.6808 0.6416 0.4396 -0.0972 -0.0268 0.1970  2083 HOH A O   
815 O O   . HOH E .   ? 0.3096 0.4061 0.5011 -0.1327 -0.1272 0.0891  2084 HOH A O   
816 O O   . HOH E .   ? 0.3985 0.5785 0.3198 -0.1604 -0.0276 -0.0747 2085 HOH A O   
817 O O   . HOH E .   ? 0.4789 0.3201 0.4692 0.0586  -0.0020 -0.0172 2086 HOH A O   
818 O O   . HOH E .   ? 0.8167 0.4511 0.6679 -0.0320 0.2483  -0.1756 2087 HOH A O   
819 O O   . HOH E .   ? 0.6672 0.7498 0.4255 0.1201  0.1651  -0.1749 2088 HOH A O   
820 O O   . HOH E .   ? 0.3321 0.4903 0.9136 0.0602  -0.1441 0.0309  2089 HOH A O   
821 O O   . HOH E .   ? 0.6120 0.5099 0.2917 0.0246  0.0440  -0.0140 2090 HOH A O   
822 O O   . HOH E .   ? 0.6006 0.6175 0.6215 0.0821  -0.3087 -0.0365 2091 HOH A O   
823 O O   . HOH E .   ? 0.5062 0.7102 0.4663 -0.0369 -0.1723 0.1396  2092 HOH A O   
824 O O   . HOH E .   ? 0.2434 0.7311 0.3628 0.0032  -0.1027 -0.0380 2093 HOH A O   
825 O O   . HOH E .   ? 0.4066 0.4052 0.5639 0.0713  -0.0816 -0.0821 2094 HOH A O   
826 O O   . HOH E .   ? 0.2538 0.2685 0.2191 0.0444  0.0671  -0.0372 2095 HOH A O   
827 O O   . HOH E .   ? 0.3079 0.3207 0.3934 0.0696  0.0972  -0.0712 2096 HOH A O   
828 O O   . HOH E .   ? 0.2808 0.3042 0.3566 -0.0026 -0.0118 0.0292  2097 HOH A O   
830 O O   . HOH E .   ? 0.4518 0.4984 0.4362 -0.0585 0.2446  -0.1294 2099 HOH A O   
832 O O   . HOH E .   ? 0.2840 0.4570 0.7380 0.0188  -0.1114 -0.2476 2101 HOH A O   
833 O O   . HOH E .   ? 0.2196 0.5394 0.2034 0.0928  -0.0385 -0.0011 2102 HOH A O   
834 O O   . HOH E .   ? 0.7176 0.6702 0.5066 -0.0292 0.1888  0.1636  2103 HOH A O   
835 O O   . HOH E .   ? 0.4671 0.3250 0.2636 0.1597  0.0612  0.0611  2104 HOH A O   
836 O O   . HOH E .   ? 0.2539 0.7878 0.3041 -0.0947 0.0627  -0.1228 2105 HOH A O   
837 O O   . HOH E .   ? 0.4321 0.6126 0.3803 0.0570  0.0842  -0.1136 2106 HOH A O   
838 O O   . HOH E .   ? 0.3471 0.2715 0.3005 0.0655  -0.0722 0.0298  2107 HOH A O   
839 O O   . HOH E .   ? 0.6450 0.4057 0.2638 0.1763  0.0278  0.1162  2108 HOH A O   
840 O O   . HOH E .   ? 0.5510 0.4392 0.4417 0.0979  -0.0151 -0.2488 2109 HOH A O   
841 O O   . HOH E .   ? 0.6709 0.4112 0.5405 0.2090  0.1245  0.1803  2110 HOH A O   
842 O O   . HOH E .   ? 0.4627 0.4070 0.3162 0.2357  -0.0369 -0.1042 2111 HOH A O   
843 O O   . HOH E .   ? 0.2206 0.3833 0.2662 0.0649  -0.0063 0.0523  2112 HOH A O   
844 O O   . HOH E .   ? 0.4851 0.3507 0.7831 -0.0381 -0.1192 0.0128  2113 HOH A O   
845 O O   . HOH E .   ? 0.1437 0.2259 0.2449 0.0084  0.0155  0.0044  2114 HOH A O   
846 O O   . HOH E .   ? 0.5586 0.7258 0.3944 -0.0911 -0.1149 -0.0299 2115 HOH A O   
847 O O   . HOH E .   ? 0.1681 0.2786 0.2420 0.0376  0.0386  0.0447  2116 HOH A O   
848 O O   . HOH E .   ? 0.5498 0.5301 0.7532 -0.1928 0.2486  0.0570  2117 HOH A O   
849 O O   . HOH E .   ? 0.4352 0.8021 0.6830 -0.1043 -0.0262 0.0620  2118 HOH A O   
850 O O   . HOH E .   ? 0.2710 0.5447 0.8358 0.0130  0.0497  0.1809  2119 HOH A O   
851 O O   . HOH E .   ? 0.3447 0.4968 0.5190 0.0715  0.0564  -0.1226 2120 HOH A O   
852 O O   . HOH E .   ? 0.4246 0.4679 0.4176 0.2196  0.1202  0.1814  2121 HOH A O   
853 O O   . HOH E .   ? 0.3802 0.7617 0.6437 0.1400  0.2194  -0.0286 2122 HOH A O   
854 O O   . HOH E .   ? 0.5369 0.5548 0.6228 -0.0176 0.0660  0.0382  2123 HOH A O   
855 O O   . HOH E .   ? 0.6198 0.5331 0.3187 -0.1339 0.0724  0.0195  2124 HOH A O   
856 O O   . HOH E .   ? 0.6810 0.6672 0.4986 0.0532  0.0783  -0.0643 2125 HOH A O   
857 O O   . HOH E .   ? 0.5100 0.7791 0.4841 0.0153  0.2903  0.0171  2126 HOH A O   
858 O O   . HOH E .   ? 0.2995 0.7127 0.1981 -0.0256 0.0323  -0.0724 2127 HOH A O   
859 O O   . HOH E .   ? 0.7377 0.5275 0.4261 -0.1496 0.0734  -0.1660 2128 HOH A O   
860 O O   . HOH E .   ? 0.2494 0.1922 0.1388 0.0129  0.0069  0.0005  2129 HOH A O   
861 O O   . HOH E .   ? 0.6218 0.5385 0.3046 0.1237  -0.1166 -0.0295 2130 HOH A O   
862 O O   . HOH E .   ? 0.3889 0.6796 0.2572 0.0681  0.0058  0.1797  2131 HOH A O   
863 O O   . HOH E .   ? 0.3342 0.3296 0.2185 0.0342  -0.0157 0.0614  2132 HOH A O   
864 O O   . HOH E .   ? 0.7504 0.6163 0.3651 0.1690  -0.0198 -0.0637 2133 HOH A O   
865 O O   . HOH E .   ? 0.2809 0.7399 0.2701 0.0561  -0.0292 -0.1875 2134 HOH A O   
866 O O   . HOH E .   ? 0.4881 0.3404 0.2176 0.1163  -0.0643 -0.0783 2135 HOH A O   
867 O O   . HOH E .   ? 0.4105 0.5177 0.6222 0.1077  -0.2070 -0.2829 2136 HOH A O   
868 O O   . HOH E .   ? 0.4123 0.4483 0.4696 0.1052  0.0301  0.2578  2137 HOH A O   
869 O O   . HOH E .   ? 0.4260 0.2720 0.2699 0.0600  -0.1109 -0.0439 2138 HOH A O   
870 O O   . HOH E .   ? 0.5241 0.4136 0.3848 0.0170  -0.1330 -0.2062 2139 HOH A O   
871 O O   . HOH E .   ? 0.6076 0.4672 0.4287 0.2326  -0.1815 -0.0626 2140 HOH A O   
872 O O   . HOH E .   ? 0.2834 0.3558 0.6725 -0.0432 -0.0004 0.1724  2141 HOH A O   
873 O O   . HOH E .   ? 0.4723 0.3020 0.2077 0.0181  -0.0553 0.0003  2142 HOH A O   
874 O O   . HOH E .   ? 0.3708 0.4002 0.2751 0.0598  0.0188  0.0911  2143 HOH A O   
875 O O   . HOH E .   ? 0.3767 0.3525 0.3391 0.1607  -0.1251 -0.0265 2144 HOH A O   
876 O O   . HOH E .   ? 0.3233 0.4886 0.5334 0.0241  -0.1042 -0.0593 2145 HOH A O   
877 O O   . HOH E .   ? 0.5349 0.6645 0.4996 -0.2658 0.1470  -0.1632 2146 HOH A O   
878 O O   . HOH E .   ? 0.6634 0.7134 0.3232 0.0885  0.0155  -0.0335 2147 HOH A O   
879 O O   . HOH E .   ? 0.2388 0.3140 0.3442 0.0974  -0.1002 -0.1284 2148 HOH A O   
880 O O   . HOH E .   ? 0.2774 0.2857 0.2158 -0.0319 0.0021  -0.0248 2149 HOH A O   
881 O O   . HOH E .   ? 0.4552 0.2570 0.8332 0.0643  -0.1730 -0.0390 2150 HOH A O   
882 O O   . HOH E .   ? 0.7589 0.4896 0.4876 -0.0169 0.1269  0.1770  2151 HOH A O   
883 O O   . HOH E .   ? 0.4626 0.4705 0.4940 0.0727  -0.2800 -0.0296 2152 HOH A O   
884 O O   . HOH E .   ? 0.7154 0.5462 0.5896 -0.2275 -0.1640 -0.1552 2153 HOH A O   
885 O O   . HOH E .   ? 0.1868 0.1747 0.3811 0.0426  -0.0207 -0.0884 2154 HOH A O   
886 O O   . HOH E .   ? 0.3746 0.6051 0.5849 -0.0605 -0.0983 0.1051  2155 HOH A O   
887 O O   . HOH E .   ? 0.4729 0.2736 0.6448 -0.0293 -0.0276 0.0429  2156 HOH A O   
888 O O   . HOH E .   ? 0.5649 0.4821 0.5284 0.1571  -0.2024 -0.1898 2157 HOH A O   
889 O O   . HOH E .   ? 0.4205 0.4351 0.8259 -0.1640 0.0088  0.0080  2158 HOH A O   
890 O O   . HOH E .   ? 0.3055 0.1929 0.1994 0.0208  0.0121  -0.0252 2159 HOH A O   
891 O O   . HOH E .   ? 0.6750 0.4923 0.4185 0.0841  0.1064  -0.1195 2160 HOH A O   
892 O O   . HOH E .   ? 0.2077 0.1783 0.1463 0.0592  0.0328  -0.0042 2161 HOH A O   
893 O O   . HOH E .   ? 0.2370 0.8705 0.2823 -0.0336 0.0305  -0.0898 2162 HOH A O   
894 O O   . HOH E .   ? 0.6813 0.5575 0.4131 0.0593  0.1838  0.0473  2163 HOH A O   
895 O O   . HOH E .   ? 0.4339 0.7622 0.3800 0.0709  0.0531  -0.2020 2164 HOH A O   
896 O O   . HOH E .   ? 0.3571 0.5260 0.3911 -0.0547 -0.1026 -0.1708 2165 HOH A O   
897 O O   . HOH E .   ? 0.6368 0.3702 0.4404 0.0640  -0.0767 0.0841  2166 HOH A O   
898 O O   . HOH E .   ? 0.4374 0.5095 0.7007 -0.0203 -0.0959 -0.0059 2167 HOH A O   
899 O O   . HOH E .   ? 0.4678 0.2847 0.2400 -0.0181 -0.0233 0.0218  2168 HOH A O   
900 O O   . HOH E .   ? 0.1680 0.2108 0.1374 0.0280  0.0303  -0.0063 2169 HOH A O   
901 O O   . HOH E .   ? 0.2885 0.5165 0.4298 0.1182  -0.0346 0.0481  2170 HOH A O   
902 O O   . HOH E .   ? 0.3094 0.8651 0.4369 -0.1372 0.0004  0.0480  2171 HOH A O   
903 O O   . HOH E .   ? 0.5903 0.5415 0.7308 0.0007  -0.1972 -0.3190 2172 HOH A O   
904 O O   . HOH E .   ? 0.7223 0.4177 0.7938 0.0612  0.0598  -0.1745 2173 HOH A O   
905 O O   . HOH E .   ? 0.3421 0.2118 0.2156 -0.0284 -0.0215 0.0136  2174 HOH A O   
907 O O   . HOH E .   ? 0.4279 0.5379 0.6732 -0.1432 -0.1593 0.0404  2176 HOH A O   
908 O O   . HOH E .   ? 0.3609 0.6112 0.3440 0.1087  0.0098  0.1425  2177 HOH A O   
# 
loop_
_pdbx_poly_seq_scheme.asym_id 
_pdbx_poly_seq_scheme.entity_id 
_pdbx_poly_seq_scheme.seq_id 
_pdbx_poly_seq_scheme.mon_id 
_pdbx_poly_seq_scheme.ndb_seq_num 
_pdbx_poly_seq_scheme.pdb_seq_num 
_pdbx_poly_seq_scheme.auth_seq_num 
_pdbx_poly_seq_scheme.pdb_mon_id 
_pdbx_poly_seq_scheme.auth_mon_id 
_pdbx_poly_seq_scheme.pdb_strand_id 
_pdbx_poly_seq_scheme.pdb_ins_code 
_pdbx_poly_seq_scheme.hetero 
A 1 1   MET 1   1   1   MET MET A . n 
A 1 2   LYS 2   2   2   LYS LYS A . n 
A 1 3   LEU 3   3   3   LEU LEU A . n 
A 1 4   VAL 4   4   4   VAL VAL A . n 
A 1 5   MET 5   5   5   MET MET A . n 
A 1 6   ALA 6   6   6   ALA ALA A . n 
A 1 7   ILE 7   7   7   ILE ILE A . n 
A 1 8   ILE 8   8   8   ILE ILE A . n 
A 1 9   LYS 9   9   9   LYS LYS A . n 
A 1 10  PRO 10  10  10  PRO PRO A . n 
A 1 11  PHE 11  11  11  PHE PHE A . n 
A 1 12  LYS 12  12  12  LYS LYS A . n 
A 1 13  LEU 13  13  13  LEU LEU A . n 
A 1 14  ASP 14  14  14  ASP ASP A . n 
A 1 15  GLU 15  15  15  GLU GLU A . n 
A 1 16  VAL 16  16  16  VAL VAL A . n 
A 1 17  ARG 17  17  17  ARG ARG A . n 
A 1 18  GLU 18  18  18  GLU GLU A . n 
A 1 19  ALA 19  19  19  ALA ALA A . n 
A 1 20  LEU 20  20  20  LEU LEU A . n 
A 1 21  THR 21  21  21  THR THR A . n 
A 1 22  SER 22  22  22  SER SER A . n 
A 1 23  LEU 23  23  23  LEU LEU A . n 
A 1 24  GLY 24  24  24  GLY GLY A . n 
A 1 25  ILE 25  25  25  ILE ILE A . n 
A 1 26  GLN 26  26  26  GLN GLN A . n 
A 1 27  GLY 27  27  27  GLY GLY A . n 
A 1 28  LEU 28  28  28  LEU LEU A . n 
A 1 29  THR 29  29  29  THR THR A . n 
A 1 30  VAL 30  30  30  VAL VAL A . n 
A 1 31  SER 31  31  31  SER SER A . n 
A 1 32  GLU 32  32  32  GLU GLU A . n 
A 1 33  VAL 33  33  33  VAL VAL A . n 
A 1 34  LYS 34  34  34  LYS LYS A . n 
A 1 35  GLY 35  35  35  GLY GLY A . n 
A 1 36  PHE 36  36  36  PHE PHE A . n 
A 1 37  GLY 37  37  37  GLY GLY A . n 
A 1 38  ARG 38  38  ?   ?   ?   A . n 
A 1 39  GLN 39  39  ?   ?   ?   A . n 
A 1 40  LYS 40  40  ?   ?   ?   A . n 
A 1 41  GLY 41  41  ?   ?   ?   A . n 
A 1 42  GLN 42  42  ?   ?   ?   A . n 
A 1 43  THR 43  43  ?   ?   ?   A . n 
A 1 44  GLU 44  44  ?   ?   ?   A . n 
A 1 45  ILE 45  45  ?   ?   ?   A . n 
A 1 46  TYR 46  46  ?   ?   ?   A . n 
A 1 47  ARG 47  47  ?   ?   ?   A . n 
A 1 48  GLY 48  48  ?   ?   ?   A . n 
A 1 49  ALA 49  49  ?   ?   ?   A . n 
A 1 50  GLU 50  50  ?   ?   ?   A . n 
A 1 51  TYR 51  51  ?   ?   ?   A . n 
A 1 52  SER 52  52  ?   ?   ?   A . n 
A 1 53  VAL 53  53  ?   ?   ?   A . n 
A 1 54  SER 54  54  54  SER SER A . n 
A 1 55  PHE 55  55  55  PHE PHE A . n 
A 1 56  LEU 56  56  56  LEU LEU A . n 
A 1 57  PRO 57  57  57  PRO PRO A . n 
A 1 58  LYS 58  58  58  LYS LYS A . n 
A 1 59  VAL 59  59  59  VAL VAL A . n 
A 1 60  LYS 60  60  60  LYS LYS A . n 
A 1 61  VAL 61  61  61  VAL VAL A . n 
A 1 62  GLU 62  62  62  GLU GLU A . n 
A 1 63  VAL 63  63  63  VAL VAL A . n 
A 1 64  ALA 64  64  64  ALA ALA A . n 
A 1 65  VAL 65  65  65  VAL VAL A . n 
A 1 66  SER 66  66  66  SER SER A . n 
A 1 67  ASP 67  67  67  ASP ASP A . n 
A 1 68  ASP 68  68  68  ASP ASP A . n 
A 1 69  GLN 69  69  69  GLN GLN A . n 
A 1 70  TYR 70  70  70  TYR TYR A . n 
A 1 71  GLU 71  71  71  GLU GLU A . n 
A 1 72  GLN 72  72  72  GLN GLN A . n 
A 1 73  VAL 73  73  73  VAL VAL A . n 
A 1 74  VAL 74  74  74  VAL VAL A . n 
A 1 75  GLU 75  75  75  GLU GLU A . n 
A 1 76  ALA 76  76  76  ALA ALA A . n 
A 1 77  ILE 77  77  77  ILE ILE A . n 
A 1 78  GLN 78  78  78  GLN GLN A . n 
A 1 79  LYS 79  79  79  LYS LYS A . n 
A 1 80  ALA 80  80  80  ALA ALA A . n 
A 1 81  ALA 81  81  81  ALA ALA A . n 
A 1 82  ASN 82  82  82  ASN ASN A . n 
A 1 83  THR 83  83  83  THR THR A . n 
A 1 84  GLY 84  84  84  GLY GLY A . n 
A 1 85  ARG 85  85  85  ARG ARG A . n 
A 1 86  ILE 86  86  86  ILE ILE A . n 
A 1 87  GLY 87  87  87  GLY GLY A . n 
A 1 88  ASP 88  88  88  ASP ASP A . n 
A 1 89  GLY 89  89  89  GLY GLY A . n 
A 1 90  LYS 90  90  90  LYS LYS A . n 
A 1 91  ILE 91  91  91  ILE ILE A . n 
A 1 92  PHE 92  92  92  PHE PHE A . n 
A 1 93  VAL 93  93  93  VAL VAL A . n 
A 1 94  LEU 94  94  94  LEU LEU A . n 
A 1 95  ASP 95  95  95  ASP ASP A . n 
A 1 96  ILE 96  96  96  ILE ILE A . n 
A 1 97  ALA 97  97  97  ALA ALA A . n 
A 1 98  GLN 98  98  98  GLN GLN A . n 
A 1 99  ALA 99  99  99  ALA ALA A . n 
A 1 100 VAL 100 100 100 VAL VAL A . n 
A 1 101 ARG 101 101 101 ARG ARG A . n 
A 1 102 ILE 102 102 102 ILE ILE A . n 
A 1 103 ARG 103 103 103 ARG ARG A . n 
A 1 104 THR 104 104 104 THR THR A . n 
A 1 105 GLY 105 105 105 GLY GLY A . n 
A 1 106 GLU 106 106 106 GLU GLU A . n 
A 1 107 THR 107 107 107 THR THR A . n 
A 1 108 ASN 108 108 108 ASN ASN A . n 
A 1 109 THR 109 109 109 THR THR A . n 
A 1 110 GLU 110 110 110 GLU GLU A . n 
A 1 111 ALA 111 111 ?   ?   ?   A . n 
A 1 112 LEU 112 112 ?   ?   ?   A . n 
# 
loop_
_pdbx_nonpoly_scheme.asym_id 
_pdbx_nonpoly_scheme.entity_id 
_pdbx_nonpoly_scheme.mon_id 
_pdbx_nonpoly_scheme.ndb_seq_num 
_pdbx_nonpoly_scheme.pdb_seq_num 
_pdbx_nonpoly_scheme.auth_seq_num 
_pdbx_nonpoly_scheme.pdb_mon_id 
_pdbx_nonpoly_scheme.auth_mon_id 
_pdbx_nonpoly_scheme.pdb_strand_id 
_pdbx_nonpoly_scheme.pdb_ins_code 
B 2 PO4 1   1111 1111 PO4 PO4 A . 
C 2 PO4 1   1112 1112 PO4 PO4 A . 
D 2 PO4 1   1113 1113 PO4 PO4 A . 
E 3 HOH 1   2001 2001 HOH HOH A . 
E 3 HOH 2   2002 2002 HOH HOH A . 
E 3 HOH 3   2003 2003 HOH HOH A . 
E 3 HOH 4   2004 2004 HOH HOH A . 
E 3 HOH 5   2005 2005 HOH HOH A . 
E 3 HOH 6   2006 2006 HOH HOH A . 
E 3 HOH 7   2007 2007 HOH HOH A . 
E 3 HOH 8   2008 2008 HOH HOH A . 
E 3 HOH 9   2009 2009 HOH HOH A . 
E 3 HOH 10  2010 2010 HOH HOH A . 
E 3 HOH 11  2011 2011 HOH HOH A . 
E 3 HOH 12  2012 2012 HOH HOH A . 
E 3 HOH 13  2013 2013 HOH HOH A . 
E 3 HOH 14  2014 2014 HOH HOH A . 
E 3 HOH 15  2015 2015 HOH HOH A . 
E 3 HOH 16  2016 2016 HOH HOH A . 
E 3 HOH 17  2017 2017 HOH HOH A . 
E 3 HOH 18  2018 2018 HOH HOH A . 
E 3 HOH 19  2019 2019 HOH HOH A . 
E 3 HOH 20  2020 2020 HOH HOH A . 
E 3 HOH 21  2021 2021 HOH HOH A . 
E 3 HOH 22  2022 2022 HOH HOH A . 
E 3 HOH 23  2023 2023 HOH HOH A . 
E 3 HOH 24  2024 2024 HOH HOH A . 
E 3 HOH 25  2025 2025 HOH HOH A . 
E 3 HOH 26  2026 2026 HOH HOH A . 
E 3 HOH 27  2027 2027 HOH HOH A . 
E 3 HOH 28  2028 2028 HOH HOH A . 
E 3 HOH 29  2029 2029 HOH HOH A . 
E 3 HOH 30  2030 2030 HOH HOH A . 
E 3 HOH 31  2031 2031 HOH HOH A . 
E 3 HOH 32  2032 2032 HOH HOH A . 
E 3 HOH 33  2033 2033 HOH HOH A . 
E 3 HOH 34  2034 2034 HOH HOH A . 
E 3 HOH 35  2035 2035 HOH HOH A . 
E 3 HOH 36  2036 2036 HOH HOH A . 
E 3 HOH 37  2037 2037 HOH HOH A . 
E 3 HOH 38  2038 2038 HOH HOH A . 
E 3 HOH 39  2039 2039 HOH HOH A . 
E 3 HOH 40  2040 2040 HOH HOH A . 
E 3 HOH 41  2041 2041 HOH HOH A . 
E 3 HOH 42  2042 2042 HOH HOH A . 
E 3 HOH 43  2043 2043 HOH HOH A . 
E 3 HOH 44  2044 2044 HOH HOH A . 
E 3 HOH 45  2045 2045 HOH HOH A . 
E 3 HOH 46  2046 2046 HOH HOH A . 
E 3 HOH 47  2047 2047 HOH HOH A . 
E 3 HOH 48  2048 2048 HOH HOH A . 
E 3 HOH 49  2049 2049 HOH HOH A . 
E 3 HOH 50  2050 2050 HOH HOH A . 
E 3 HOH 51  2051 2051 HOH HOH A . 
E 3 HOH 52  2052 2052 HOH HOH A . 
E 3 HOH 53  2053 2053 HOH HOH A . 
E 3 HOH 54  2054 2054 HOH HOH A . 
E 3 HOH 55  2055 2055 HOH HOH A . 
E 3 HOH 56  2056 2056 HOH HOH A . 
E 3 HOH 57  2057 2057 HOH HOH A . 
E 3 HOH 58  2058 2058 HOH HOH A . 
E 3 HOH 59  2059 2059 HOH HOH A . 
E 3 HOH 60  2060 2060 HOH HOH A . 
E 3 HOH 61  2061 2061 HOH HOH A . 
E 3 HOH 62  2062 2062 HOH HOH A . 
E 3 HOH 63  2063 2063 HOH HOH A . 
E 3 HOH 64  2064 2064 HOH HOH A . 
E 3 HOH 65  2065 2065 HOH HOH A . 
E 3 HOH 66  2066 2066 HOH HOH A . 
E 3 HOH 67  2067 2067 HOH HOH A . 
E 3 HOH 68  2068 2068 HOH HOH A . 
E 3 HOH 69  2069 2069 HOH HOH A . 
E 3 HOH 70  2070 2070 HOH HOH A . 
E 3 HOH 71  2071 2071 HOH HOH A . 
E 3 HOH 72  2072 2072 HOH HOH A . 
E 3 HOH 73  2073 2073 HOH HOH A . 
E 3 HOH 74  2074 2074 HOH HOH A . 
E 3 HOH 75  2075 2075 HOH HOH A . 
E 3 HOH 76  2076 2076 HOH HOH A . 
E 3 HOH 77  2077 2077 HOH HOH A . 
E 3 HOH 78  2078 2078 HOH HOH A . 
E 3 HOH 79  2079 2079 HOH HOH A . 
E 3 HOH 80  2080 2080 HOH HOH A . 
E 3 HOH 81  2081 2081 HOH HOH A . 
E 3 HOH 82  2082 2082 HOH HOH A . 
E 3 HOH 83  2083 2083 HOH HOH A . 
E 3 HOH 84  2084 2084 HOH HOH A . 
E 3 HOH 85  2085 2085 HOH HOH A . 
E 3 HOH 86  2086 2086 HOH HOH A . 
E 3 HOH 87  2087 2087 HOH HOH A . 
E 3 HOH 88  2088 2088 HOH HOH A . 
E 3 HOH 89  2089 2089 HOH HOH A . 
E 3 HOH 90  2090 2090 HOH HOH A . 
E 3 HOH 91  2091 2091 HOH HOH A . 
E 3 HOH 92  2092 2092 HOH HOH A . 
E 3 HOH 93  2093 2093 HOH HOH A . 
E 3 HOH 94  2094 2094 HOH HOH A . 
E 3 HOH 95  2095 2095 HOH HOH A . 
E 3 HOH 96  2096 2096 HOH HOH A . 
E 3 HOH 97  2097 2097 HOH HOH A . 
E 3 HOH 98  2098 2098 HOH HOH A . 
E 3 HOH 99  2099 2099 HOH HOH A . 
E 3 HOH 100 2100 2100 HOH HOH A . 
E 3 HOH 101 2101 2101 HOH HOH A . 
E 3 HOH 102 2102 2102 HOH HOH A . 
E 3 HOH 103 2103 2103 HOH HOH A . 
E 3 HOH 104 2104 2104 HOH HOH A . 
E 3 HOH 105 2105 2105 HOH HOH A . 
E 3 HOH 106 2106 2106 HOH HOH A . 
E 3 HOH 107 2107 2107 HOH HOH A . 
E 3 HOH 108 2108 2108 HOH HOH A . 
E 3 HOH 109 2109 2109 HOH HOH A . 
E 3 HOH 110 2110 2110 HOH HOH A . 
E 3 HOH 111 2111 2111 HOH HOH A . 
E 3 HOH 112 2112 2112 HOH HOH A . 
E 3 HOH 113 2113 2113 HOH HOH A . 
E 3 HOH 114 2114 2114 HOH HOH A . 
E 3 HOH 115 2115 2115 HOH HOH A . 
E 3 HOH 116 2116 2116 HOH HOH A . 
E 3 HOH 117 2117 2117 HOH HOH A . 
E 3 HOH 118 2118 2118 HOH HOH A . 
E 3 HOH 119 2119 2119 HOH HOH A . 
E 3 HOH 120 2120 2120 HOH HOH A . 
E 3 HOH 121 2121 2121 HOH HOH A . 
E 3 HOH 122 2122 2122 HOH HOH A . 
E 3 HOH 123 2123 2123 HOH HOH A . 
E 3 HOH 124 2124 2124 HOH HOH A . 
E 3 HOH 125 2125 2125 HOH HOH A . 
E 3 HOH 126 2126 2126 HOH HOH A . 
E 3 HOH 127 2127 2127 HOH HOH A . 
E 3 HOH 128 2128 2128 HOH HOH A . 
E 3 HOH 129 2129 2129 HOH HOH A . 
E 3 HOH 130 2130 2130 HOH HOH A . 
E 3 HOH 131 2131 2131 HOH HOH A . 
E 3 HOH 132 2132 2132 HOH HOH A . 
E 3 HOH 133 2133 2133 HOH HOH A . 
E 3 HOH 134 2134 2134 HOH HOH A . 
E 3 HOH 135 2135 2135 HOH HOH A . 
E 3 HOH 136 2136 2136 HOH HOH A . 
E 3 HOH 137 2137 2137 HOH HOH A . 
E 3 HOH 138 2138 2138 HOH HOH A . 
E 3 HOH 139 2139 2139 HOH HOH A . 
E 3 HOH 140 2140 2140 HOH HOH A . 
E 3 HOH 141 2141 2141 HOH HOH A . 
E 3 HOH 142 2142 2142 HOH HOH A . 
E 3 HOH 143 2143 2143 HOH HOH A . 
E 3 HOH 144 2144 2144 HOH HOH A . 
E 3 HOH 145 2145 2145 HOH HOH A . 
E 3 HOH 146 2146 2146 HOH HOH A . 
E 3 HOH 147 2147 2147 HOH HOH A . 
E 3 HOH 148 2148 2148 HOH HOH A . 
E 3 HOH 149 2149 2149 HOH HOH A . 
E 3 HOH 150 2150 2150 HOH HOH A . 
E 3 HOH 151 2151 2151 HOH HOH A . 
E 3 HOH 152 2152 2152 HOH HOH A . 
E 3 HOH 153 2153 2153 HOH HOH A . 
E 3 HOH 154 2154 2154 HOH HOH A . 
E 3 HOH 155 2155 2155 HOH HOH A . 
E 3 HOH 156 2156 2156 HOH HOH A . 
E 3 HOH 157 2157 2157 HOH HOH A . 
E 3 HOH 158 2158 2158 HOH HOH A . 
E 3 HOH 159 2159 2159 HOH HOH A . 
E 3 HOH 160 2160 2160 HOH HOH A . 
E 3 HOH 161 2161 2161 HOH HOH A . 
E 3 HOH 162 2162 2162 HOH HOH A . 
E 3 HOH 163 2163 2163 HOH HOH A . 
E 3 HOH 164 2164 2164 HOH HOH A . 
E 3 HOH 165 2165 2165 HOH HOH A . 
E 3 HOH 166 2166 2166 HOH HOH A . 
E 3 HOH 167 2167 2167 HOH HOH A . 
E 3 HOH 168 2168 2168 HOH HOH A . 
E 3 HOH 169 2169 2169 HOH HOH A . 
E 3 HOH 170 2170 2170 HOH HOH A . 
E 3 HOH 171 2171 2171 HOH HOH A . 
E 3 HOH 172 2172 2172 HOH HOH A . 
E 3 HOH 173 2173 2173 HOH HOH A . 
E 3 HOH 174 2174 2174 HOH HOH A . 
E 3 HOH 175 2175 2175 HOH HOH A . 
E 3 HOH 176 2176 2176 HOH HOH A . 
E 3 HOH 177 2177 2177 HOH HOH A . 
# 
_pdbx_struct_assembly.id                   1 
_pdbx_struct_assembly.details              author_and_software_defined_assembly 
_pdbx_struct_assembly.method_details       PISA 
_pdbx_struct_assembly.oligomeric_details   trimeric 
_pdbx_struct_assembly.oligomeric_count     3 
# 
_pdbx_struct_assembly_gen.assembly_id       1 
_pdbx_struct_assembly_gen.oper_expression   1,2,3 
_pdbx_struct_assembly_gen.asym_id_list      A,B,C,D,E 
# 
loop_
_pdbx_struct_assembly_prop.biol_id 
_pdbx_struct_assembly_prop.type 
_pdbx_struct_assembly_prop.value 
_pdbx_struct_assembly_prop.details 
1 'ABSA (A^2)' 6870  ? 
1 MORE         -69.7 ? 
1 'SSA (A^2)'  13420 ? 
# 
loop_
_pdbx_struct_oper_list.id 
_pdbx_struct_oper_list.type 
_pdbx_struct_oper_list.name 
_pdbx_struct_oper_list.symmetry_operation 
_pdbx_struct_oper_list.matrix[1][1] 
_pdbx_struct_oper_list.matrix[1][2] 
_pdbx_struct_oper_list.matrix[1][3] 
_pdbx_struct_oper_list.vector[1] 
_pdbx_struct_oper_list.matrix[2][1] 
_pdbx_struct_oper_list.matrix[2][2] 
_pdbx_struct_oper_list.matrix[2][3] 
_pdbx_struct_oper_list.vector[2] 
_pdbx_struct_oper_list.matrix[3][1] 
_pdbx_struct_oper_list.matrix[3][2] 
_pdbx_struct_oper_list.matrix[3][3] 
_pdbx_struct_oper_list.vector[3] 
1 'identity operation'         1_555 x,y,z 1.0000000000 0.0000000000 0.0000000000  0.0000000000  0.0000000000 1.0000000000 0.0000000000  0.0000000000  0.0000000000  0.0000000000  1.0000000000  0.0000000000  
2 'crystal symmetry operation' 9_555 y,z,x 0.3789502716 0.6213942007 0.6857593885  -9.7837532408 0.8301222911 0.0992660206 -0.5486740735 9.2445919724  -0.4090154930 0.7771843439  -0.4782162921 13.6595151248 
3 'crystal symmetry operation' 5_555 z,x,y 0.3789502716 0.8301222911 -0.4090154930 1.6203673914  0.6213942007 0.0992660206 0.7771843439  -5.4540676323 0.6857593885  -0.5486740735 -0.4782162921 18.3137712510 
# 
loop_
_pdbx_struct_special_symmetry.id 
_pdbx_struct_special_symmetry.PDB_model_num 
_pdbx_struct_special_symmetry.auth_asym_id 
_pdbx_struct_special_symmetry.auth_comp_id 
_pdbx_struct_special_symmetry.auth_seq_id 
_pdbx_struct_special_symmetry.PDB_ins_code 
_pdbx_struct_special_symmetry.label_asym_id 
_pdbx_struct_special_symmetry.label_comp_id 
_pdbx_struct_special_symmetry.label_seq_id 
1 1 A PO4 1111 ? B PO4 . 
2 1 A PO4 1111 ? B PO4 . 
3 1 A PO4 1112 ? C PO4 . 
4 1 A PO4 1112 ? C PO4 . 
5 1 A HOH 2098 ? E HOH . 
6 1 A HOH 2100 ? E HOH . 
7 1 A HOH 2175 ? E HOH . 
# 
loop_
_pdbx_audit_revision_history.ordinal 
_pdbx_audit_revision_history.data_content_type 
_pdbx_audit_revision_history.major_revision 
_pdbx_audit_revision_history.minor_revision 
_pdbx_audit_revision_history.revision_date 
1 'Structure model' 1 0 2014-05-28 
2 'Structure model' 1 1 2014-06-04 
3 'Structure model' 1 2 2014-07-30 
4 'Structure model' 1 3 2019-01-30 
5 'Structure model' 1 4 2019-02-06 
6 'Structure model' 1 5 2023-12-20 
# 
_pdbx_audit_revision_details.ordinal             1 
_pdbx_audit_revision_details.revision_ordinal    1 
_pdbx_audit_revision_details.data_content_type   'Structure model' 
_pdbx_audit_revision_details.provider            repository 
_pdbx_audit_revision_details.type                'Initial release' 
_pdbx_audit_revision_details.description         ? 
_pdbx_audit_revision_details.details             ? 
# 
loop_
_pdbx_audit_revision_group.ordinal 
_pdbx_audit_revision_group.revision_ordinal 
_pdbx_audit_revision_group.data_content_type 
_pdbx_audit_revision_group.group 
1  2 'Structure model' 'Database references'      
2  3 'Structure model' 'Database references'      
3  4 'Structure model' 'Data collection'          
4  4 'Structure model' 'Derived calculations'     
5  4 'Structure model' 'Experimental preparation' 
6  5 'Structure model' 'Data collection'          
7  5 'Structure model' 'Experimental preparation' 
8  6 'Structure model' 'Data collection'          
9  6 'Structure model' 'Database references'      
10 6 'Structure model' 'Derived calculations'     
11 6 'Structure model' Other                      
12 6 'Structure model' 'Refinement description'   
# 
loop_
_pdbx_audit_revision_category.ordinal 
_pdbx_audit_revision_category.revision_ordinal 
_pdbx_audit_revision_category.data_content_type 
_pdbx_audit_revision_category.category 
1 4 'Structure model' exptl_crystal_grow            
2 4 'Structure model' pdbx_struct_special_symmetry  
3 5 'Structure model' exptl_crystal_grow            
4 6 'Structure model' chem_comp_atom                
5 6 'Structure model' chem_comp_bond                
6 6 'Structure model' database_2                    
7 6 'Structure model' pdbx_database_status          
8 6 'Structure model' pdbx_initial_refinement_model 
9 6 'Structure model' struct_site                   
# 
loop_
_pdbx_audit_revision_item.ordinal 
_pdbx_audit_revision_item.revision_ordinal 
_pdbx_audit_revision_item.data_content_type 
_pdbx_audit_revision_item.item 
1 4 'Structure model' '_exptl_crystal_grow.method'           
2 5 'Structure model' '_exptl_crystal_grow.temp'             
3 6 'Structure model' '_database_2.pdbx_DOI'                 
4 6 'Structure model' '_database_2.pdbx_database_accession'  
5 6 'Structure model' '_pdbx_database_status.status_code_sf' 
6 6 'Structure model' '_struct_site.pdbx_auth_asym_id'       
7 6 'Structure model' '_struct_site.pdbx_auth_comp_id'       
8 6 'Structure model' '_struct_site.pdbx_auth_seq_id'        
# 
loop_
_software.name 
_software.classification 
_software.version 
_software.citation_id 
_software.pdbx_ordinal 
_software.date 
_software.type 
_software.location 
_software.language 
PHENIX refinement       '(PHENIX.REFINE)' ? 1 ? ? ? ? 
XDS    'data reduction' .                 ? 2 ? ? ? ? 
XSCALE 'data scaling'   .                 ? 3 ? ? ? ? 
PHASER phasing          .                 ? 4 ? ? ? ? 
# 
loop_
_pdbx_validate_close_contact.id 
_pdbx_validate_close_contact.PDB_model_num 
_pdbx_validate_close_contact.auth_atom_id_1 
_pdbx_validate_close_contact.auth_asym_id_1 
_pdbx_validate_close_contact.auth_comp_id_1 
_pdbx_validate_close_contact.auth_seq_id_1 
_pdbx_validate_close_contact.PDB_ins_code_1 
_pdbx_validate_close_contact.label_alt_id_1 
_pdbx_validate_close_contact.auth_atom_id_2 
_pdbx_validate_close_contact.auth_asym_id_2 
_pdbx_validate_close_contact.auth_comp_id_2 
_pdbx_validate_close_contact.auth_seq_id_2 
_pdbx_validate_close_contact.PDB_ins_code_2 
_pdbx_validate_close_contact.label_alt_id_2 
_pdbx_validate_close_contact.dist 
1 1 OD2 A ASP 68   ? ? O A HOH 2121 ? ? 2.07 
2 1 O   A HOH 2084 ? ? O A HOH 2103 ? ? 2.16 
3 1 O   A HOH 2039 ? ? O A HOH 2102 ? ? 2.18 
# 
loop_
_pdbx_distant_solvent_atoms.id 
_pdbx_distant_solvent_atoms.PDB_model_num 
_pdbx_distant_solvent_atoms.auth_atom_id 
_pdbx_distant_solvent_atoms.label_alt_id 
_pdbx_distant_solvent_atoms.auth_asym_id 
_pdbx_distant_solvent_atoms.auth_comp_id 
_pdbx_distant_solvent_atoms.auth_seq_id 
_pdbx_distant_solvent_atoms.PDB_ins_code 
_pdbx_distant_solvent_atoms.neighbor_macromolecule_distance 
_pdbx_distant_solvent_atoms.neighbor_ligand_distance 
1 1 O ? A HOH 2067 ? 6.19 . 
2 1 O ? A HOH 2068 ? 6.51 . 
# 
loop_
_pdbx_unobs_or_zero_occ_atoms.id 
_pdbx_unobs_or_zero_occ_atoms.PDB_model_num 
_pdbx_unobs_or_zero_occ_atoms.polymer_flag 
_pdbx_unobs_or_zero_occ_atoms.occupancy_flag 
_pdbx_unobs_or_zero_occ_atoms.auth_asym_id 
_pdbx_unobs_or_zero_occ_atoms.auth_comp_id 
_pdbx_unobs_or_zero_occ_atoms.auth_seq_id 
_pdbx_unobs_or_zero_occ_atoms.PDB_ins_code 
_pdbx_unobs_or_zero_occ_atoms.auth_atom_id 
_pdbx_unobs_or_zero_occ_atoms.label_alt_id 
_pdbx_unobs_or_zero_occ_atoms.label_asym_id 
_pdbx_unobs_or_zero_occ_atoms.label_comp_id 
_pdbx_unobs_or_zero_occ_atoms.label_seq_id 
_pdbx_unobs_or_zero_occ_atoms.label_atom_id 
1 1 Y 1 A GLN 26 ? CD  ? A GLN 26 CD  
2 1 Y 1 A GLN 26 ? OE1 ? A GLN 26 OE1 
3 1 Y 1 A GLN 26 ? NE2 ? A GLN 26 NE2 
4 1 Y 1 A GLU 32 ? CD  ? A GLU 32 CD  
5 1 Y 1 A GLU 32 ? OE1 ? A GLU 32 OE1 
6 1 Y 1 A GLU 32 ? OE2 ? A GLU 32 OE2 
# 
loop_
_pdbx_unobs_or_zero_occ_residues.id 
_pdbx_unobs_or_zero_occ_residues.PDB_model_num 
_pdbx_unobs_or_zero_occ_residues.polymer_flag 
_pdbx_unobs_or_zero_occ_residues.occupancy_flag 
_pdbx_unobs_or_zero_occ_residues.auth_asym_id 
_pdbx_unobs_or_zero_occ_residues.auth_comp_id 
_pdbx_unobs_or_zero_occ_residues.auth_seq_id 
_pdbx_unobs_or_zero_occ_residues.PDB_ins_code 
_pdbx_unobs_or_zero_occ_residues.label_asym_id 
_pdbx_unobs_or_zero_occ_residues.label_comp_id 
_pdbx_unobs_or_zero_occ_residues.label_seq_id 
1  1 Y 1 A ARG 38  ? A ARG 38  
2  1 Y 1 A GLN 39  ? A GLN 39  
3  1 Y 1 A LYS 40  ? A LYS 40  
4  1 Y 1 A GLY 41  ? A GLY 41  
5  1 Y 1 A GLN 42  ? A GLN 42  
6  1 Y 1 A THR 43  ? A THR 43  
7  1 Y 1 A GLU 44  ? A GLU 44  
8  1 Y 1 A ILE 45  ? A ILE 45  
9  1 Y 1 A TYR 46  ? A TYR 46  
10 1 Y 1 A ARG 47  ? A ARG 47  
11 1 Y 1 A GLY 48  ? A GLY 48  
12 1 Y 1 A ALA 49  ? A ALA 49  
13 1 Y 1 A GLU 50  ? A GLU 50  
14 1 Y 1 A TYR 51  ? A TYR 51  
15 1 Y 1 A SER 52  ? A SER 52  
16 1 Y 1 A VAL 53  ? A VAL 53  
17 1 Y 1 A ALA 111 ? A ALA 111 
18 1 Y 1 A LEU 112 ? A LEU 112 
# 
loop_
_chem_comp_atom.comp_id 
_chem_comp_atom.atom_id 
_chem_comp_atom.type_symbol 
_chem_comp_atom.pdbx_aromatic_flag 
_chem_comp_atom.pdbx_stereo_config 
_chem_comp_atom.pdbx_ordinal 
ALA N    N N N 1   
ALA CA   C N S 2   
ALA C    C N N 3   
ALA O    O N N 4   
ALA CB   C N N 5   
ALA OXT  O N N 6   
ALA H    H N N 7   
ALA H2   H N N 8   
ALA HA   H N N 9   
ALA HB1  H N N 10  
ALA HB2  H N N 11  
ALA HB3  H N N 12  
ALA HXT  H N N 13  
ARG N    N N N 14  
ARG CA   C N S 15  
ARG C    C N N 16  
ARG O    O N N 17  
ARG CB   C N N 18  
ARG CG   C N N 19  
ARG CD   C N N 20  
ARG NE   N N N 21  
ARG CZ   C N N 22  
ARG NH1  N N N 23  
ARG NH2  N N N 24  
ARG OXT  O N N 25  
ARG H    H N N 26  
ARG H2   H N N 27  
ARG HA   H N N 28  
ARG HB2  H N N 29  
ARG HB3  H N N 30  
ARG HG2  H N N 31  
ARG HG3  H N N 32  
ARG HD2  H N N 33  
ARG HD3  H N N 34  
ARG HE   H N N 35  
ARG HH11 H N N 36  
ARG HH12 H N N 37  
ARG HH21 H N N 38  
ARG HH22 H N N 39  
ARG HXT  H N N 40  
ASN N    N N N 41  
ASN CA   C N S 42  
ASN C    C N N 43  
ASN O    O N N 44  
ASN CB   C N N 45  
ASN CG   C N N 46  
ASN OD1  O N N 47  
ASN ND2  N N N 48  
ASN OXT  O N N 49  
ASN H    H N N 50  
ASN H2   H N N 51  
ASN HA   H N N 52  
ASN HB2  H N N 53  
ASN HB3  H N N 54  
ASN HD21 H N N 55  
ASN HD22 H N N 56  
ASN HXT  H N N 57  
ASP N    N N N 58  
ASP CA   C N S 59  
ASP C    C N N 60  
ASP O    O N N 61  
ASP CB   C N N 62  
ASP CG   C N N 63  
ASP OD1  O N N 64  
ASP OD2  O N N 65  
ASP OXT  O N N 66  
ASP H    H N N 67  
ASP H2   H N N 68  
ASP HA   H N N 69  
ASP HB2  H N N 70  
ASP HB3  H N N 71  
ASP HD2  H N N 72  
ASP HXT  H N N 73  
GLN N    N N N 74  
GLN CA   C N S 75  
GLN C    C N N 76  
GLN O    O N N 77  
GLN CB   C N N 78  
GLN CG   C N N 79  
GLN CD   C N N 80  
GLN OE1  O N N 81  
GLN NE2  N N N 82  
GLN OXT  O N N 83  
GLN H    H N N 84  
GLN H2   H N N 85  
GLN HA   H N N 86  
GLN HB2  H N N 87  
GLN HB3  H N N 88  
GLN HG2  H N N 89  
GLN HG3  H N N 90  
GLN HE21 H N N 91  
GLN HE22 H N N 92  
GLN HXT  H N N 93  
GLU N    N N N 94  
GLU CA   C N S 95  
GLU C    C N N 96  
GLU O    O N N 97  
GLU CB   C N N 98  
GLU CG   C N N 99  
GLU CD   C N N 100 
GLU OE1  O N N 101 
GLU OE2  O N N 102 
GLU OXT  O N N 103 
GLU H    H N N 104 
GLU H2   H N N 105 
GLU HA   H N N 106 
GLU HB2  H N N 107 
GLU HB3  H N N 108 
GLU HG2  H N N 109 
GLU HG3  H N N 110 
GLU HE2  H N N 111 
GLU HXT  H N N 112 
GLY N    N N N 113 
GLY CA   C N N 114 
GLY C    C N N 115 
GLY O    O N N 116 
GLY OXT  O N N 117 
GLY H    H N N 118 
GLY H2   H N N 119 
GLY HA2  H N N 120 
GLY HA3  H N N 121 
GLY HXT  H N N 122 
HOH O    O N N 123 
HOH H1   H N N 124 
HOH H2   H N N 125 
ILE N    N N N 126 
ILE CA   C N S 127 
ILE C    C N N 128 
ILE O    O N N 129 
ILE CB   C N S 130 
ILE CG1  C N N 131 
ILE CG2  C N N 132 
ILE CD1  C N N 133 
ILE OXT  O N N 134 
ILE H    H N N 135 
ILE H2   H N N 136 
ILE HA   H N N 137 
ILE HB   H N N 138 
ILE HG12 H N N 139 
ILE HG13 H N N 140 
ILE HG21 H N N 141 
ILE HG22 H N N 142 
ILE HG23 H N N 143 
ILE HD11 H N N 144 
ILE HD12 H N N 145 
ILE HD13 H N N 146 
ILE HXT  H N N 147 
LEU N    N N N 148 
LEU CA   C N S 149 
LEU C    C N N 150 
LEU O    O N N 151 
LEU CB   C N N 152 
LEU CG   C N N 153 
LEU CD1  C N N 154 
LEU CD2  C N N 155 
LEU OXT  O N N 156 
LEU H    H N N 157 
LEU H2   H N N 158 
LEU HA   H N N 159 
LEU HB2  H N N 160 
LEU HB3  H N N 161 
LEU HG   H N N 162 
LEU HD11 H N N 163 
LEU HD12 H N N 164 
LEU HD13 H N N 165 
LEU HD21 H N N 166 
LEU HD22 H N N 167 
LEU HD23 H N N 168 
LEU HXT  H N N 169 
LYS N    N N N 170 
LYS CA   C N S 171 
LYS C    C N N 172 
LYS O    O N N 173 
LYS CB   C N N 174 
LYS CG   C N N 175 
LYS CD   C N N 176 
LYS CE   C N N 177 
LYS NZ   N N N 178 
LYS OXT  O N N 179 
LYS H    H N N 180 
LYS H2   H N N 181 
LYS HA   H N N 182 
LYS HB2  H N N 183 
LYS HB3  H N N 184 
LYS HG2  H N N 185 
LYS HG3  H N N 186 
LYS HD2  H N N 187 
LYS HD3  H N N 188 
LYS HE2  H N N 189 
LYS HE3  H N N 190 
LYS HZ1  H N N 191 
LYS HZ2  H N N 192 
LYS HZ3  H N N 193 
LYS HXT  H N N 194 
MET N    N N N 195 
MET CA   C N S 196 
MET C    C N N 197 
MET O    O N N 198 
MET CB   C N N 199 
MET CG   C N N 200 
MET SD   S N N 201 
MET CE   C N N 202 
MET OXT  O N N 203 
MET H    H N N 204 
MET H2   H N N 205 
MET HA   H N N 206 
MET HB2  H N N 207 
MET HB3  H N N 208 
MET HG2  H N N 209 
MET HG3  H N N 210 
MET HE1  H N N 211 
MET HE2  H N N 212 
MET HE3  H N N 213 
MET HXT  H N N 214 
PHE N    N N N 215 
PHE CA   C N S 216 
PHE C    C N N 217 
PHE O    O N N 218 
PHE CB   C N N 219 
PHE CG   C Y N 220 
PHE CD1  C Y N 221 
PHE CD2  C Y N 222 
PHE CE1  C Y N 223 
PHE CE2  C Y N 224 
PHE CZ   C Y N 225 
PHE OXT  O N N 226 
PHE H    H N N 227 
PHE H2   H N N 228 
PHE HA   H N N 229 
PHE HB2  H N N 230 
PHE HB3  H N N 231 
PHE HD1  H N N 232 
PHE HD2  H N N 233 
PHE HE1  H N N 234 
PHE HE2  H N N 235 
PHE HZ   H N N 236 
PHE HXT  H N N 237 
PO4 P    P N N 238 
PO4 O1   O N N 239 
PO4 O2   O N N 240 
PO4 O3   O N N 241 
PO4 O4   O N N 242 
PRO N    N N N 243 
PRO CA   C N S 244 
PRO C    C N N 245 
PRO O    O N N 246 
PRO CB   C N N 247 
PRO CG   C N N 248 
PRO CD   C N N 249 
PRO OXT  O N N 250 
PRO H    H N N 251 
PRO HA   H N N 252 
PRO HB2  H N N 253 
PRO HB3  H N N 254 
PRO HG2  H N N 255 
PRO HG3  H N N 256 
PRO HD2  H N N 257 
PRO HD3  H N N 258 
PRO HXT  H N N 259 
SER N    N N N 260 
SER CA   C N S 261 
SER C    C N N 262 
SER O    O N N 263 
SER CB   C N N 264 
SER OG   O N N 265 
SER OXT  O N N 266 
SER H    H N N 267 
SER H2   H N N 268 
SER HA   H N N 269 
SER HB2  H N N 270 
SER HB3  H N N 271 
SER HG   H N N 272 
SER HXT  H N N 273 
THR N    N N N 274 
THR CA   C N S 275 
THR C    C N N 276 
THR O    O N N 277 
THR CB   C N R 278 
THR OG1  O N N 279 
THR CG2  C N N 280 
THR OXT  O N N 281 
THR H    H N N 282 
THR H2   H N N 283 
THR HA   H N N 284 
THR HB   H N N 285 
THR HG1  H N N 286 
THR HG21 H N N 287 
THR HG22 H N N 288 
THR HG23 H N N 289 
THR HXT  H N N 290 
TYR N    N N N 291 
TYR CA   C N S 292 
TYR C    C N N 293 
TYR O    O N N 294 
TYR CB   C N N 295 
TYR CG   C Y N 296 
TYR CD1  C Y N 297 
TYR CD2  C Y N 298 
TYR CE1  C Y N 299 
TYR CE2  C Y N 300 
TYR CZ   C Y N 301 
TYR OH   O N N 302 
TYR OXT  O N N 303 
TYR H    H N N 304 
TYR H2   H N N 305 
TYR HA   H N N 306 
TYR HB2  H N N 307 
TYR HB3  H N N 308 
TYR HD1  H N N 309 
TYR HD2  H N N 310 
TYR HE1  H N N 311 
TYR HE2  H N N 312 
TYR HH   H N N 313 
TYR HXT  H N N 314 
VAL N    N N N 315 
VAL CA   C N S 316 
VAL C    C N N 317 
VAL O    O N N 318 
VAL CB   C N N 319 
VAL CG1  C N N 320 
VAL CG2  C N N 321 
VAL OXT  O N N 322 
VAL H    H N N 323 
VAL H2   H N N 324 
VAL HA   H N N 325 
VAL HB   H N N 326 
VAL HG11 H N N 327 
VAL HG12 H N N 328 
VAL HG13 H N N 329 
VAL HG21 H N N 330 
VAL HG22 H N N 331 
VAL HG23 H N N 332 
VAL HXT  H N N 333 
# 
loop_
_chem_comp_bond.comp_id 
_chem_comp_bond.atom_id_1 
_chem_comp_bond.atom_id_2 
_chem_comp_bond.value_order 
_chem_comp_bond.pdbx_aromatic_flag 
_chem_comp_bond.pdbx_stereo_config 
_chem_comp_bond.pdbx_ordinal 
ALA N   CA   sing N N 1   
ALA N   H    sing N N 2   
ALA N   H2   sing N N 3   
ALA CA  C    sing N N 4   
ALA CA  CB   sing N N 5   
ALA CA  HA   sing N N 6   
ALA C   O    doub N N 7   
ALA C   OXT  sing N N 8   
ALA CB  HB1  sing N N 9   
ALA CB  HB2  sing N N 10  
ALA CB  HB3  sing N N 11  
ALA OXT HXT  sing N N 12  
ARG N   CA   sing N N 13  
ARG N   H    sing N N 14  
ARG N   H2   sing N N 15  
ARG CA  C    sing N N 16  
ARG CA  CB   sing N N 17  
ARG CA  HA   sing N N 18  
ARG C   O    doub N N 19  
ARG C   OXT  sing N N 20  
ARG CB  CG   sing N N 21  
ARG CB  HB2  sing N N 22  
ARG CB  HB3  sing N N 23  
ARG CG  CD   sing N N 24  
ARG CG  HG2  sing N N 25  
ARG CG  HG3  sing N N 26  
ARG CD  NE   sing N N 27  
ARG CD  HD2  sing N N 28  
ARG CD  HD3  sing N N 29  
ARG NE  CZ   sing N N 30  
ARG NE  HE   sing N N 31  
ARG CZ  NH1  sing N N 32  
ARG CZ  NH2  doub N N 33  
ARG NH1 HH11 sing N N 34  
ARG NH1 HH12 sing N N 35  
ARG NH2 HH21 sing N N 36  
ARG NH2 HH22 sing N N 37  
ARG OXT HXT  sing N N 38  
ASN N   CA   sing N N 39  
ASN N   H    sing N N 40  
ASN N   H2   sing N N 41  
ASN CA  C    sing N N 42  
ASN CA  CB   sing N N 43  
ASN CA  HA   sing N N 44  
ASN C   O    doub N N 45  
ASN C   OXT  sing N N 46  
ASN CB  CG   sing N N 47  
ASN CB  HB2  sing N N 48  
ASN CB  HB3  sing N N 49  
ASN CG  OD1  doub N N 50  
ASN CG  ND2  sing N N 51  
ASN ND2 HD21 sing N N 52  
ASN ND2 HD22 sing N N 53  
ASN OXT HXT  sing N N 54  
ASP N   CA   sing N N 55  
ASP N   H    sing N N 56  
ASP N   H2   sing N N 57  
ASP CA  C    sing N N 58  
ASP CA  CB   sing N N 59  
ASP CA  HA   sing N N 60  
ASP C   O    doub N N 61  
ASP C   OXT  sing N N 62  
ASP CB  CG   sing N N 63  
ASP CB  HB2  sing N N 64  
ASP CB  HB3  sing N N 65  
ASP CG  OD1  doub N N 66  
ASP CG  OD2  sing N N 67  
ASP OD2 HD2  sing N N 68  
ASP OXT HXT  sing N N 69  
GLN N   CA   sing N N 70  
GLN N   H    sing N N 71  
GLN N   H2   sing N N 72  
GLN CA  C    sing N N 73  
GLN CA  CB   sing N N 74  
GLN CA  HA   sing N N 75  
GLN C   O    doub N N 76  
GLN C   OXT  sing N N 77  
GLN CB  CG   sing N N 78  
GLN CB  HB2  sing N N 79  
GLN CB  HB3  sing N N 80  
GLN CG  CD   sing N N 81  
GLN CG  HG2  sing N N 82  
GLN CG  HG3  sing N N 83  
GLN CD  OE1  doub N N 84  
GLN CD  NE2  sing N N 85  
GLN NE2 HE21 sing N N 86  
GLN NE2 HE22 sing N N 87  
GLN OXT HXT  sing N N 88  
GLU N   CA   sing N N 89  
GLU N   H    sing N N 90  
GLU N   H2   sing N N 91  
GLU CA  C    sing N N 92  
GLU CA  CB   sing N N 93  
GLU CA  HA   sing N N 94  
GLU C   O    doub N N 95  
GLU C   OXT  sing N N 96  
GLU CB  CG   sing N N 97  
GLU CB  HB2  sing N N 98  
GLU CB  HB3  sing N N 99  
GLU CG  CD   sing N N 100 
GLU CG  HG2  sing N N 101 
GLU CG  HG3  sing N N 102 
GLU CD  OE1  doub N N 103 
GLU CD  OE2  sing N N 104 
GLU OE2 HE2  sing N N 105 
GLU OXT HXT  sing N N 106 
GLY N   CA   sing N N 107 
GLY N   H    sing N N 108 
GLY N   H2   sing N N 109 
GLY CA  C    sing N N 110 
GLY CA  HA2  sing N N 111 
GLY CA  HA3  sing N N 112 
GLY C   O    doub N N 113 
GLY C   OXT  sing N N 114 
GLY OXT HXT  sing N N 115 
HOH O   H1   sing N N 116 
HOH O   H2   sing N N 117 
ILE N   CA   sing N N 118 
ILE N   H    sing N N 119 
ILE N   H2   sing N N 120 
ILE CA  C    sing N N 121 
ILE CA  CB   sing N N 122 
ILE CA  HA   sing N N 123 
ILE C   O    doub N N 124 
ILE C   OXT  sing N N 125 
ILE CB  CG1  sing N N 126 
ILE CB  CG2  sing N N 127 
ILE CB  HB   sing N N 128 
ILE CG1 CD1  sing N N 129 
ILE CG1 HG12 sing N N 130 
ILE CG1 HG13 sing N N 131 
ILE CG2 HG21 sing N N 132 
ILE CG2 HG22 sing N N 133 
ILE CG2 HG23 sing N N 134 
ILE CD1 HD11 sing N N 135 
ILE CD1 HD12 sing N N 136 
ILE CD1 HD13 sing N N 137 
ILE OXT HXT  sing N N 138 
LEU N   CA   sing N N 139 
LEU N   H    sing N N 140 
LEU N   H2   sing N N 141 
LEU CA  C    sing N N 142 
LEU CA  CB   sing N N 143 
LEU CA  HA   sing N N 144 
LEU C   O    doub N N 145 
LEU C   OXT  sing N N 146 
LEU CB  CG   sing N N 147 
LEU CB  HB2  sing N N 148 
LEU CB  HB3  sing N N 149 
LEU CG  CD1  sing N N 150 
LEU CG  CD2  sing N N 151 
LEU CG  HG   sing N N 152 
LEU CD1 HD11 sing N N 153 
LEU CD1 HD12 sing N N 154 
LEU CD1 HD13 sing N N 155 
LEU CD2 HD21 sing N N 156 
LEU CD2 HD22 sing N N 157 
LEU CD2 HD23 sing N N 158 
LEU OXT HXT  sing N N 159 
LYS N   CA   sing N N 160 
LYS N   H    sing N N 161 
LYS N   H2   sing N N 162 
LYS CA  C    sing N N 163 
LYS CA  CB   sing N N 164 
LYS CA  HA   sing N N 165 
LYS C   O    doub N N 166 
LYS C   OXT  sing N N 167 
LYS CB  CG   sing N N 168 
LYS CB  HB2  sing N N 169 
LYS CB  HB3  sing N N 170 
LYS CG  CD   sing N N 171 
LYS CG  HG2  sing N N 172 
LYS CG  HG3  sing N N 173 
LYS CD  CE   sing N N 174 
LYS CD  HD2  sing N N 175 
LYS CD  HD3  sing N N 176 
LYS CE  NZ   sing N N 177 
LYS CE  HE2  sing N N 178 
LYS CE  HE3  sing N N 179 
LYS NZ  HZ1  sing N N 180 
LYS NZ  HZ2  sing N N 181 
LYS NZ  HZ3  sing N N 182 
LYS OXT HXT  sing N N 183 
MET N   CA   sing N N 184 
MET N   H    sing N N 185 
MET N   H2   sing N N 186 
MET CA  C    sing N N 187 
MET CA  CB   sing N N 188 
MET CA  HA   sing N N 189 
MET C   O    doub N N 190 
MET C   OXT  sing N N 191 
MET CB  CG   sing N N 192 
MET CB  HB2  sing N N 193 
MET CB  HB3  sing N N 194 
MET CG  SD   sing N N 195 
MET CG  HG2  sing N N 196 
MET CG  HG3  sing N N 197 
MET SD  CE   sing N N 198 
MET CE  HE1  sing N N 199 
MET CE  HE2  sing N N 200 
MET CE  HE3  sing N N 201 
MET OXT HXT  sing N N 202 
PHE N   CA   sing N N 203 
PHE N   H    sing N N 204 
PHE N   H2   sing N N 205 
PHE CA  C    sing N N 206 
PHE CA  CB   sing N N 207 
PHE CA  HA   sing N N 208 
PHE C   O    doub N N 209 
PHE C   OXT  sing N N 210 
PHE CB  CG   sing N N 211 
PHE CB  HB2  sing N N 212 
PHE CB  HB3  sing N N 213 
PHE CG  CD1  doub Y N 214 
PHE CG  CD2  sing Y N 215 
PHE CD1 CE1  sing Y N 216 
PHE CD1 HD1  sing N N 217 
PHE CD2 CE2  doub Y N 218 
PHE CD2 HD2  sing N N 219 
PHE CE1 CZ   doub Y N 220 
PHE CE1 HE1  sing N N 221 
PHE CE2 CZ   sing Y N 222 
PHE CE2 HE2  sing N N 223 
PHE CZ  HZ   sing N N 224 
PHE OXT HXT  sing N N 225 
PO4 P   O1   doub N N 226 
PO4 P   O2   sing N N 227 
PO4 P   O3   sing N N 228 
PO4 P   O4   sing N N 229 
PRO N   CA   sing N N 230 
PRO N   CD   sing N N 231 
PRO N   H    sing N N 232 
PRO CA  C    sing N N 233 
PRO CA  CB   sing N N 234 
PRO CA  HA   sing N N 235 
PRO C   O    doub N N 236 
PRO C   OXT  sing N N 237 
PRO CB  CG   sing N N 238 
PRO CB  HB2  sing N N 239 
PRO CB  HB3  sing N N 240 
PRO CG  CD   sing N N 241 
PRO CG  HG2  sing N N 242 
PRO CG  HG3  sing N N 243 
PRO CD  HD2  sing N N 244 
PRO CD  HD3  sing N N 245 
PRO OXT HXT  sing N N 246 
SER N   CA   sing N N 247 
SER N   H    sing N N 248 
SER N   H2   sing N N 249 
SER CA  C    sing N N 250 
SER CA  CB   sing N N 251 
SER CA  HA   sing N N 252 
SER C   O    doub N N 253 
SER C   OXT  sing N N 254 
SER CB  OG   sing N N 255 
SER CB  HB2  sing N N 256 
SER CB  HB3  sing N N 257 
SER OG  HG   sing N N 258 
SER OXT HXT  sing N N 259 
THR N   CA   sing N N 260 
THR N   H    sing N N 261 
THR N   H2   sing N N 262 
THR CA  C    sing N N 263 
THR CA  CB   sing N N 264 
THR CA  HA   sing N N 265 
THR C   O    doub N N 266 
THR C   OXT  sing N N 267 
THR CB  OG1  sing N N 268 
THR CB  CG2  sing N N 269 
THR CB  HB   sing N N 270 
THR OG1 HG1  sing N N 271 
THR CG2 HG21 sing N N 272 
THR CG2 HG22 sing N N 273 
THR CG2 HG23 sing N N 274 
THR OXT HXT  sing N N 275 
TYR N   CA   sing N N 276 
TYR N   H    sing N N 277 
TYR N   H2   sing N N 278 
TYR CA  C    sing N N 279 
TYR CA  CB   sing N N 280 
TYR CA  HA   sing N N 281 
TYR C   O    doub N N 282 
TYR C   OXT  sing N N 283 
TYR CB  CG   sing N N 284 
TYR CB  HB2  sing N N 285 
TYR CB  HB3  sing N N 286 
TYR CG  CD1  doub Y N 287 
TYR CG  CD2  sing Y N 288 
TYR CD1 CE1  sing Y N 289 
TYR CD1 HD1  sing N N 290 
TYR CD2 CE2  doub Y N 291 
TYR CD2 HD2  sing N N 292 
TYR CE1 CZ   doub Y N 293 
TYR CE1 HE1  sing N N 294 
TYR CE2 CZ   sing Y N 295 
TYR CE2 HE2  sing N N 296 
TYR CZ  OH   sing N N 297 
TYR OH  HH   sing N N 298 
TYR OXT HXT  sing N N 299 
VAL N   CA   sing N N 300 
VAL N   H    sing N N 301 
VAL N   H2   sing N N 302 
VAL CA  C    sing N N 303 
VAL CA  CB   sing N N 304 
VAL CA  HA   sing N N 305 
VAL C   O    doub N N 306 
VAL C   OXT  sing N N 307 
VAL CB  CG1  sing N N 308 
VAL CB  CG2  sing N N 309 
VAL CB  HB   sing N N 310 
VAL CG1 HG11 sing N N 311 
VAL CG1 HG12 sing N N 312 
VAL CG1 HG13 sing N N 313 
VAL CG2 HG21 sing N N 314 
VAL CG2 HG22 sing N N 315 
VAL CG2 HG23 sing N N 316 
VAL OXT HXT  sing N N 317 
# 
loop_
_pdbx_entity_nonpoly.entity_id 
_pdbx_entity_nonpoly.name 
_pdbx_entity_nonpoly.comp_id 
2 'PHOSPHATE ION' PO4 
3 water           HOH 
# 
_pdbx_initial_refinement_model.id               1 
_pdbx_initial_refinement_model.entity_id_list   ? 
_pdbx_initial_refinement_model.type             'experimental model' 
_pdbx_initial_refinement_model.source_name      PDB 
_pdbx_initial_refinement_model.accession_code   1GNK 
_pdbx_initial_refinement_model.details          'PDB ENTRY 1GNK' 
# 
